data_4S1D
#
_entry.id   4S1D
#
_cell.length_a   89.094
_cell.length_b   119.620
_cell.length_c   96.181
_cell.angle_alpha   90.00
_cell.angle_beta   117.15
_cell.angle_gamma   90.00
#
_symmetry.space_group_name_H-M   'P 1 21 1'
#
loop_
_entity.id
_entity.type
_entity.pdbx_description
1 polymer 'MAB M33 FAB FRAGMENT, heavy chain'
2 polymer 'MAB M33 FAB FRAGMENT, light chain'
3 non-polymer N~6~-{5-[(3aS,4S,6aR)-2-oxohexahydro-1H-thieno[3,4-d]imidazol-4-yl]pentanoyl}-L-lysinamide
4 non-polymer 'SULFATE ION'
5 water water
#
loop_
_entity_poly.entity_id
_entity_poly.type
_entity_poly.pdbx_seq_one_letter_code
_entity_poly.pdbx_strand_id
1 'polypeptide(L)'
;EVQLQQSGAELVKPGASVKLSCTSSGFNNKDTFFQWVKQRPEEGLEWIGRIDPANGFTKYDPKFQGKATITVDTSSNTAY
LQLNSLTSEDTALYYCTRWDTYGAAWFAYWGQGTLVTVSAAKTTPPSVYPLAPGSAAQTNSMVTLGCLVKGYFPEPVTVT
WNSGSLSSGVHTFPAVLQSDLYTLSSSVTVPSSTWPSETVTCNVAHPASSTKVDKKIVPR
;
H,C,E,O
2 'polypeptide(L)'
;DIQMTQSPASLSASVGETVTITCRASGNIHNYLSWFQQKQGKSPQLLVYSAKTLADGVPSRFSGSGSGTQYSLKINSLQP
EDFGTYYCQHFWSSIYTFGGGTKLEIKRADAAPTVSIFPPSSEQLTSGGASVVCFLNNFYPKDINVKWKIDGSERQNGVL
NSWTDQDSKDSTYSMSSTLTLTKDEYERHNSYTCEATHKTSTSPIVKSFNRNEC
;
L,D,F,P
#
loop_
_chem_comp.id
_chem_comp.type
_chem_comp.name
_chem_comp.formula
41M non-polymer N~6~-{5-[(3aS,4S,6aR)-2-oxohexahydro-1H-thieno[3,4-d]imidazol-4-yl]pentanoyl}-L-lysinamide 'C16 H29 N5 O3 S'
SO4 non-polymer 'SULFATE ION' 'O4 S -2'
#
# COMPACT_ATOMS: atom_id res chain seq x y z
N GLU A 1 -35.55 35.39 -11.48
CA GLU A 1 -35.75 33.93 -11.22
C GLU A 1 -34.67 33.09 -11.89
N VAL A 2 -34.42 31.91 -11.33
CA VAL A 2 -33.44 30.98 -11.86
C VAL A 2 -34.16 29.73 -12.37
N GLN A 3 -33.82 29.30 -13.59
CA GLN A 3 -34.55 28.22 -14.26
C GLN A 3 -33.77 27.63 -15.44
N LEU A 4 -34.02 26.35 -15.72
CA LEU A 4 -33.38 25.62 -16.81
C LEU A 4 -34.39 25.26 -17.91
N GLN A 5 -34.11 25.71 -19.13
CA GLN A 5 -35.04 25.58 -20.25
C GLN A 5 -34.53 24.58 -21.29
N GLN A 6 -35.16 23.41 -21.33
CA GLN A 6 -34.78 22.33 -22.25
C GLN A 6 -35.53 22.39 -23.57
N SER A 7 -35.17 21.50 -24.49
CA SER A 7 -35.78 21.41 -25.81
C SER A 7 -36.90 20.37 -25.84
N GLY A 8 -37.62 20.30 -26.96
CA GLY A 8 -38.81 19.45 -27.10
C GLY A 8 -38.50 18.00 -27.40
N ALA A 9 -39.53 17.16 -27.35
CA ALA A 9 -39.37 15.71 -27.54
C ALA A 9 -38.75 15.37 -28.89
N GLU A 10 -38.03 14.26 -28.94
CA GLU A 10 -37.32 13.81 -30.13
C GLU A 10 -37.78 12.41 -30.53
N LEU A 11 -37.89 12.20 -31.84
CA LEU A 11 -38.17 10.90 -32.42
C LEU A 11 -37.10 10.66 -33.49
N VAL A 12 -36.45 9.51 -33.45
CA VAL A 12 -35.32 9.26 -34.34
C VAL A 12 -35.16 7.78 -34.66
N LYS A 13 -34.51 7.52 -35.79
CA LYS A 13 -34.31 6.16 -36.28
C LYS A 13 -33.14 5.53 -35.54
N PRO A 14 -33.14 4.20 -35.38
CA PRO A 14 -31.95 3.52 -34.88
C PRO A 14 -30.72 3.82 -35.72
N GLY A 15 -29.57 3.98 -35.08
CA GLY A 15 -28.32 4.31 -35.77
C GLY A 15 -28.08 5.81 -35.97
N ALA A 16 -29.13 6.62 -35.84
CA ALA A 16 -29.01 8.06 -36.00
C ALA A 16 -28.53 8.71 -34.70
N SER A 17 -28.33 10.02 -34.75
CA SER A 17 -27.86 10.79 -33.62
C SER A 17 -28.73 12.03 -33.39
N VAL A 18 -28.75 12.52 -32.16
CA VAL A 18 -29.62 13.62 -31.77
C VAL A 18 -28.90 14.59 -30.83
N LYS A 19 -29.30 15.86 -30.86
CA LYS A 19 -28.67 16.89 -30.03
C LYS A 19 -29.70 17.71 -29.25
N LEU A 20 -29.88 17.37 -27.98
CA LEU A 20 -30.80 18.09 -27.10
C LEU A 20 -30.10 19.36 -26.62
N SER A 21 -30.87 20.31 -26.11
CA SER A 21 -30.31 21.53 -25.55
C SER A 21 -30.91 21.85 -24.18
N CYS A 22 -30.22 22.73 -23.45
CA CYS A 22 -30.60 23.11 -22.10
C CYS A 22 -30.06 24.50 -21.80
N THR A 23 -30.96 25.47 -21.73
CA THR A 23 -30.61 26.88 -21.52
C THR A 23 -30.84 27.29 -20.08
N SER A 24 -30.03 28.23 -19.59
CA SER A 24 -30.12 28.73 -18.22
C SER A 24 -30.26 30.25 -18.19
N SER A 25 -30.87 30.77 -17.13
CA SER A 25 -31.05 32.21 -16.97
C SER A 25 -31.03 32.63 -15.50
N GLY A 26 -30.24 33.66 -15.21
CA GLY A 26 -30.22 34.28 -13.89
C GLY A 26 -29.47 33.53 -12.80
N PHE A 27 -28.56 32.63 -13.18
CA PHE A 27 -27.75 31.90 -12.22
C PHE A 27 -26.69 32.83 -11.64
N ASN A 28 -26.59 32.85 -10.31
CA ASN A 28 -25.62 33.72 -9.64
C ASN A 28 -24.20 33.26 -9.86
N ASN A 29 -24.00 31.95 -9.87
CA ASN A 29 -22.67 31.39 -10.03
C ASN A 29 -22.48 30.89 -11.47
N LYS A 30 -21.49 31.46 -12.17
CA LYS A 30 -21.20 31.10 -13.55
C LYS A 30 -20.34 29.84 -13.66
N ASP A 31 -19.75 29.42 -12.55
CA ASP A 31 -18.82 28.29 -12.55
C ASP A 31 -19.48 26.93 -12.41
N THR A 32 -20.77 26.88 -12.05
CA THR A 32 -21.43 25.61 -11.77
C THR A 32 -21.61 24.77 -13.03
N PHE A 33 -21.61 23.45 -12.86
CA PHE A 33 -21.64 22.53 -13.99
C PHE A 33 -23.05 22.32 -14.51
N PHE A 34 -23.19 22.16 -15.82
CA PHE A 34 -24.39 21.57 -16.39
C PHE A 34 -24.22 20.07 -16.28
N GLN A 35 -25.25 19.38 -15.82
CA GLN A 35 -25.24 17.91 -15.78
C GLN A 35 -26.41 17.36 -16.58
N TRP A 36 -26.28 16.11 -17.01
CA TRP A 36 -27.33 15.42 -17.75
C TRP A 36 -27.63 14.08 -17.09
N VAL A 37 -28.90 13.69 -17.11
CA VAL A 37 -29.35 12.50 -16.39
C VAL A 37 -30.40 11.75 -17.21
N LYS A 38 -30.28 10.43 -17.21
CA LYS A 38 -31.16 9.57 -18.00
C LYS A 38 -32.13 8.85 -17.09
N GLN A 39 -33.39 8.82 -17.48
CA GLN A 39 -34.42 8.07 -16.75
C GLN A 39 -35.35 7.29 -17.69
N ARG A 40 -35.32 5.98 -17.54
CA ARG A 40 -36.28 5.09 -18.16
C ARG A 40 -37.52 5.03 -17.25
N PRO A 41 -38.72 4.84 -17.86
CA PRO A 41 -39.97 4.81 -17.09
C PRO A 41 -39.99 3.72 -16.01
N GLU A 42 -40.42 4.12 -14.80
CA GLU A 42 -40.40 3.28 -13.61
C GLU A 42 -39.00 2.73 -13.26
N GLU A 43 -37.96 3.44 -13.68
CA GLU A 43 -36.57 3.09 -13.33
C GLU A 43 -35.85 4.27 -12.66
N GLY A 44 -34.67 4.01 -12.11
CA GLY A 44 -33.94 5.00 -11.35
C GLY A 44 -33.28 6.11 -12.17
N LEU A 45 -33.02 7.23 -11.51
CA LEU A 45 -32.18 8.27 -12.08
C LEU A 45 -30.74 7.73 -12.29
N GLU A 46 -30.14 8.15 -13.40
CA GLU A 46 -28.90 7.59 -13.90
C GLU A 46 -28.04 8.73 -14.45
N TRP A 47 -26.94 9.04 -13.74
CA TRP A 47 -26.08 10.17 -14.08
C TRP A 47 -25.32 9.88 -15.37
N ILE A 48 -25.41 10.79 -16.32
CA ILE A 48 -24.71 10.62 -17.59
C ILE A 48 -23.33 11.27 -17.55
N GLY A 49 -23.29 12.53 -17.18
CA GLY A 49 -22.10 13.34 -17.31
C GLY A 49 -22.35 14.78 -16.92
N ARG A 50 -21.31 15.60 -17.05
CA ARG A 50 -21.41 17.03 -16.79
C ARG A 50 -20.46 17.81 -17.67
N ILE A 51 -20.58 19.12 -17.67
CA ILE A 51 -19.60 19.99 -18.31
C ILE A 51 -19.28 21.21 -17.43
N ASP A 52 -18.03 21.65 -17.46
CA ASP A 52 -17.62 22.85 -16.76
C ASP A 52 -17.61 24.03 -17.74
N PRO A 53 -18.57 24.97 -17.59
CA PRO A 53 -18.72 26.06 -18.55
C PRO A 53 -17.57 27.03 -18.60
N ALA A 54 -16.73 27.02 -17.57
CA ALA A 54 -15.55 27.89 -17.54
C ALA A 54 -14.56 27.51 -18.64
N ASN A 55 -14.52 26.22 -18.99
CA ASN A 55 -13.47 25.70 -19.88
C ASN A 55 -13.90 24.57 -20.83
N GLY A 56 -15.13 24.07 -20.67
CA GLY A 56 -15.65 23.04 -21.56
C GLY A 56 -15.24 21.61 -21.21
N PHE A 57 -14.57 21.44 -20.06
CA PHE A 57 -14.16 20.10 -19.61
C PHE A 57 -15.36 19.28 -19.13
N THR A 58 -15.35 17.98 -19.44
CA THR A 58 -16.47 17.10 -19.16
C THR A 58 -16.02 15.84 -18.46
N LYS A 59 -16.94 15.22 -17.73
CA LYS A 59 -16.76 13.89 -17.17
C LYS A 59 -18.02 13.08 -17.53
N TYR A 60 -17.83 11.79 -17.74
CA TYR A 60 -18.93 10.88 -18.07
C TYR A 60 -18.88 9.63 -17.19
N ASP A 61 -20.03 9.00 -17.00
CA ASP A 61 -20.06 7.66 -16.42
C ASP A 61 -19.50 6.73 -17.50
N PRO A 62 -18.70 5.72 -17.11
CA PRO A 62 -18.13 4.81 -18.11
C PRO A 62 -19.17 4.23 -19.07
N LYS A 63 -20.38 3.99 -18.59
CA LYS A 63 -21.44 3.48 -19.46
C LYS A 63 -21.80 4.42 -20.60
N PHE A 64 -21.55 5.72 -20.43
CA PHE A 64 -21.88 6.73 -21.42
C PHE A 64 -20.68 7.33 -22.14
N GLN A 65 -19.47 6.89 -21.78
CA GLN A 65 -18.26 7.36 -22.44
C GLN A 65 -18.27 6.95 -23.91
N GLY A 66 -18.45 7.93 -24.80
CA GLY A 66 -18.52 7.67 -26.24
C GLY A 66 -19.95 7.75 -26.77
N LYS A 67 -20.91 7.31 -25.95
CA LYS A 67 -22.33 7.40 -26.28
C LYS A 67 -22.78 8.84 -26.22
N ALA A 68 -22.53 9.48 -25.07
CA ALA A 68 -22.96 10.85 -24.82
C ALA A 68 -21.82 11.81 -25.10
N THR A 69 -22.13 12.95 -25.71
CA THR A 69 -21.17 14.04 -25.86
C THR A 69 -21.84 15.34 -25.40
N ILE A 70 -21.33 15.91 -24.32
CA ILE A 70 -21.92 17.09 -23.72
C ILE A 70 -21.10 18.30 -24.12
N THR A 71 -21.77 19.29 -24.70
CA THR A 71 -21.13 20.54 -25.10
C THR A 71 -21.84 21.72 -24.45
N VAL A 72 -21.21 22.89 -24.54
CA VAL A 72 -21.73 24.09 -23.92
C VAL A 72 -21.53 25.30 -24.81
N ASP A 73 -22.29 26.35 -24.53
CA ASP A 73 -22.00 27.68 -25.06
C ASP A 73 -22.15 28.68 -23.93
N THR A 74 -21.03 28.94 -23.23
CA THR A 74 -21.00 29.91 -22.14
C THR A 74 -21.33 31.30 -22.67
N SER A 75 -20.98 31.53 -23.93
CA SER A 75 -21.43 32.72 -24.65
C SER A 75 -22.93 32.93 -24.49
N SER A 76 -23.72 31.86 -24.67
CA SER A 76 -25.19 31.94 -24.59
C SER A 76 -25.79 31.28 -23.33
N ASN A 77 -24.93 30.77 -22.44
CA ASN A 77 -25.38 30.03 -21.26
C ASN A 77 -26.39 28.90 -21.59
N THR A 78 -26.10 28.17 -22.67
CA THR A 78 -26.86 26.99 -23.07
C THR A 78 -25.91 25.80 -23.21
N ALA A 79 -26.40 24.61 -22.83
CA ALA A 79 -25.60 23.39 -22.94
C ALA A 79 -26.38 22.29 -23.69
N TYR A 80 -25.68 21.56 -24.54
CA TYR A 80 -26.29 20.54 -25.40
C TYR A 80 -25.80 19.14 -25.02
N LEU A 81 -26.60 18.12 -25.35
CA LEU A 81 -26.24 16.73 -25.14
C LEU A 81 -26.46 15.95 -26.44
N GLN A 82 -25.38 15.59 -27.13
CA GLN A 82 -25.51 14.77 -28.32
C GLN A 82 -25.36 13.29 -27.99
N LEU A 83 -26.29 12.48 -28.51
CA LEU A 83 -26.21 11.04 -28.38
C LEU A 83 -25.98 10.48 -29.77
N ASN A 84 -25.13 9.45 -29.88
CA ASN A 84 -24.83 8.85 -31.20
C ASN A 84 -25.12 7.36 -31.30
N SER A 85 -25.17 6.86 -32.53
CA SER A 85 -25.42 5.45 -32.81
C SER A 85 -26.60 4.93 -31.98
N LEU A 86 -27.73 5.62 -32.10
CA LEU A 86 -28.86 5.38 -31.21
C LEU A 86 -29.48 4.00 -31.38
N THR A 87 -29.96 3.43 -30.28
CA THR A 87 -30.75 2.20 -30.28
C THR A 87 -31.96 2.41 -29.39
N SER A 88 -32.81 1.38 -29.28
CA SER A 88 -33.94 1.40 -28.35
C SER A 88 -33.49 1.57 -26.90
N GLU A 89 -32.31 1.03 -26.57
CA GLU A 89 -31.75 1.17 -25.22
C GLU A 89 -31.63 2.63 -24.77
N ASP A 90 -31.46 3.53 -25.73
CA ASP A 90 -31.33 4.97 -25.44
C ASP A 90 -32.67 5.68 -25.27
N THR A 91 -33.78 4.98 -25.50
CA THR A 91 -35.10 5.57 -25.30
C THR A 91 -35.34 5.81 -23.82
N ALA A 92 -35.58 7.07 -23.46
CA ALA A 92 -35.79 7.47 -22.08
C ALA A 92 -36.02 8.98 -22.00
N LEU A 93 -36.31 9.45 -20.80
CA LEU A 93 -36.41 10.88 -20.54
C LEU A 93 -35.03 11.40 -20.11
N TYR A 94 -34.67 12.58 -20.59
CA TYR A 94 -33.36 13.13 -20.35
C TYR A 94 -33.51 14.50 -19.70
N TYR A 95 -32.97 14.62 -18.48
CA TYR A 95 -33.01 15.87 -17.74
C TYR A 95 -31.68 16.58 -17.84
N CYS A 96 -31.70 17.90 -17.80
CA CYS A 96 -30.49 18.65 -17.50
C CYS A 96 -30.68 19.28 -16.13
N THR A 97 -29.71 19.05 -15.24
CA THR A 97 -29.77 19.65 -13.93
C THR A 97 -28.51 20.46 -13.69
N ARG A 98 -28.64 21.52 -12.91
CA ARG A 98 -27.52 22.41 -12.64
C ARG A 98 -27.69 23.03 -11.27
N TRP A 99 -26.59 23.13 -10.53
CA TRP A 99 -26.61 23.73 -9.20
C TRP A 99 -26.27 25.21 -9.30
N ASP A 100 -26.48 25.92 -8.20
CA ASP A 100 -26.20 27.35 -8.09
C ASP A 100 -25.81 27.68 -6.65
N THR A 101 -25.15 28.81 -6.49
CA THR A 101 -24.73 29.30 -5.18
C THR A 101 -25.15 30.74 -4.95
N TYR A 102 -25.71 31.01 -3.77
CA TYR A 102 -25.96 32.38 -3.33
C TYR A 102 -25.60 32.52 -1.85
N GLY A 103 -24.56 33.30 -1.58
CA GLY A 103 -23.98 33.36 -0.25
C GLY A 103 -23.24 32.07 0.06
N ALA A 104 -23.61 31.43 1.15
CA ALA A 104 -23.03 30.13 1.54
C ALA A 104 -24.03 28.98 1.40
N ALA A 105 -25.10 29.20 0.62
CA ALA A 105 -26.14 28.20 0.44
C ALA A 105 -26.09 27.62 -0.98
N TRP A 106 -26.56 26.40 -1.11
CA TRP A 106 -26.62 25.74 -2.41
C TRP A 106 -28.07 25.65 -2.87
N PHE A 107 -28.25 25.55 -4.19
CA PHE A 107 -29.56 25.37 -4.80
C PHE A 107 -29.41 24.43 -5.98
N ALA A 108 -30.35 23.49 -6.12
CA ALA A 108 -30.35 22.53 -7.23
C ALA A 108 -31.59 22.72 -8.10
N TYR A 109 -31.37 23.19 -9.32
CA TYR A 109 -32.45 23.35 -10.29
C TYR A 109 -32.39 22.24 -11.33
N TRP A 110 -33.57 21.83 -11.79
CA TRP A 110 -33.73 20.84 -12.83
C TRP A 110 -34.57 21.39 -13.97
N GLY A 111 -34.24 20.96 -15.18
CA GLY A 111 -35.07 21.25 -16.35
C GLY A 111 -36.30 20.37 -16.36
N GLN A 112 -37.23 20.68 -17.26
CA GLN A 112 -38.50 19.96 -17.38
C GLN A 112 -38.34 18.52 -17.89
N GLY A 113 -37.30 18.29 -18.69
CA GLY A 113 -37.05 16.98 -19.30
C GLY A 113 -37.15 17.11 -20.81
N THR A 114 -36.59 16.12 -21.51
CA THR A 114 -36.63 16.08 -22.97
C THR A 114 -36.68 14.64 -23.43
N LEU A 115 -37.86 14.19 -23.86
CA LEU A 115 -38.08 12.80 -24.24
C LEU A 115 -37.40 12.48 -25.56
N VAL A 116 -36.90 11.25 -25.66
CA VAL A 116 -36.20 10.75 -26.82
C VAL A 116 -36.71 9.34 -27.06
N THR A 117 -37.26 9.09 -28.25
CA THR A 117 -37.78 7.78 -28.61
C THR A 117 -36.98 7.28 -29.79
N VAL A 118 -36.44 6.06 -29.68
CA VAL A 118 -35.67 5.47 -30.78
C VAL A 118 -36.36 4.21 -31.28
N SER A 119 -36.81 4.26 -32.52
CA SER A 119 -37.60 3.17 -33.12
C SER A 119 -37.71 3.34 -34.62
N ALA A 120 -37.82 2.23 -35.32
CA ALA A 120 -38.04 2.25 -36.77
C ALA A 120 -39.53 2.41 -37.15
N ALA A 121 -40.43 2.29 -36.18
CA ALA A 121 -41.88 2.28 -36.43
C ALA A 121 -42.42 3.65 -36.84
N LYS A 122 -43.44 3.65 -37.70
CA LYS A 122 -43.96 4.88 -38.26
C LYS A 122 -44.82 5.68 -37.28
N THR A 123 -44.66 7.00 -37.33
CA THR A 123 -45.57 7.91 -36.64
C THR A 123 -46.99 7.63 -37.13
N THR A 124 -47.91 7.57 -36.18
CA THR A 124 -49.30 7.23 -36.46
C THR A 124 -50.19 8.05 -35.53
N PRO A 125 -51.18 8.77 -36.09
CA PRO A 125 -52.08 9.55 -35.23
C PRO A 125 -53.01 8.62 -34.46
N PRO A 126 -53.56 9.10 -33.33
CA PRO A 126 -54.41 8.25 -32.52
C PRO A 126 -55.83 8.24 -33.05
N SER A 127 -56.56 7.14 -32.81
CA SER A 127 -58.01 7.12 -32.98
C SER A 127 -58.61 7.29 -31.61
N VAL A 128 -59.41 8.34 -31.42
CA VAL A 128 -60.01 8.64 -30.13
C VAL A 128 -61.50 8.34 -30.14
N TYR A 129 -61.96 7.48 -29.25
CA TYR A 129 -63.38 7.14 -29.13
C TYR A 129 -63.94 7.56 -27.78
N PRO A 130 -65.19 8.07 -27.75
CA PRO A 130 -65.82 8.39 -26.47
C PRO A 130 -66.29 7.12 -25.80
N LEU A 131 -66.48 7.16 -24.49
CA LEU A 131 -67.03 6.02 -23.77
C LEU A 131 -68.15 6.54 -22.90
N ALA A 132 -69.37 6.36 -23.38
CA ALA A 132 -70.55 6.68 -22.62
C ALA A 132 -71.13 5.36 -22.16
N PRO A 133 -71.76 5.35 -20.98
CA PRO A 133 -72.33 4.11 -20.48
C PRO A 133 -73.71 3.83 -21.05
N GLY A 134 -74.21 2.61 -20.81
CA GLY A 134 -75.59 2.25 -21.07
C GLY A 134 -76.41 2.35 -19.81
N SER A 135 -77.54 1.66 -19.76
CA SER A 135 -78.40 1.65 -18.59
C SER A 135 -77.81 0.74 -17.51
N ASN A 140 -76.61 6.34 -10.17
CA ASN A 140 -75.76 6.83 -9.09
C ASN A 140 -75.53 8.35 -9.17
N SER A 141 -75.17 8.95 -8.03
CA SER A 141 -75.04 10.40 -7.92
C SER A 141 -73.98 10.98 -8.86
N MET A 142 -72.77 10.43 -8.79
CA MET A 142 -71.70 10.79 -9.74
C MET A 142 -71.74 9.80 -10.89
N VAL A 143 -71.49 10.29 -12.11
CA VAL A 143 -71.39 9.42 -13.29
C VAL A 143 -69.97 9.45 -13.86
N THR A 144 -69.45 8.27 -14.20
CA THR A 144 -68.12 8.14 -14.78
C THR A 144 -68.22 8.04 -16.29
N LEU A 145 -67.45 8.88 -16.97
CA LEU A 145 -67.36 8.89 -18.41
C LEU A 145 -65.95 8.52 -18.79
N GLY A 146 -65.75 8.10 -20.03
CA GLY A 146 -64.47 7.57 -20.44
C GLY A 146 -64.02 8.04 -21.81
N CYS A 147 -62.76 7.80 -22.09
CA CYS A 147 -62.16 8.15 -23.36
C CYS A 147 -61.07 7.16 -23.70
N LEU A 148 -61.14 6.62 -24.90
CA LEU A 148 -60.22 5.58 -25.35
C LEU A 148 -59.35 6.17 -26.44
N VAL A 149 -58.03 6.10 -26.24
CA VAL A 149 -57.07 6.67 -27.17
C VAL A 149 -56.19 5.54 -27.67
N LYS A 150 -56.37 5.19 -28.94
CA LYS A 150 -55.95 3.90 -29.46
C LYS A 150 -55.22 4.03 -30.79
N GLY A 151 -54.19 3.22 -30.98
CA GLY A 151 -53.52 3.10 -32.28
C GLY A 151 -52.51 4.18 -32.65
N TYR A 152 -51.88 4.82 -31.65
CA TYR A 152 -50.89 5.86 -31.93
C TYR A 152 -49.45 5.44 -31.61
N PHE A 153 -48.52 6.06 -32.32
CA PHE A 153 -47.10 5.95 -32.04
C PHE A 153 -46.45 7.21 -32.62
N PRO A 154 -45.52 7.83 -31.88
CA PRO A 154 -44.96 7.44 -30.60
C PRO A 154 -45.69 8.05 -29.41
N GLU A 155 -45.26 7.65 -28.23
CA GLU A 155 -45.62 8.32 -26.99
C GLU A 155 -44.97 9.70 -27.07
N PRO A 156 -45.54 10.73 -26.44
CA PRO A 156 -46.76 10.79 -25.65
C PRO A 156 -47.94 11.43 -26.36
N VAL A 157 -49.11 11.25 -25.76
CA VAL A 157 -50.28 12.07 -26.02
C VAL A 157 -50.60 12.82 -24.73
N THR A 158 -51.46 13.82 -24.82
CA THR A 158 -51.93 14.52 -23.62
C THR A 158 -53.44 14.50 -23.63
N VAL A 159 -54.04 14.13 -22.50
CA VAL A 159 -55.48 14.04 -22.38
C VAL A 159 -55.99 15.02 -21.34
N THR A 160 -56.95 15.84 -21.74
CA THR A 160 -57.66 16.73 -20.83
C THR A 160 -59.16 16.60 -21.09
N TRP A 161 -59.96 17.22 -20.23
CA TRP A 161 -61.40 17.23 -20.34
C TRP A 161 -61.91 18.65 -20.29
N ASN A 162 -62.87 18.96 -21.16
CA ASN A 162 -63.39 20.33 -21.31
C ASN A 162 -62.25 21.36 -21.34
N SER A 163 -61.30 21.16 -22.26
CA SER A 163 -60.12 22.02 -22.40
C SER A 163 -59.37 22.25 -21.09
N GLY A 164 -59.35 21.24 -20.23
CA GLY A 164 -58.64 21.33 -18.95
C GLY A 164 -59.46 21.90 -17.81
N SER A 165 -60.70 22.30 -18.10
CA SER A 165 -61.61 22.81 -17.09
C SER A 165 -61.89 21.73 -16.04
N LEU A 166 -62.29 20.54 -16.50
CA LEU A 166 -62.53 19.41 -15.61
C LEU A 166 -61.20 18.79 -15.20
N SER A 167 -60.64 19.31 -14.12
CA SER A 167 -59.30 18.93 -13.65
C SER A 167 -59.30 17.90 -12.51
N SER A 168 -60.31 17.97 -11.64
CA SER A 168 -60.45 16.97 -10.58
C SER A 168 -61.35 15.83 -11.05
N GLY A 169 -61.14 14.66 -10.44
CA GLY A 169 -61.93 13.46 -10.74
C GLY A 169 -61.41 12.66 -11.93
N VAL A 170 -60.22 13.03 -12.40
CA VAL A 170 -59.65 12.45 -13.61
C VAL A 170 -58.65 11.33 -13.31
N HIS A 171 -58.74 10.26 -14.09
CA HIS A 171 -57.76 9.19 -14.09
C HIS A 171 -57.35 8.91 -15.53
N THR A 172 -56.09 9.19 -15.85
CA THR A 172 -55.53 8.92 -17.17
C THR A 172 -54.44 7.89 -16.96
N PHE A 173 -54.52 6.78 -17.68
CA PHE A 173 -53.70 5.61 -17.38
C PHE A 173 -52.46 5.57 -18.26
N PRO A 174 -51.46 4.75 -17.87
CA PRO A 174 -50.30 4.61 -18.73
C PRO A 174 -50.63 3.88 -20.02
N ALA A 175 -49.99 4.29 -21.11
CA ALA A 175 -50.17 3.65 -22.40
C ALA A 175 -49.54 2.26 -22.35
N VAL A 176 -50.05 1.34 -23.16
CA VAL A 176 -49.45 0.01 -23.31
C VAL A 176 -49.14 -0.23 -24.77
N LEU A 177 -47.91 -0.63 -25.04
CA LEU A 177 -47.46 -0.87 -26.41
C LEU A 177 -47.82 -2.28 -26.83
N GLN A 178 -48.39 -2.42 -28.02
CA GLN A 178 -48.48 -3.73 -28.65
C GLN A 178 -48.56 -3.59 -30.16
N SER A 179 -47.70 -4.33 -30.86
CA SER A 179 -47.63 -4.28 -32.33
C SER A 179 -47.34 -2.85 -32.81
N ASP A 180 -46.29 -2.26 -32.23
CA ASP A 180 -45.80 -0.92 -32.59
C ASP A 180 -46.84 0.19 -32.43
N LEU A 181 -47.81 0.01 -31.54
CA LEU A 181 -48.88 1.00 -31.36
C LEU A 181 -49.35 1.05 -29.91
N TYR A 182 -49.54 2.26 -29.40
CA TYR A 182 -49.97 2.48 -28.03
C TYR A 182 -51.47 2.59 -27.93
N THR A 183 -52.00 2.12 -26.80
CA THR A 183 -53.41 2.30 -26.48
C THR A 183 -53.51 2.84 -25.07
N LEU A 184 -54.38 3.81 -24.89
CA LEU A 184 -54.44 4.57 -23.65
C LEU A 184 -55.87 4.90 -23.36
N SER A 185 -56.20 5.03 -22.09
CA SER A 185 -57.54 5.39 -21.66
C SER A 185 -57.50 6.47 -20.59
N SER A 186 -58.55 7.28 -20.53
CA SER A 186 -58.72 8.25 -19.45
C SER A 186 -60.17 8.21 -18.99
N SER A 187 -60.38 8.31 -17.68
CA SER A 187 -61.72 8.35 -17.13
C SER A 187 -61.95 9.68 -16.43
N VAL A 188 -63.19 10.13 -16.40
CA VAL A 188 -63.56 11.32 -15.66
C VAL A 188 -64.85 11.01 -14.90
N THR A 189 -64.97 11.57 -13.70
CA THR A 189 -66.14 11.35 -12.86
C THR A 189 -66.76 12.71 -12.51
N VAL A 190 -68.02 12.89 -12.87
CA VAL A 190 -68.71 14.18 -12.72
C VAL A 190 -70.12 13.98 -12.16
N PRO A 191 -70.73 15.03 -11.58
CA PRO A 191 -72.06 14.87 -10.99
C PRO A 191 -73.14 14.58 -12.03
N SER A 192 -74.14 13.77 -11.66
CA SER A 192 -75.22 13.41 -12.58
C SER A 192 -76.00 14.61 -13.11
N SER A 193 -76.06 15.70 -12.33
CA SER A 193 -76.69 16.93 -12.79
C SER A 193 -75.88 17.64 -13.90
N THR A 194 -74.64 17.20 -14.13
CA THR A 194 -73.74 17.82 -15.10
C THR A 194 -73.85 17.21 -16.50
N TRP A 195 -74.08 15.90 -16.55
CA TRP A 195 -74.12 15.16 -17.81
C TRP A 195 -75.30 14.21 -17.78
N PRO A 196 -76.02 14.06 -18.91
CA PRO A 196 -75.79 14.63 -20.24
C PRO A 196 -76.34 16.04 -20.45
N SER A 197 -76.86 16.66 -19.40
CA SER A 197 -77.44 18.01 -19.51
C SER A 197 -76.47 19.03 -20.10
N GLU A 198 -75.19 18.88 -19.81
CA GLU A 198 -74.17 19.74 -20.39
C GLU A 198 -73.21 18.92 -21.23
N THR A 199 -72.43 19.62 -22.05
CA THR A 199 -71.49 18.97 -22.95
C THR A 199 -70.18 18.68 -22.22
N VAL A 200 -69.80 17.40 -22.20
CA VAL A 200 -68.52 16.95 -21.67
C VAL A 200 -67.68 16.43 -22.82
N THR A 201 -66.42 16.89 -22.89
CA THR A 201 -65.59 16.69 -24.08
C THR A 201 -64.20 16.16 -23.74
N CYS A 202 -63.69 15.27 -24.60
CA CYS A 202 -62.38 14.66 -24.44
C CYS A 202 -61.42 15.34 -25.40
N ASN A 203 -60.38 15.99 -24.86
CA ASN A 203 -59.37 16.65 -25.70
C ASN A 203 -58.11 15.82 -25.73
N VAL A 204 -57.61 15.54 -26.93
CA VAL A 204 -56.39 14.77 -27.08
C VAL A 204 -55.43 15.47 -28.02
N ALA A 205 -54.16 15.55 -27.62
CA ALA A 205 -53.11 16.05 -28.49
C ALA A 205 -52.03 14.99 -28.68
N HIS A 206 -51.58 14.84 -29.91
CA HIS A 206 -50.46 13.97 -30.24
C HIS A 206 -49.49 14.78 -31.09
N PRO A 207 -48.60 15.55 -30.42
CA PRO A 207 -47.65 16.47 -31.09
C PRO A 207 -46.85 15.86 -32.23
N ALA A 208 -46.42 14.60 -32.08
CA ALA A 208 -45.62 13.93 -33.11
C ALA A 208 -46.32 13.94 -34.47
N SER A 209 -47.64 13.71 -34.49
CA SER A 209 -48.41 13.71 -35.73
C SER A 209 -49.21 15.00 -35.96
N SER A 210 -48.94 16.02 -35.15
CA SER A 210 -49.66 17.30 -35.21
C SER A 210 -51.18 17.15 -35.16
N THR A 211 -51.64 16.16 -34.38
CA THR A 211 -53.05 15.87 -34.26
C THR A 211 -53.63 16.52 -33.02
N LYS A 212 -54.81 17.12 -33.17
CA LYS A 212 -55.59 17.66 -32.05
C LYS A 212 -57.03 17.19 -32.21
N VAL A 213 -57.53 16.42 -31.24
CA VAL A 213 -58.85 15.82 -31.34
C VAL A 213 -59.72 16.19 -30.13
N ASP A 214 -60.94 16.61 -30.39
CA ASP A 214 -61.94 16.77 -29.35
C ASP A 214 -63.04 15.73 -29.58
N LYS A 215 -63.38 14.97 -28.55
CA LYS A 215 -64.41 13.94 -28.67
C LYS A 215 -65.46 14.13 -27.59
N LYS A 216 -66.63 14.60 -28.01
CA LYS A 216 -67.77 14.80 -27.13
C LYS A 216 -68.34 13.45 -26.71
N ILE A 217 -68.74 13.36 -25.45
CA ILE A 217 -69.31 12.13 -24.91
C ILE A 217 -70.83 12.20 -25.08
N VAL A 218 -71.32 11.84 -26.27
CA VAL A 218 -72.77 11.86 -26.50
C VAL A 218 -73.41 10.59 -25.93
N PRO A 219 -74.53 10.75 -25.20
CA PRO A 219 -75.16 9.63 -24.50
C PRO A 219 -75.69 8.54 -25.42
N ARG A 220 -75.61 7.30 -24.95
CA ARG A 220 -75.91 6.10 -25.75
C ARG A 220 -74.88 5.92 -26.87
N ASP B 1 -15.30 6.39 -9.33
CA ASP B 1 -16.43 5.41 -9.39
C ASP B 1 -16.71 4.77 -8.03
N ILE B 2 -17.62 5.42 -7.30
CA ILE B 2 -18.13 4.92 -6.03
C ILE B 2 -19.57 4.47 -6.23
N GLN B 3 -19.95 3.37 -5.58
CA GLN B 3 -21.28 2.79 -5.72
C GLN B 3 -22.24 3.28 -4.64
N MET B 4 -23.53 3.35 -4.97
CA MET B 4 -24.55 3.82 -4.03
C MET B 4 -25.65 2.78 -3.82
N THR B 5 -25.56 2.05 -2.72
CA THR B 5 -26.56 1.04 -2.35
C THR B 5 -27.60 1.68 -1.44
N GLN B 6 -28.79 1.89 -1.99
CA GLN B 6 -29.87 2.58 -1.29
C GLN B 6 -30.86 1.57 -0.69
N SER B 7 -31.49 1.93 0.42
CA SER B 7 -32.37 1.00 1.14
C SER B 7 -33.37 1.71 2.06
N PRO B 8 -34.61 1.19 2.14
CA PRO B 8 -35.14 0.06 1.36
C PRO B 8 -35.52 0.48 -0.06
N ALA B 9 -35.89 -0.49 -0.89
CA ALA B 9 -36.32 -0.20 -2.26
C ALA B 9 -37.71 0.45 -2.26
N SER B 10 -38.60 -0.06 -1.42
CA SER B 10 -39.96 0.45 -1.28
C SER B 10 -40.35 0.60 0.18
N LEU B 11 -41.26 1.53 0.44
CA LEU B 11 -41.73 1.79 1.79
C LEU B 11 -43.18 2.27 1.78
N SER B 12 -43.88 2.05 2.89
CA SER B 12 -45.30 2.40 3.01
C SER B 12 -45.62 2.89 4.42
N ALA B 13 -45.99 4.15 4.55
CA ALA B 13 -46.28 4.75 5.85
C ALA B 13 -47.50 5.67 5.82
N SER B 14 -48.25 5.68 6.91
CA SER B 14 -49.37 6.60 7.09
C SER B 14 -48.85 7.99 7.45
N VAL B 15 -49.65 9.00 7.14
CA VAL B 15 -49.37 10.38 7.54
C VAL B 15 -49.10 10.43 9.04
N GLY B 16 -48.09 11.20 9.45
CA GLY B 16 -47.76 11.36 10.87
C GLY B 16 -46.77 10.36 11.42
N GLU B 17 -46.44 9.33 10.64
CA GLU B 17 -45.43 8.34 11.02
C GLU B 17 -44.03 8.86 10.67
N THR B 18 -43.02 8.19 11.23
CA THR B 18 -41.61 8.58 11.06
C THR B 18 -40.86 7.49 10.29
N VAL B 19 -40.21 7.86 9.18
CA VAL B 19 -39.50 6.89 8.33
C VAL B 19 -38.02 7.23 8.09
N THR B 20 -37.21 6.20 7.88
CA THR B 20 -35.75 6.34 7.75
C THR B 20 -35.16 5.61 6.53
N ILE B 21 -34.77 6.37 5.52
CA ILE B 21 -34.15 5.83 4.28
C ILE B 21 -32.64 5.88 4.43
N THR B 22 -31.93 4.93 3.81
CA THR B 22 -30.47 4.85 3.94
C THR B 22 -29.75 4.69 2.59
N CYS B 23 -28.67 5.46 2.38
CA CYS B 23 -27.72 5.21 1.28
C CYS B 23 -26.34 4.83 1.84
N ARG B 24 -25.81 3.72 1.33
CA ARG B 24 -24.46 3.26 1.65
C ARG B 24 -23.54 3.54 0.46
N ALA B 25 -22.37 4.09 0.75
CA ALA B 25 -21.37 4.35 -0.28
C ALA B 25 -20.29 3.28 -0.21
N SER B 26 -19.73 2.92 -1.36
CA SER B 26 -18.72 1.87 -1.43
C SER B 26 -17.35 2.37 -0.98
N GLY B 27 -17.20 3.69 -0.93
CA GLY B 27 -16.05 4.34 -0.32
C GLY B 27 -16.51 5.57 0.44
N ASN B 28 -15.57 6.24 1.08
CA ASN B 28 -15.86 7.46 1.83
C ASN B 28 -16.23 8.58 0.87
N ILE B 29 -17.30 9.31 1.19
CA ILE B 29 -17.73 10.46 0.37
C ILE B 29 -17.82 11.75 1.19
N HIS B 30 -17.17 11.77 2.35
CA HIS B 30 -16.99 12.97 3.17
C HIS B 30 -18.18 13.93 3.14
N ASN B 31 -19.35 13.42 3.52
CA ASN B 31 -20.59 14.22 3.57
C ASN B 31 -21.07 14.84 2.24
N TYR B 32 -20.39 14.58 1.12
CA TYR B 32 -20.79 15.15 -0.16
C TYR B 32 -21.96 14.34 -0.71
N LEU B 33 -23.12 14.51 -0.09
CA LEU B 33 -24.30 13.74 -0.42
C LEU B 33 -25.55 14.60 -0.38
N SER B 34 -26.41 14.38 -1.36
CA SER B 34 -27.68 15.09 -1.50
C SER B 34 -28.80 14.07 -1.53
N TRP B 35 -29.94 14.42 -0.97
CA TRP B 35 -31.16 13.63 -1.11
C TRP B 35 -32.15 14.42 -1.98
N PHE B 36 -32.81 13.72 -2.90
CA PHE B 36 -33.76 14.33 -3.84
C PHE B 36 -35.13 13.66 -3.70
N GLN B 37 -36.18 14.44 -3.95
CA GLN B 37 -37.56 13.93 -4.03
C GLN B 37 -38.08 14.07 -5.44
N GLN B 38 -38.57 12.97 -6.01
CA GLN B 38 -39.15 12.99 -7.35
C GLN B 38 -40.61 12.58 -7.29
N LYS B 39 -41.48 13.52 -7.66
CA LYS B 39 -42.91 13.24 -7.83
C LYS B 39 -43.19 12.77 -9.26
N GLN B 40 -44.05 11.76 -9.38
CA GLN B 40 -44.48 11.22 -10.69
C GLN B 40 -44.72 12.30 -11.75
N GLY B 41 -44.17 12.09 -12.93
CA GLY B 41 -44.28 13.06 -14.02
C GLY B 41 -43.75 14.45 -13.72
N LYS B 42 -42.85 14.54 -12.74
CA LYS B 42 -42.21 15.82 -12.38
C LYS B 42 -40.72 15.62 -12.16
N SER B 43 -39.99 16.74 -12.24
CA SER B 43 -38.55 16.76 -11.99
C SER B 43 -38.23 16.54 -10.51
N PRO B 44 -37.04 15.99 -10.22
CA PRO B 44 -36.60 15.83 -8.84
C PRO B 44 -36.40 17.16 -8.12
N GLN B 45 -36.75 17.16 -6.84
CA GLN B 45 -36.63 18.34 -5.97
C GLN B 45 -35.59 18.04 -4.89
N LEU B 46 -34.65 18.96 -4.69
CA LEU B 46 -33.64 18.80 -3.64
C LEU B 46 -34.28 18.93 -2.26
N LEU B 47 -33.74 18.20 -1.29
CA LEU B 47 -34.25 18.23 0.09
C LEU B 47 -33.15 18.59 1.07
N VAL B 48 -32.06 17.84 0.97
CA VAL B 48 -30.92 17.98 1.84
C VAL B 48 -29.68 17.95 0.98
N TYR B 49 -28.72 18.82 1.26
CA TYR B 49 -27.39 18.72 0.65
C TYR B 49 -26.33 18.67 1.72
N SER B 50 -25.14 18.23 1.33
CA SER B 50 -24.01 18.10 2.22
C SER B 50 -24.36 17.24 3.41
N ALA B 51 -25.10 16.18 3.14
CA ALA B 51 -25.47 15.24 4.18
C ALA B 51 -26.56 15.72 5.12
N LYS B 52 -26.37 16.88 5.73
CA LYS B 52 -27.32 17.38 6.71
C LYS B 52 -27.90 18.79 6.56
N THR B 53 -27.55 19.51 5.52
CA THR B 53 -28.03 20.89 5.36
C THR B 53 -29.31 20.89 4.53
N LEU B 54 -30.39 21.39 5.11
CA LEU B 54 -31.67 21.51 4.40
C LEU B 54 -31.60 22.52 3.25
N ALA B 55 -32.12 22.13 2.09
CA ALA B 55 -32.17 23.01 0.93
C ALA B 55 -33.18 24.12 1.16
N ASP B 56 -33.15 25.12 0.27
CA ASP B 56 -34.09 26.25 0.33
C ASP B 56 -35.53 25.79 0.48
N GLY B 57 -36.25 26.43 1.39
CA GLY B 57 -37.67 26.17 1.60
C GLY B 57 -38.01 24.70 1.77
N VAL B 58 -37.28 24.02 2.65
CA VAL B 58 -37.59 22.62 2.99
C VAL B 58 -38.00 22.57 4.45
N PRO B 59 -39.16 21.92 4.73
CA PRO B 59 -39.64 21.91 6.11
C PRO B 59 -38.70 21.16 7.08
N SER B 60 -38.75 21.53 8.36
CA SER B 60 -37.82 21.03 9.36
C SER B 60 -38.07 19.57 9.78
N ARG B 61 -39.20 19.01 9.38
CA ARG B 61 -39.49 17.58 9.61
C ARG B 61 -38.57 16.67 8.80
N PHE B 62 -37.90 17.24 7.79
CA PHE B 62 -36.83 16.56 7.09
C PHE B 62 -35.51 16.82 7.79
N SER B 63 -34.68 15.78 7.92
CA SER B 63 -33.29 15.93 8.36
C SER B 63 -32.47 14.71 7.93
N GLY B 64 -31.28 14.98 7.42
CA GLY B 64 -30.32 13.94 7.04
C GLY B 64 -29.21 13.80 8.06
N SER B 65 -28.58 12.64 8.08
CA SER B 65 -27.53 12.31 9.04
C SER B 65 -26.48 11.39 8.43
N GLY B 66 -25.46 11.06 9.22
CA GLY B 66 -24.45 10.09 8.80
C GLY B 66 -23.14 10.74 8.41
N SER B 67 -22.18 9.90 8.05
CA SER B 67 -20.82 10.35 7.73
C SER B 67 -19.99 9.19 7.22
N GLY B 68 -18.96 9.52 6.45
CA GLY B 68 -18.10 8.50 5.85
C GLY B 68 -18.82 7.82 4.69
N THR B 69 -19.23 6.58 4.91
CA THR B 69 -19.90 5.77 3.90
C THR B 69 -21.39 5.64 4.19
N GLN B 70 -21.79 5.83 5.45
CA GLN B 70 -23.15 5.51 5.88
C GLN B 70 -23.99 6.76 6.10
N TYR B 71 -25.05 6.91 5.30
CA TYR B 71 -25.94 8.07 5.35
C TYR B 71 -27.40 7.67 5.35
N SER B 72 -28.23 8.51 5.97
CA SER B 72 -29.66 8.23 6.07
C SER B 72 -30.49 9.50 6.15
N LEU B 73 -31.74 9.40 5.67
CA LEU B 73 -32.70 10.52 5.67
C LEU B 73 -33.87 10.19 6.59
N LYS B 74 -34.28 11.18 7.39
CA LYS B 74 -35.35 10.98 8.35
C LYS B 74 -36.50 11.93 8.05
N ILE B 75 -37.73 11.44 8.25
CA ILE B 75 -38.92 12.25 8.11
C ILE B 75 -39.77 11.96 9.33
N ASN B 76 -40.08 13.00 10.10
CA ASN B 76 -40.71 12.81 11.42
C ASN B 76 -42.23 12.92 11.37
N SER B 77 -42.73 14.05 10.89
CA SER B 77 -44.16 14.29 10.79
C SER B 77 -44.59 14.12 9.32
N LEU B 78 -44.62 12.87 8.86
CA LEU B 78 -44.87 12.59 7.44
C LEU B 78 -46.17 13.24 6.93
N GLN B 79 -46.04 14.12 5.93
CA GLN B 79 -47.14 14.91 5.41
C GLN B 79 -47.54 14.47 3.99
N PRO B 80 -48.80 14.74 3.58
CA PRO B 80 -49.30 14.33 2.26
C PRO B 80 -48.34 14.62 1.11
N GLU B 81 -47.76 15.82 1.08
CA GLU B 81 -46.89 16.24 -0.03
C GLU B 81 -45.54 15.49 -0.13
N ASP B 82 -45.27 14.56 0.80
CA ASP B 82 -44.00 13.81 0.85
C ASP B 82 -43.94 12.54 -0.01
N PHE B 83 -45.06 12.08 -0.55
CA PHE B 83 -45.06 10.88 -1.39
C PHE B 83 -44.05 11.02 -2.54
N GLY B 84 -43.57 9.89 -3.06
CA GLY B 84 -42.67 9.89 -4.22
C GLY B 84 -41.49 8.95 -4.12
N THR B 85 -40.52 9.12 -5.03
CA THR B 85 -39.29 8.36 -4.97
C THR B 85 -38.15 9.24 -4.46
N TYR B 86 -37.45 8.76 -3.45
CA TYR B 86 -36.33 9.49 -2.86
C TYR B 86 -35.03 8.90 -3.37
N TYR B 87 -34.18 9.75 -3.93
CA TYR B 87 -32.87 9.32 -4.39
C TYR B 87 -31.79 9.95 -3.53
N CYS B 88 -30.59 9.39 -3.61
CA CYS B 88 -29.40 10.03 -3.08
C CYS B 88 -28.40 10.14 -4.19
N GLN B 89 -27.50 11.11 -4.08
CA GLN B 89 -26.44 11.31 -5.05
C GLN B 89 -25.18 11.73 -4.30
N HIS B 90 -24.01 11.34 -4.80
CA HIS B 90 -22.75 11.81 -4.20
C HIS B 90 -22.01 12.71 -5.20
N PHE B 91 -21.20 13.62 -4.68
CA PHE B 91 -20.35 14.47 -5.53
C PHE B 91 -18.86 14.40 -5.14
N TRP B 92 -18.46 13.34 -4.44
CA TRP B 92 -17.08 13.18 -3.99
C TRP B 92 -16.07 12.96 -5.13
N SER B 93 -16.25 11.90 -5.90
CA SER B 93 -15.40 11.64 -7.07
C SER B 93 -16.00 12.40 -8.25
N SER B 94 -15.40 12.27 -9.43
CA SER B 94 -15.88 12.94 -10.64
C SER B 94 -17.15 12.34 -11.25
N ILE B 95 -17.57 11.16 -10.79
CA ILE B 95 -18.75 10.49 -11.31
C ILE B 95 -19.85 10.51 -10.26
N TYR B 96 -20.87 11.34 -10.48
CA TYR B 96 -21.87 11.61 -9.46
C TYR B 96 -23.01 10.59 -9.45
N THR B 97 -22.72 9.35 -9.09
CA THR B 97 -23.71 8.29 -9.23
C THR B 97 -24.86 8.40 -8.20
N PHE B 98 -26.09 8.23 -8.69
CA PHE B 98 -27.30 8.18 -7.85
C PHE B 98 -27.43 6.82 -7.18
N GLY B 99 -28.05 6.78 -6.00
CA GLY B 99 -28.59 5.53 -5.48
C GLY B 99 -29.74 5.05 -6.37
N GLY B 100 -30.20 3.83 -6.14
CA GLY B 100 -31.24 3.20 -6.98
C GLY B 100 -32.63 3.74 -6.73
N GLY B 101 -32.82 4.37 -5.57
CA GLY B 101 -34.08 5.00 -5.21
C GLY B 101 -34.81 4.25 -4.11
N THR B 102 -35.63 4.99 -3.36
CA THR B 102 -36.52 4.40 -2.37
C THR B 102 -37.92 4.98 -2.61
N LYS B 103 -38.82 4.17 -3.16
CA LYS B 103 -40.18 4.62 -3.51
C LYS B 103 -41.08 4.59 -2.28
N LEU B 104 -41.72 5.71 -1.99
CA LEU B 104 -42.51 5.87 -0.76
C LEU B 104 -44.03 5.89 -1.00
N GLU B 105 -44.72 4.85 -0.51
CA GLU B 105 -46.17 4.76 -0.57
C GLU B 105 -46.85 5.44 0.61
N ILE B 106 -47.97 6.10 0.33
CA ILE B 106 -48.84 6.63 1.37
C ILE B 106 -49.80 5.52 1.78
N LYS B 107 -49.76 5.11 3.04
CA LYS B 107 -50.66 4.08 3.54
C LYS B 107 -52.01 4.69 3.93
N ARG B 108 -53.09 4.08 3.47
CA ARG B 108 -54.45 4.55 3.76
C ARG B 108 -55.41 3.40 4.05
N ALA B 109 -56.64 3.76 4.44
CA ALA B 109 -57.69 2.78 4.73
C ALA B 109 -58.10 2.03 3.46
N ASP B 110 -58.51 0.78 3.63
CA ASP B 110 -58.96 -0.04 2.49
C ASP B 110 -60.16 0.58 1.78
N ALA B 111 -60.17 0.49 0.46
CA ALA B 111 -61.26 0.99 -0.34
C ALA B 111 -61.53 0.06 -1.52
N ALA B 112 -62.79 -0.33 -1.68
CA ALA B 112 -63.20 -1.15 -2.81
C ALA B 112 -63.22 -0.30 -4.09
N PRO B 113 -62.86 -0.90 -5.24
CA PRO B 113 -62.93 -0.14 -6.49
C PRO B 113 -64.35 0.21 -6.86
N THR B 114 -64.51 1.37 -7.50
CA THR B 114 -65.72 1.70 -8.22
C THR B 114 -65.49 1.16 -9.61
N VAL B 115 -66.26 0.15 -9.99
CA VAL B 115 -66.14 -0.49 -11.29
C VAL B 115 -67.15 0.09 -12.28
N SER B 116 -66.69 0.38 -13.49
CA SER B 116 -67.52 0.89 -14.57
C SER B 116 -67.09 0.21 -15.86
N ILE B 117 -68.08 -0.24 -16.62
CA ILE B 117 -67.89 -0.98 -17.87
C ILE B 117 -68.56 -0.19 -19.00
N PHE B 118 -67.93 -0.17 -20.17
CA PHE B 118 -68.43 0.62 -21.29
C PHE B 118 -68.36 -0.20 -22.57
N PRO B 119 -69.49 -0.24 -23.31
CA PRO B 119 -69.46 -0.95 -24.58
C PRO B 119 -68.70 -0.14 -25.62
N PRO B 120 -68.25 -0.78 -26.69
CA PRO B 120 -67.61 -0.07 -27.78
C PRO B 120 -68.44 1.13 -28.23
N SER B 121 -67.76 2.21 -28.59
CA SER B 121 -68.41 3.36 -29.18
C SER B 121 -68.91 2.97 -30.55
N SER B 122 -69.98 3.65 -31.01
CA SER B 122 -70.51 3.41 -32.34
C SER B 122 -69.47 3.72 -33.42
N GLU B 123 -68.71 4.81 -33.24
CA GLU B 123 -67.68 5.19 -34.20
C GLU B 123 -66.68 4.05 -34.43
N GLN B 124 -66.27 3.40 -33.36
CA GLN B 124 -65.27 2.33 -33.45
C GLN B 124 -65.88 1.09 -34.09
N LEU B 125 -67.08 0.72 -33.63
CA LEU B 125 -67.86 -0.34 -34.25
C LEU B 125 -67.88 -0.16 -35.77
N THR B 126 -68.28 1.03 -36.19
CA THR B 126 -68.51 1.30 -37.61
C THR B 126 -67.25 1.21 -38.46
N SER B 127 -66.07 1.30 -37.82
CA SER B 127 -64.81 1.07 -38.52
C SER B 127 -64.36 -0.39 -38.50
N GLY B 128 -65.07 -1.24 -37.74
CA GLY B 128 -64.78 -2.68 -37.68
C GLY B 128 -64.16 -3.16 -36.36
N GLY B 129 -63.80 -2.21 -35.50
CA GLY B 129 -63.23 -2.53 -34.20
C GLY B 129 -64.26 -2.56 -33.11
N ALA B 130 -63.94 -3.24 -32.01
CA ALA B 130 -64.82 -3.29 -30.85
C ALA B 130 -64.03 -3.49 -29.57
N SER B 131 -63.80 -2.41 -28.84
CA SER B 131 -63.11 -2.45 -27.54
C SER B 131 -64.11 -2.29 -26.41
N VAL B 132 -64.07 -3.19 -25.45
CA VAL B 132 -64.85 -3.06 -24.23
C VAL B 132 -63.90 -2.59 -23.14
N VAL B 133 -64.24 -1.48 -22.50
CA VAL B 133 -63.38 -0.84 -21.51
C VAL B 133 -64.03 -0.94 -20.14
N CYS B 134 -63.20 -1.24 -19.14
CA CYS B 134 -63.63 -1.36 -17.77
C CYS B 134 -62.66 -0.60 -16.85
N PHE B 135 -63.15 0.40 -16.14
CA PHE B 135 -62.34 1.12 -15.15
C PHE B 135 -62.57 0.53 -13.78
N LEU B 136 -61.49 0.35 -13.02
CA LEU B 136 -61.58 -0.06 -11.63
C LEU B 136 -60.90 1.03 -10.82
N ASN B 137 -61.67 2.00 -10.36
CA ASN B 137 -61.11 3.25 -9.87
C ASN B 137 -61.13 3.44 -8.35
N ASN B 138 -60.12 4.16 -7.86
CA ASN B 138 -60.02 4.57 -6.47
C ASN B 138 -60.11 3.44 -5.45
N PHE B 139 -59.31 2.39 -5.66
CA PHE B 139 -59.24 1.28 -4.70
C PHE B 139 -57.91 1.27 -3.95
N TYR B 140 -57.91 0.62 -2.80
CA TYR B 140 -56.69 0.38 -2.00
C TYR B 140 -56.89 -0.89 -1.18
N PRO B 141 -55.87 -1.76 -1.09
CA PRO B 141 -54.49 -1.63 -1.56
C PRO B 141 -54.32 -1.87 -3.05
N LYS B 142 -53.08 -1.84 -3.51
CA LYS B 142 -52.73 -1.92 -4.93
C LYS B 142 -53.07 -3.27 -5.56
N ASP B 143 -53.02 -4.32 -4.75
CA ASP B 143 -53.19 -5.69 -5.23
C ASP B 143 -54.62 -5.96 -5.72
N ILE B 144 -54.76 -6.38 -6.97
CA ILE B 144 -56.09 -6.57 -7.56
C ILE B 144 -56.09 -7.50 -8.78
N ASN B 145 -57.19 -8.21 -8.99
CA ASN B 145 -57.38 -9.01 -10.20
C ASN B 145 -58.68 -8.67 -10.90
N VAL B 146 -58.62 -8.54 -12.22
CA VAL B 146 -59.82 -8.42 -13.04
C VAL B 146 -59.84 -9.54 -14.08
N LYS B 147 -61.02 -10.13 -14.27
CA LYS B 147 -61.24 -11.02 -15.40
C LYS B 147 -62.54 -10.70 -16.13
N TRP B 148 -62.57 -11.07 -17.40
CA TRP B 148 -63.69 -10.81 -18.29
C TRP B 148 -64.50 -12.08 -18.50
N LYS B 149 -65.82 -11.97 -18.31
CA LYS B 149 -66.73 -13.06 -18.64
C LYS B 149 -67.63 -12.63 -19.78
N ILE B 150 -67.57 -13.39 -20.88
CA ILE B 150 -68.39 -13.12 -22.06
C ILE B 150 -69.39 -14.26 -22.24
N ASP B 151 -70.68 -13.92 -22.10
CA ASP B 151 -71.78 -14.90 -22.06
C ASP B 151 -71.51 -16.03 -21.05
N GLY B 152 -71.00 -15.66 -19.88
CA GLY B 152 -70.79 -16.58 -18.77
C GLY B 152 -69.44 -17.27 -18.71
N SER B 153 -68.73 -17.28 -19.84
CA SER B 153 -67.45 -17.99 -19.96
C SER B 153 -66.27 -17.03 -19.85
N GLU B 154 -65.24 -17.46 -19.12
CA GLU B 154 -64.06 -16.63 -18.88
C GLU B 154 -63.26 -16.44 -20.17
N ARG B 155 -62.94 -15.18 -20.47
CA ARG B 155 -62.16 -14.83 -21.66
C ARG B 155 -60.74 -14.49 -21.27
N GLN B 156 -59.78 -15.09 -21.97
CA GLN B 156 -58.38 -14.89 -21.66
C GLN B 156 -57.79 -13.72 -22.45
N ASN B 157 -57.78 -13.85 -23.79
CA ASN B 157 -56.95 -12.95 -24.62
C ASN B 157 -57.70 -11.78 -25.24
N GLY B 158 -56.93 -10.77 -25.66
CA GLY B 158 -57.46 -9.49 -26.10
C GLY B 158 -57.37 -8.44 -24.99
N VAL B 159 -57.23 -8.89 -23.75
CA VAL B 159 -57.27 -8.02 -22.58
C VAL B 159 -55.96 -7.26 -22.41
N LEU B 160 -56.03 -5.93 -22.35
CA LEU B 160 -54.88 -5.09 -22.03
C LEU B 160 -55.16 -4.29 -20.77
N ASN B 161 -54.35 -4.52 -19.76
CA ASN B 161 -54.53 -3.91 -18.45
C ASN B 161 -53.51 -2.80 -18.22
N SER B 162 -53.92 -1.79 -17.47
CA SER B 162 -53.05 -0.67 -17.13
C SER B 162 -53.38 -0.16 -15.73
N TRP B 163 -52.37 0.31 -15.03
CA TRP B 163 -52.52 0.75 -13.64
C TRP B 163 -51.93 2.14 -13.47
N THR B 164 -52.61 3.00 -12.70
CA THR B 164 -52.06 4.30 -12.36
C THR B 164 -51.14 4.18 -11.18
N ASP B 165 -50.31 5.19 -11.00
CA ASP B 165 -49.53 5.33 -9.78
C ASP B 165 -50.46 5.90 -8.71
N GLN B 166 -50.08 5.77 -7.45
CA GLN B 166 -50.90 6.24 -6.34
C GLN B 166 -51.36 7.68 -6.55
N ASP B 167 -52.64 7.92 -6.31
CA ASP B 167 -53.24 9.24 -6.51
C ASP B 167 -52.72 10.21 -5.44
N SER B 168 -52.43 11.43 -5.85
CA SER B 168 -51.87 12.44 -4.95
C SER B 168 -52.92 13.06 -4.04
N LYS B 169 -54.20 12.96 -4.43
CA LYS B 169 -55.30 13.54 -3.66
C LYS B 169 -55.88 12.61 -2.60
N ASP B 170 -56.17 11.36 -2.98
CA ASP B 170 -56.79 10.42 -2.04
C ASP B 170 -55.98 9.14 -1.79
N SER B 171 -54.77 9.08 -2.34
CA SER B 171 -53.84 7.98 -2.07
C SER B 171 -54.33 6.60 -2.54
N THR B 172 -55.37 6.58 -3.37
CA THR B 172 -55.85 5.34 -3.95
C THR B 172 -55.08 5.01 -5.23
N TYR B 173 -55.31 3.81 -5.73
CA TYR B 173 -54.88 3.40 -7.05
C TYR B 173 -56.12 3.28 -7.93
N SER B 174 -55.90 3.07 -9.22
CA SER B 174 -56.98 2.86 -10.18
C SER B 174 -56.45 2.04 -11.34
N MET B 175 -57.30 1.21 -11.93
CA MET B 175 -56.87 0.29 -12.98
C MET B 175 -57.85 0.31 -14.15
N SER B 176 -57.31 0.09 -15.34
CA SER B 176 -58.09 0.09 -16.59
C SER B 176 -57.91 -1.23 -17.33
N SER B 177 -59.00 -1.82 -17.83
CA SER B 177 -58.94 -3.07 -18.60
C SER B 177 -59.64 -2.94 -19.94
N THR B 178 -58.95 -3.34 -21.02
CA THR B 178 -59.47 -3.20 -22.37
C THR B 178 -59.48 -4.54 -23.12
N LEU B 179 -60.68 -5.02 -23.43
CA LEU B 179 -60.87 -6.22 -24.22
C LEU B 179 -61.19 -5.79 -25.64
N THR B 180 -60.25 -5.98 -26.55
CA THR B 180 -60.46 -5.63 -27.96
C THR B 180 -60.91 -6.84 -28.77
N LEU B 181 -62.04 -6.71 -29.45
CA LEU B 181 -62.55 -7.73 -30.36
C LEU B 181 -62.71 -7.14 -31.74
N THR B 182 -62.98 -7.99 -32.72
CA THR B 182 -63.47 -7.53 -34.00
C THR B 182 -64.95 -7.26 -33.84
N LYS B 183 -65.47 -6.33 -34.64
CA LYS B 183 -66.89 -6.00 -34.61
C LYS B 183 -67.74 -7.27 -34.62
N ASP B 184 -67.43 -8.18 -35.54
CA ASP B 184 -68.29 -9.33 -35.77
C ASP B 184 -68.11 -10.45 -34.77
N GLU B 185 -67.02 -10.46 -34.01
CA GLU B 185 -66.95 -11.35 -32.85
C GLU B 185 -67.79 -10.76 -31.75
N TYR B 186 -67.71 -9.44 -31.61
CA TYR B 186 -68.49 -8.71 -30.62
C TYR B 186 -70.00 -8.97 -30.78
N GLU B 187 -70.49 -8.87 -32.01
CA GLU B 187 -71.92 -9.07 -32.27
C GLU B 187 -72.38 -10.53 -32.14
N ARG B 188 -71.44 -11.49 -32.14
CA ARG B 188 -71.75 -12.90 -31.85
C ARG B 188 -72.02 -13.21 -30.37
N HIS B 189 -71.88 -12.21 -29.48
CA HIS B 189 -72.21 -12.39 -28.07
C HIS B 189 -73.00 -11.21 -27.53
N ASN B 190 -73.73 -11.43 -26.43
CA ASN B 190 -74.61 -10.39 -25.87
C ASN B 190 -74.19 -9.90 -24.48
N SER B 191 -73.84 -10.82 -23.58
CA SER B 191 -73.50 -10.47 -22.21
C SER B 191 -71.99 -10.32 -22.03
N TYR B 192 -71.56 -9.14 -21.60
CA TYR B 192 -70.15 -8.85 -21.32
C TYR B 192 -69.98 -8.40 -19.88
N THR B 193 -69.20 -9.14 -19.12
CA THR B 193 -69.05 -8.90 -17.69
C THR B 193 -67.61 -8.55 -17.34
N CYS B 194 -67.43 -7.48 -16.58
CA CYS B 194 -66.13 -7.14 -16.01
C CYS B 194 -66.15 -7.50 -14.53
N GLU B 195 -65.36 -8.50 -14.15
CA GLU B 195 -65.44 -9.08 -12.82
C GLU B 195 -64.14 -8.84 -12.03
N ALA B 196 -64.25 -8.12 -10.90
CA ALA B 196 -63.08 -7.68 -10.15
C ALA B 196 -62.96 -8.38 -8.79
N THR B 197 -61.73 -8.77 -8.44
CA THR B 197 -61.47 -9.41 -7.15
C THR B 197 -60.50 -8.56 -6.33
N HIS B 198 -60.88 -8.28 -5.08
CA HIS B 198 -60.13 -7.37 -4.21
C HIS B 198 -60.37 -7.76 -2.74
N LYS B 199 -59.43 -7.43 -1.86
CA LYS B 199 -59.49 -7.92 -0.49
C LYS B 199 -60.62 -7.31 0.35
N THR B 200 -61.14 -6.18 -0.08
CA THR B 200 -62.26 -5.54 0.60
C THR B 200 -63.53 -6.39 0.56
N SER B 201 -63.74 -7.08 -0.57
CA SER B 201 -64.91 -7.92 -0.76
C SER B 201 -64.53 -9.37 -1.05
N THR B 202 -65.01 -10.29 -0.23
CA THR B 202 -64.80 -11.73 -0.45
C THR B 202 -65.49 -12.25 -1.71
N SER B 203 -66.66 -11.71 -2.04
CA SER B 203 -67.34 -12.02 -3.29
C SER B 203 -67.04 -10.94 -4.34
N PRO B 204 -66.65 -11.37 -5.57
CA PRO B 204 -66.15 -10.41 -6.57
C PRO B 204 -67.19 -9.40 -7.06
N ILE B 205 -66.75 -8.16 -7.28
CA ILE B 205 -67.60 -7.10 -7.83
C ILE B 205 -67.83 -7.32 -9.32
N VAL B 206 -69.09 -7.24 -9.74
CA VAL B 206 -69.49 -7.60 -11.10
C VAL B 206 -70.23 -6.42 -11.75
N LYS B 207 -69.75 -6.00 -12.91
CA LYS B 207 -70.44 -5.01 -13.74
C LYS B 207 -70.62 -5.58 -15.15
N SER B 208 -71.84 -5.49 -15.67
CA SER B 208 -72.19 -6.05 -16.98
C SER B 208 -73.08 -5.13 -17.80
N PHE B 209 -73.13 -5.40 -19.10
CA PHE B 209 -74.15 -4.83 -19.98
C PHE B 209 -74.58 -5.87 -21.00
N ASN B 210 -75.81 -5.77 -21.48
CA ASN B 210 -76.25 -6.53 -22.63
C ASN B 210 -75.99 -5.70 -23.88
N ARG B 211 -75.57 -6.34 -24.97
CA ARG B 211 -75.36 -5.63 -26.22
C ARG B 211 -76.64 -4.93 -26.72
N ASN B 212 -77.80 -5.32 -26.17
CA ASN B 212 -79.08 -4.65 -26.44
C ASN B 212 -79.66 -3.93 -25.20
N GLU B 213 -79.34 -2.63 -25.05
CA GLU B 213 -79.92 -1.84 -23.95
C GLU B 213 -81.44 -1.82 -24.05
N VAL C 2 7.98 23.87 -10.65
CA VAL C 2 7.14 24.16 -9.44
C VAL C 2 7.97 24.92 -8.41
N GLN C 3 7.53 26.12 -8.03
CA GLN C 3 8.30 26.96 -7.12
C GLN C 3 7.50 28.09 -6.47
N LEU C 4 8.13 28.71 -5.47
CA LEU C 4 7.58 29.86 -4.74
C LEU C 4 8.56 31.01 -4.78
N GLN C 5 8.11 32.17 -5.25
CA GLN C 5 8.95 33.36 -5.32
C GLN C 5 8.50 34.36 -4.26
N GLN C 6 9.45 34.84 -3.44
CA GLN C 6 9.15 35.81 -2.39
C GLN C 6 9.77 37.17 -2.68
N SER C 7 9.11 38.23 -2.21
CA SER C 7 9.59 39.60 -2.38
C SER C 7 10.88 39.84 -1.61
N GLY C 8 11.66 40.83 -2.06
CA GLY C 8 13.00 41.09 -1.50
C GLY C 8 13.01 41.71 -0.12
N ALA C 9 14.22 41.93 0.41
CA ALA C 9 14.41 42.44 1.77
C ALA C 9 13.61 43.73 2.05
N GLU C 10 13.26 43.94 3.32
CA GLU C 10 12.46 45.10 3.73
C GLU C 10 12.96 45.71 5.04
N LEU C 11 13.33 46.99 4.98
CA LEU C 11 13.68 47.76 6.18
C LEU C 11 12.54 48.71 6.51
N VAL C 12 12.03 48.62 7.73
CA VAL C 12 10.88 49.45 8.15
C VAL C 12 11.00 49.94 9.60
N LYS C 13 10.21 50.96 9.94
CA LYS C 13 10.29 51.63 11.24
C LYS C 13 9.44 50.90 12.29
N PRO C 14 9.72 51.15 13.58
CA PRO C 14 8.85 50.68 14.66
C PRO C 14 7.42 51.24 14.56
N GLY C 15 6.44 50.44 14.96
CA GLY C 15 5.04 50.86 14.93
C GLY C 15 4.40 50.86 13.55
N ALA C 16 5.18 50.61 12.51
CA ALA C 16 4.68 50.63 11.13
C ALA C 16 4.10 49.25 10.76
N SER C 17 3.68 49.12 9.51
CA SER C 17 3.28 47.82 8.96
C SER C 17 4.10 47.51 7.73
N VAL C 18 4.17 46.23 7.37
CA VAL C 18 4.79 45.81 6.12
C VAL C 18 4.02 44.61 5.57
N LYS C 19 4.02 44.46 4.25
CA LYS C 19 3.31 43.38 3.58
C LYS C 19 4.28 42.61 2.69
N LEU C 20 4.40 41.30 2.94
CA LEU C 20 5.29 40.42 2.18
C LEU C 20 4.46 39.60 1.21
N SER C 21 5.05 39.20 0.09
CA SER C 21 4.31 38.45 -0.94
C SER C 21 4.98 37.13 -1.30
N CYS C 22 4.17 36.19 -1.78
CA CYS C 22 4.62 34.86 -2.12
C CYS C 22 3.85 34.35 -3.34
N THR C 23 4.45 34.47 -4.52
CA THR C 23 3.84 34.02 -5.77
C THR C 23 4.27 32.59 -6.06
N SER C 24 3.30 31.69 -6.18
CA SER C 24 3.56 30.32 -6.59
C SER C 24 3.40 30.22 -8.09
N SER C 25 3.94 29.15 -8.66
CA SER C 25 3.77 28.87 -10.09
C SER C 25 4.03 27.38 -10.35
N GLY C 26 3.19 26.77 -11.18
CA GLY C 26 3.34 25.39 -11.58
C GLY C 26 2.70 24.35 -10.67
N PHE C 27 1.98 24.78 -9.65
CA PHE C 27 1.43 23.84 -8.66
C PHE C 27 0.28 23.00 -9.23
N ASN C 28 0.35 21.69 -9.01
CA ASN C 28 -0.63 20.75 -9.53
C ASN C 28 -1.97 20.77 -8.81
N ASN C 29 -1.94 20.92 -7.49
CA ASN C 29 -3.14 20.90 -6.67
C ASN C 29 -3.44 22.32 -6.18
N LYS C 30 -4.63 22.81 -6.55
CA LYS C 30 -4.98 24.22 -6.37
C LYS C 30 -5.45 24.57 -4.94
N ASP C 31 -5.91 23.57 -4.19
CA ASP C 31 -6.59 23.81 -2.91
C ASP C 31 -5.63 23.71 -1.70
N THR C 32 -4.34 23.83 -1.98
CA THR C 32 -3.31 23.50 -1.03
C THR C 32 -2.84 24.80 -0.36
N PHE C 33 -2.75 24.80 0.97
CA PHE C 33 -2.61 26.05 1.73
C PHE C 33 -1.28 26.77 1.46
N PHE C 34 -1.29 28.09 1.49
CA PHE C 34 -0.06 28.88 1.56
C PHE C 34 0.21 29.06 3.03
N GLN C 35 1.43 28.76 3.47
CA GLN C 35 1.79 28.87 4.89
C GLN C 35 2.95 29.82 5.07
N TRP C 36 2.98 30.51 6.20
CA TRP C 36 4.08 31.42 6.53
C TRP C 36 4.81 30.99 7.80
N VAL C 37 6.13 30.97 7.73
CA VAL C 37 6.99 30.53 8.83
C VAL C 37 7.97 31.64 9.16
N LYS C 38 8.25 31.82 10.45
CA LYS C 38 9.20 32.83 10.95
C LYS C 38 10.43 32.16 11.54
N GLN C 39 11.63 32.61 11.15
CA GLN C 39 12.88 32.12 11.73
C GLN C 39 13.78 33.28 12.16
N ARG C 40 13.96 33.44 13.47
CA ARG C 40 14.93 34.41 14.01
C ARG C 40 16.34 33.86 13.80
N PRO C 41 17.33 34.74 13.60
CA PRO C 41 18.64 34.19 13.27
C PRO C 41 19.20 33.33 14.42
N GLU C 42 19.65 32.12 14.10
CA GLU C 42 20.17 31.14 15.07
C GLU C 42 19.06 30.41 15.85
N GLU C 43 17.80 30.72 15.57
CA GLU C 43 16.66 30.14 16.30
C GLU C 43 15.87 29.18 15.41
N GLY C 44 14.85 28.54 16.00
CA GLY C 44 14.03 27.58 15.29
C GLY C 44 12.93 28.19 14.45
N LEU C 45 12.29 27.33 13.66
CA LEU C 45 11.20 27.71 12.77
C LEU C 45 9.91 27.89 13.58
N GLU C 46 9.29 29.06 13.48
CA GLU C 46 8.00 29.33 14.13
C GLU C 46 6.89 29.43 13.09
N TRP C 47 5.87 28.58 13.21
CA TRP C 47 4.74 28.58 12.28
C TRP C 47 3.80 29.73 12.57
N ILE C 48 3.65 30.65 11.63
CA ILE C 48 2.76 31.80 11.81
C ILE C 48 1.31 31.40 11.54
N GLY C 49 1.04 30.96 10.32
CA GLY C 49 -0.32 30.62 9.93
C GLY C 49 -0.45 30.19 8.49
N ARG C 50 -1.68 29.95 8.06
CA ARG C 50 -1.95 29.53 6.69
C ARG C 50 -3.23 30.15 6.17
N ILE C 51 -3.47 29.97 4.88
CA ILE C 51 -4.70 30.40 4.26
C ILE C 51 -5.09 29.43 3.15
N ASP C 52 -6.38 29.06 3.12
CA ASP C 52 -6.94 28.25 2.04
C ASP C 52 -7.22 29.17 0.85
N PRO C 53 -6.60 28.88 -0.32
CA PRO C 53 -6.85 29.70 -1.50
C PRO C 53 -8.26 29.56 -2.10
N ALA C 54 -8.97 28.48 -1.76
CA ALA C 54 -10.30 28.22 -2.31
C ALA C 54 -11.39 29.12 -1.67
N ASN C 55 -11.28 29.33 -0.36
CA ASN C 55 -12.29 30.12 0.38
C ASN C 55 -11.72 31.26 1.25
N GLY C 56 -10.40 31.41 1.27
CA GLY C 56 -9.77 32.48 2.03
C GLY C 56 -9.74 32.30 3.55
N PHE C 57 -10.11 31.11 4.03
CA PHE C 57 -10.11 30.83 5.46
C PHE C 57 -8.67 30.77 5.99
N THR C 58 -8.46 31.29 7.19
CA THR C 58 -7.11 31.35 7.76
C THR C 58 -7.06 30.73 9.14
N LYS C 59 -5.88 30.21 9.48
CA LYS C 59 -5.59 29.76 10.84
C LYS C 59 -4.22 30.30 11.25
N TYR C 60 -4.10 30.67 12.52
CA TYR C 60 -2.89 31.26 13.07
C TYR C 60 -2.52 30.58 14.37
N ASP C 61 -1.22 30.53 14.65
CA ASP C 61 -0.76 30.23 16.00
C ASP C 61 -1.15 31.44 16.85
N PRO C 62 -1.71 31.19 18.04
CA PRO C 62 -2.10 32.30 18.93
C PRO C 62 -0.99 33.33 19.19
N LYS C 63 0.28 32.91 19.11
CA LYS C 63 1.41 33.85 19.21
C LYS C 63 1.37 34.98 18.18
N PHE C 64 0.69 34.77 17.06
CA PHE C 64 0.66 35.78 16.00
C PHE C 64 -0.73 36.37 15.76
N GLN C 65 -1.73 35.88 16.48
CA GLN C 65 -3.09 36.42 16.37
C GLN C 65 -3.06 37.91 16.70
N GLY C 66 -3.43 38.74 15.72
CA GLY C 66 -3.34 40.19 15.89
C GLY C 66 -2.02 40.78 15.40
N LYS C 67 -0.97 39.97 15.37
CA LYS C 67 0.33 40.41 14.83
C LYS C 67 0.32 40.30 13.32
N ALA C 68 -0.16 39.17 12.82
CA ALA C 68 -0.12 38.85 11.40
C ALA C 68 -1.51 38.72 10.80
N THR C 69 -1.62 39.09 9.53
CA THR C 69 -2.83 38.85 8.75
C THR C 69 -2.41 38.32 7.39
N ILE C 70 -2.82 37.09 7.09
CA ILE C 70 -2.50 36.46 5.82
C ILE C 70 -3.70 36.58 4.89
N THR C 71 -3.44 37.04 3.67
CA THR C 71 -4.49 37.09 2.63
C THR C 71 -4.01 36.32 1.40
N VAL C 72 -4.94 36.08 0.48
CA VAL C 72 -4.62 35.36 -0.74
C VAL C 72 -5.31 35.99 -1.95
N ASP C 73 -4.53 36.17 -3.00
CA ASP C 73 -5.05 36.57 -4.31
C ASP C 73 -4.97 35.34 -5.22
N THR C 74 -5.96 34.47 -5.11
CA THR C 74 -5.95 33.18 -5.81
C THR C 74 -5.89 33.34 -7.33
N SER C 75 -6.23 34.53 -7.84
CA SER C 75 -6.08 34.85 -9.25
C SER C 75 -4.60 34.83 -9.67
N SER C 76 -3.77 35.61 -8.98
CA SER C 76 -2.36 35.73 -9.32
C SER C 76 -1.46 34.74 -8.57
N ASN C 77 -2.06 33.73 -7.94
CA ASN C 77 -1.33 32.74 -7.15
C ASN C 77 -0.38 33.36 -6.12
N THR C 78 -0.71 34.58 -5.68
CA THR C 78 0.12 35.27 -4.71
C THR C 78 -0.58 35.27 -3.38
N ALA C 79 0.17 34.88 -2.34
CA ALA C 79 -0.29 34.98 -0.96
C ALA C 79 0.51 36.08 -0.29
N TYR C 80 -0.13 36.78 0.64
CA TYR C 80 0.48 37.91 1.32
C TYR C 80 0.49 37.70 2.82
N LEU C 81 1.52 38.25 3.47
CA LEU C 81 1.60 38.27 4.93
C LEU C 81 1.79 39.71 5.37
N GLN C 82 0.82 40.23 6.11
CA GLN C 82 0.92 41.58 6.66
C GLN C 82 1.30 41.50 8.14
N LEU C 83 2.30 42.28 8.53
CA LEU C 83 2.80 42.31 9.89
C LEU C 83 2.72 43.72 10.43
N ASN C 84 1.92 43.91 11.48
CA ASN C 84 1.59 45.24 11.98
C ASN C 84 2.00 45.44 13.44
N SER C 85 2.06 46.69 13.87
CA SER C 85 2.56 47.08 15.20
C SER C 85 3.97 46.52 15.41
N LEU C 86 4.86 46.81 14.48
CA LEU C 86 6.18 46.17 14.43
C LEU C 86 7.10 46.59 15.58
N THR C 87 7.89 45.62 16.06
CA THR C 87 8.98 45.88 17.00
C THR C 87 10.21 45.13 16.51
N SER C 88 11.31 45.23 17.26
CA SER C 88 12.53 44.49 16.97
C SER C 88 12.32 42.98 17.15
N GLU C 89 11.32 42.61 17.95
CA GLU C 89 10.92 41.22 18.11
C GLU C 89 10.39 40.60 16.80
N ASP C 90 9.91 41.46 15.89
CA ASP C 90 9.44 41.00 14.58
C ASP C 90 10.56 40.94 13.54
N THR C 91 11.75 41.45 13.89
CA THR C 91 12.92 41.33 13.00
C THR C 91 13.25 39.86 12.84
N ALA C 92 13.14 39.36 11.62
CA ALA C 92 13.32 37.93 11.36
C ALA C 92 13.29 37.61 9.87
N LEU C 93 13.59 36.36 9.55
CA LEU C 93 13.43 35.81 8.21
C LEU C 93 12.06 35.15 8.12
N TYR C 94 11.29 35.54 7.11
CA TYR C 94 9.94 35.04 6.93
C TYR C 94 9.86 34.18 5.68
N TYR C 95 9.52 32.90 5.87
CA TYR C 95 9.40 31.94 4.78
C TYR C 95 7.93 31.72 4.46
N CYS C 96 7.59 31.64 3.17
CA CYS C 96 6.33 31.06 2.78
C CYS C 96 6.64 29.66 2.31
N THR C 97 5.80 28.70 2.69
CA THR C 97 5.92 27.32 2.24
C THR C 97 4.56 26.82 1.78
N ARG C 98 4.55 25.84 0.87
CA ARG C 98 3.32 25.35 0.29
C ARG C 98 3.48 23.94 -0.25
N TRP C 99 2.64 23.02 0.22
CA TRP C 99 2.69 21.64 -0.23
C TRP C 99 1.97 21.46 -1.56
N ASP C 100 2.26 20.36 -2.23
CA ASP C 100 1.60 20.01 -3.47
C ASP C 100 1.45 18.52 -3.51
N THR C 101 0.46 18.04 -4.26
CA THR C 101 0.24 16.62 -4.47
C THR C 101 0.27 16.32 -5.96
N TYR C 102 0.92 15.21 -6.34
CA TYR C 102 0.82 14.65 -7.68
C TYR C 102 0.62 13.16 -7.51
N GLY C 103 -0.51 12.63 -7.99
CA GLY C 103 -0.86 11.26 -7.72
C GLY C 103 -0.98 11.04 -6.22
N ALA C 104 -0.41 9.94 -5.73
CA ALA C 104 -0.49 9.62 -4.30
C ALA C 104 0.61 10.29 -3.45
N ALA C 105 1.57 10.95 -4.11
CA ALA C 105 2.71 11.55 -3.43
C ALA C 105 2.45 12.99 -3.03
N TRP C 106 3.12 13.42 -1.96
CA TRP C 106 3.10 14.81 -1.52
C TRP C 106 4.47 15.43 -1.77
N PHE C 107 4.49 16.76 -1.89
CA PHE C 107 5.71 17.53 -2.11
C PHE C 107 5.63 18.81 -1.31
N ALA C 108 6.72 19.20 -0.66
CA ALA C 108 6.81 20.49 0.01
C ALA C 108 7.75 21.41 -0.74
N TYR C 109 7.40 22.69 -0.79
CA TYR C 109 8.21 23.71 -1.43
C TYR C 109 8.35 24.89 -0.48
N TRP C 110 9.41 25.65 -0.66
CA TRP C 110 9.69 26.78 0.21
C TRP C 110 10.20 27.93 -0.64
N GLY C 111 9.68 29.13 -0.40
CA GLY C 111 10.31 30.34 -0.93
C GLY C 111 11.72 30.52 -0.38
N GLN C 112 12.44 31.50 -0.89
CA GLN C 112 13.83 31.73 -0.49
C GLN C 112 13.95 32.47 0.85
N GLY C 113 12.82 32.98 1.33
CA GLY C 113 12.75 33.74 2.58
C GLY C 113 12.85 35.23 2.33
N THR C 114 12.07 36.01 3.06
CA THR C 114 12.16 37.47 3.04
C THR C 114 12.59 37.98 4.41
N LEU C 115 13.79 38.57 4.48
CA LEU C 115 14.29 39.16 5.73
C LEU C 115 13.62 40.51 5.98
N VAL C 116 13.06 40.68 7.18
CA VAL C 116 12.44 41.93 7.60
C VAL C 116 13.22 42.51 8.79
N THR C 117 13.82 43.68 8.61
CA THR C 117 14.52 44.36 9.71
C THR C 117 13.69 45.55 10.19
N VAL C 118 13.26 45.51 11.44
CA VAL C 118 12.55 46.62 12.07
C VAL C 118 13.58 47.52 12.76
N SER C 119 13.67 48.77 12.31
CA SER C 119 14.62 49.71 12.90
C SER C 119 14.29 51.16 12.52
N ALA C 120 14.50 52.06 13.47
CA ALA C 120 14.34 53.49 13.24
C ALA C 120 15.58 54.08 12.55
N ALA C 121 16.66 53.31 12.51
CA ALA C 121 17.91 53.77 11.90
C ALA C 121 17.80 53.92 10.39
N LYS C 122 18.55 54.88 9.86
CA LYS C 122 18.68 55.10 8.42
C LYS C 122 19.52 53.99 7.81
N THR C 123 19.31 53.75 6.52
CA THR C 123 20.15 52.84 5.75
C THR C 123 21.55 53.39 5.69
N THR C 124 22.54 52.51 5.62
CA THR C 124 23.92 52.93 5.45
C THR C 124 24.58 52.00 4.43
N PRO C 125 24.95 52.53 3.25
CA PRO C 125 25.60 51.68 2.26
C PRO C 125 27.01 51.26 2.71
N PRO C 126 27.53 50.15 2.14
CA PRO C 126 28.79 49.58 2.59
C PRO C 126 30.02 50.29 2.05
N SER C 127 31.16 50.00 2.65
CA SER C 127 32.46 50.43 2.13
C SER C 127 33.21 49.18 1.68
N VAL C 128 33.30 49.00 0.37
CA VAL C 128 33.93 47.81 -0.21
C VAL C 128 35.42 48.08 -0.44
N TYR C 129 36.26 47.37 0.32
CA TYR C 129 37.70 47.54 0.25
C TYR C 129 38.35 46.27 -0.29
N PRO C 130 39.15 46.37 -1.36
CA PRO C 130 39.84 45.20 -1.89
C PRO C 130 41.05 44.79 -1.04
N LEU C 131 41.26 43.49 -0.89
CA LEU C 131 42.34 42.96 -0.05
C LEU C 131 43.31 42.11 -0.87
N ALA C 132 44.57 42.52 -0.90
CA ALA C 132 45.63 41.78 -1.59
C ALA C 132 46.88 41.69 -0.71
N PRO C 133 47.67 40.62 -0.86
CA PRO C 133 48.87 40.46 -0.04
C PRO C 133 50.05 41.25 -0.60
N SER C 141 51.73 28.96 -6.05
CA SER C 141 50.93 27.74 -6.13
C SER C 141 49.43 28.03 -5.97
N MET C 142 49.05 28.58 -4.81
CA MET C 142 47.66 28.95 -4.52
C MET C 142 47.60 30.27 -3.75
N VAL C 143 46.90 31.25 -4.30
CA VAL C 143 46.81 32.59 -3.69
C VAL C 143 45.40 32.89 -3.20
N THR C 144 45.30 33.38 -1.96
CA THR C 144 44.04 33.81 -1.37
C THR C 144 43.90 35.32 -1.52
N LEU C 145 42.68 35.76 -1.80
CA LEU C 145 42.35 37.17 -1.89
C LEU C 145 41.07 37.40 -1.09
N GLY C 146 40.78 38.66 -0.78
CA GLY C 146 39.62 38.99 0.04
C GLY C 146 38.90 40.27 -0.37
N CYS C 147 37.82 40.56 0.34
CA CYS C 147 36.99 41.72 0.09
C CYS C 147 36.29 42.10 1.40
N LEU C 148 36.68 43.22 1.98
CA LEU C 148 36.09 43.70 3.23
C LEU C 148 34.91 44.62 2.91
N VAL C 149 33.72 44.20 3.33
CA VAL C 149 32.50 44.97 3.10
C VAL C 149 32.07 45.55 4.44
N LYS C 150 32.44 46.80 4.70
CA LYS C 150 32.43 47.35 6.05
C LYS C 150 31.40 48.44 6.26
N GLY C 151 30.84 48.47 7.47
CA GLY C 151 30.00 49.58 7.92
C GLY C 151 28.74 49.80 7.13
N TYR C 152 27.93 48.75 7.00
CA TYR C 152 26.64 48.86 6.32
C TYR C 152 25.48 48.55 7.26
N PHE C 153 24.31 49.11 6.95
CA PHE C 153 23.07 48.76 7.63
C PHE C 153 21.91 48.89 6.65
N PRO C 154 20.99 47.91 6.65
CA PRO C 154 20.90 46.71 7.47
C PRO C 154 21.49 45.47 6.78
N GLU C 155 21.30 44.31 7.41
CA GLU C 155 21.53 43.03 6.76
C GLU C 155 20.41 42.88 5.72
N PRO C 156 20.65 42.22 4.58
CA PRO C 156 21.81 41.46 4.13
C PRO C 156 22.66 42.15 3.06
N VAL C 157 23.77 41.49 2.72
CA VAL C 157 24.64 41.87 1.63
C VAL C 157 24.95 40.61 0.82
N THR C 158 24.91 40.73 -0.51
CA THR C 158 25.27 39.61 -1.40
C THR C 158 26.65 39.82 -1.98
N VAL C 159 27.50 38.80 -1.85
CA VAL C 159 28.88 38.85 -2.33
C VAL C 159 29.11 37.74 -3.35
N THR C 160 29.80 38.06 -4.44
CA THR C 160 30.21 37.08 -5.44
C THR C 160 31.60 37.40 -5.96
N TRP C 161 32.17 36.46 -6.71
CA TRP C 161 33.50 36.63 -7.30
C TRP C 161 33.46 36.26 -8.77
N ASN C 162 33.92 37.18 -9.63
CA ASN C 162 33.83 37.02 -11.08
C ASN C 162 32.46 36.50 -11.51
N SER C 163 31.42 37.24 -11.10
CA SER C 163 30.04 36.98 -11.53
C SER C 163 29.60 35.52 -11.37
N GLY C 164 30.05 34.88 -10.29
CA GLY C 164 29.66 33.51 -9.98
C GLY C 164 30.51 32.42 -10.64
N SER C 165 31.44 32.79 -11.51
CA SER C 165 32.34 31.82 -12.14
C SER C 165 33.31 31.24 -11.12
N LEU C 166 33.77 32.10 -10.20
CA LEU C 166 34.52 31.65 -9.02
C LEU C 166 33.50 31.39 -7.91
N SER C 167 33.29 30.11 -7.61
CA SER C 167 32.39 29.70 -6.53
C SER C 167 33.09 28.77 -5.54
N SER C 168 33.81 27.76 -6.05
CA SER C 168 34.65 26.91 -5.20
C SER C 168 35.83 27.72 -4.66
N GLY C 169 36.21 27.43 -3.42
CA GLY C 169 37.28 28.15 -2.72
C GLY C 169 36.79 29.34 -1.92
N VAL C 170 35.55 29.76 -2.16
CA VAL C 170 34.98 30.94 -1.54
C VAL C 170 34.56 30.66 -0.11
N HIS C 171 34.92 31.55 0.80
CA HIS C 171 34.38 31.57 2.16
C HIS C 171 33.85 32.96 2.45
N THR C 172 32.53 33.09 2.47
CA THR C 172 31.89 34.35 2.87
C THR C 172 31.45 34.21 4.33
N PHE C 173 31.92 35.14 5.17
CA PHE C 173 31.74 35.02 6.60
C PHE C 173 30.55 35.83 7.08
N PRO C 174 29.85 35.36 8.13
CA PRO C 174 28.69 36.09 8.61
C PRO C 174 29.05 37.47 9.16
N ALA C 175 28.12 38.41 9.04
CA ALA C 175 28.34 39.78 9.48
C ALA C 175 28.47 39.88 11.00
N VAL C 176 29.24 40.86 11.45
CA VAL C 176 29.34 41.19 12.87
C VAL C 176 28.87 42.63 13.09
N LEU C 177 28.07 42.82 14.14
CA LEU C 177 27.47 44.11 14.43
C LEU C 177 28.18 44.80 15.59
N GLN C 178 28.73 46.00 15.33
CA GLN C 178 29.25 46.86 16.38
C GLN C 178 28.95 48.34 16.06
N SER C 179 28.53 49.08 17.07
CA SER C 179 28.11 50.48 16.92
C SER C 179 27.06 50.62 15.82
N ASP C 180 26.05 49.75 15.84
CA ASP C 180 24.91 49.80 14.93
C ASP C 180 25.27 49.74 13.44
N LEU C 181 26.37 49.06 13.13
CA LEU C 181 26.83 48.90 11.75
C LEU C 181 27.48 47.53 11.53
N TYR C 182 27.11 46.87 10.43
CA TYR C 182 27.61 45.53 10.11
C TYR C 182 28.91 45.56 9.28
N THR C 183 29.68 44.49 9.40
CA THR C 183 30.94 44.34 8.67
C THR C 183 31.18 42.86 8.44
N LEU C 184 31.48 42.50 7.19
CA LEU C 184 31.83 41.13 6.88
C LEU C 184 33.03 41.07 5.94
N SER C 185 33.53 39.85 5.75
CA SER C 185 34.63 39.58 4.84
C SER C 185 34.24 38.42 3.94
N SER C 186 34.90 38.31 2.80
CA SER C 186 34.79 37.15 1.93
C SER C 186 36.16 36.84 1.36
N SER C 187 36.62 35.61 1.53
CA SER C 187 37.88 35.18 0.91
C SER C 187 37.57 34.29 -0.30
N VAL C 188 38.42 34.40 -1.31
CA VAL C 188 38.43 33.46 -2.45
C VAL C 188 39.88 33.06 -2.69
N THR C 189 40.12 31.77 -2.89
CA THR C 189 41.48 31.25 -3.07
C THR C 189 41.57 30.54 -4.43
N VAL C 190 42.48 31.00 -5.28
CA VAL C 190 42.62 30.51 -6.66
C VAL C 190 44.09 30.22 -6.97
N PRO C 191 44.37 29.62 -8.15
CA PRO C 191 45.77 29.38 -8.53
C PRO C 191 46.54 30.65 -8.92
N SER C 192 47.87 30.57 -8.86
CA SER C 192 48.74 31.66 -9.31
C SER C 192 48.64 31.85 -10.83
N SER C 193 48.19 30.81 -11.53
CA SER C 193 47.87 30.90 -12.96
C SER C 193 46.82 31.98 -13.23
N THR C 194 45.77 31.98 -12.42
CA THR C 194 44.60 32.84 -12.67
C THR C 194 44.76 34.29 -12.17
N TRP C 195 45.72 34.53 -11.28
CA TRP C 195 45.92 35.87 -10.72
C TRP C 195 47.40 36.06 -10.40
N PRO C 196 47.97 37.24 -10.72
CA PRO C 196 47.34 38.45 -11.27
C PRO C 196 47.14 38.47 -12.79
N SER C 197 47.70 37.51 -13.52
CA SER C 197 47.64 37.49 -14.98
C SER C 197 46.25 37.80 -15.52
N GLU C 198 45.23 37.11 -15.01
CA GLU C 198 43.83 37.43 -15.31
C GLU C 198 43.20 38.16 -14.12
N THR C 199 42.05 38.80 -14.37
CA THR C 199 41.43 39.68 -13.38
C THR C 199 40.56 38.92 -12.39
N VAL C 200 40.50 39.43 -11.15
CA VAL C 200 39.63 38.88 -10.11
C VAL C 200 38.80 40.02 -9.52
N THR C 201 37.49 39.95 -9.69
CA THR C 201 36.56 40.99 -9.26
C THR C 201 35.58 40.43 -8.23
N CYS C 202 35.52 41.06 -7.06
CA CYS C 202 34.51 40.71 -6.05
C CYS C 202 33.32 41.64 -6.27
N ASN C 203 32.12 41.07 -6.29
CA ASN C 203 30.89 41.83 -6.59
C ASN C 203 30.02 41.92 -5.34
N VAL C 204 29.68 43.15 -4.96
CA VAL C 204 28.93 43.39 -3.74
C VAL C 204 27.62 44.11 -4.05
N ALA C 205 26.51 43.58 -3.53
CA ALA C 205 25.20 44.18 -3.71
C ALA C 205 24.53 44.41 -2.35
N HIS C 206 24.00 45.60 -2.16
CA HIS C 206 23.32 45.97 -0.93
C HIS C 206 21.98 46.58 -1.30
N PRO C 207 20.91 45.77 -1.29
CA PRO C 207 19.62 46.17 -1.87
C PRO C 207 18.90 47.27 -1.09
N ALA C 208 19.17 47.36 0.20
CA ALA C 208 18.52 48.36 1.05
C ALA C 208 18.89 49.80 0.69
N SER C 209 20.08 49.99 0.10
CA SER C 209 20.54 51.32 -0.32
C SER C 209 20.75 51.43 -1.83
N SER C 210 20.32 50.42 -2.59
CA SER C 210 20.53 50.37 -4.05
C SER C 210 22.00 50.57 -4.40
N THR C 211 22.87 49.83 -3.73
CA THR C 211 24.30 49.86 -3.97
C THR C 211 24.71 48.64 -4.78
N LYS C 212 25.53 48.87 -5.80
CA LYS C 212 26.18 47.79 -6.55
C LYS C 212 27.64 48.19 -6.71
N VAL C 213 28.54 47.28 -6.39
CA VAL C 213 29.98 47.58 -6.43
C VAL C 213 30.79 46.40 -6.96
N ASP C 214 31.30 46.55 -8.19
CA ASP C 214 32.27 45.63 -8.75
C ASP C 214 33.66 46.16 -8.42
N LYS C 215 34.35 45.50 -7.48
CA LYS C 215 35.68 45.94 -7.03
C LYS C 215 36.78 45.00 -7.53
N LYS C 216 37.65 45.53 -8.39
CA LYS C 216 38.77 44.76 -8.92
C LYS C 216 39.90 44.68 -7.89
N ILE C 217 40.56 43.53 -7.80
CA ILE C 217 41.69 43.33 -6.90
C ILE C 217 43.00 43.61 -7.63
N VAL C 218 43.75 44.60 -7.16
CA VAL C 218 45.02 45.00 -7.76
C VAL C 218 46.15 44.72 -6.74
N PRO C 219 47.36 44.41 -7.21
CA PRO C 219 48.53 44.32 -6.31
C PRO C 219 48.89 45.65 -5.63
N ARG C 220 49.69 45.57 -4.56
CA ARG C 220 50.02 46.75 -3.74
C ARG C 220 50.69 47.85 -4.55
N ASP D 1 -3.66 22.83 19.00
CA ASP D 1 -2.41 23.11 19.78
C ASP D 1 -1.81 21.83 20.38
N ILE D 2 -0.94 21.19 19.60
CA ILE D 2 -0.16 20.05 20.06
C ILE D 2 1.30 20.52 20.12
N GLN D 3 1.98 20.19 21.21
CA GLN D 3 3.39 20.56 21.38
C GLN D 3 4.26 19.50 20.71
N MET D 4 5.41 19.93 20.19
CA MET D 4 6.36 19.01 19.55
C MET D 4 7.73 19.19 20.20
N THR D 5 8.27 18.10 20.76
CA THR D 5 9.53 18.13 21.50
C THR D 5 10.56 17.18 20.89
N GLN D 6 11.70 17.70 20.46
CA GLN D 6 12.73 16.89 19.80
C GLN D 6 13.88 16.48 20.74
N SER D 7 14.49 15.34 20.41
CA SER D 7 15.73 14.91 21.06
C SER D 7 16.65 14.23 20.05
N PRO D 8 17.97 14.35 20.24
CA PRO D 8 18.62 15.27 21.17
C PRO D 8 18.54 16.72 20.68
N ALA D 9 18.80 17.67 21.58
CA ALA D 9 18.85 19.08 21.19
C ALA D 9 20.00 19.32 20.21
N SER D 10 21.04 18.50 20.33
CA SER D 10 22.21 18.60 19.48
C SER D 10 23.03 17.32 19.61
N LEU D 11 23.73 16.95 18.54
CA LEU D 11 24.69 15.86 18.63
C LEU D 11 25.75 15.93 17.55
N SER D 12 26.74 15.06 17.66
CA SER D 12 27.82 14.92 16.70
C SER D 12 28.07 13.44 16.44
N ALA D 13 28.31 13.09 15.18
CA ALA D 13 28.70 11.73 14.80
C ALA D 13 29.53 11.78 13.52
N SER D 14 30.29 10.74 13.25
CA SER D 14 31.21 10.75 12.10
C SER D 14 30.58 10.13 10.86
N VAL D 15 31.26 10.32 9.73
CA VAL D 15 30.80 9.80 8.45
C VAL D 15 30.65 8.28 8.56
N GLY D 16 29.55 7.75 8.03
CA GLY D 16 29.30 6.32 8.02
C GLY D 16 28.62 5.77 9.27
N GLU D 17 28.30 6.63 10.23
CA GLU D 17 27.60 6.20 11.43
C GLU D 17 26.10 6.40 11.31
N THR D 18 25.36 5.79 12.24
CA THR D 18 23.91 5.92 12.27
C THR D 18 23.50 6.93 13.34
N VAL D 19 22.44 7.68 13.06
CA VAL D 19 21.85 8.60 14.04
C VAL D 19 20.33 8.44 14.10
N THR D 20 19.75 8.77 15.24
CA THR D 20 18.33 8.57 15.50
C THR D 20 17.77 9.75 16.29
N ILE D 21 17.16 10.69 15.56
CA ILE D 21 16.47 11.82 16.17
C ILE D 21 15.02 11.40 16.43
N THR D 22 14.39 12.01 17.43
CA THR D 22 13.02 11.66 17.82
C THR D 22 12.16 12.90 17.99
N CYS D 23 10.85 12.70 17.88
CA CYS D 23 9.86 13.73 18.19
C CYS D 23 8.73 13.16 19.00
N ARG D 24 8.38 13.85 20.07
CA ARG D 24 7.25 13.48 20.89
C ARG D 24 6.19 14.55 20.76
N ALA D 25 4.98 14.15 20.37
CA ALA D 25 3.84 15.05 20.29
C ALA D 25 3.08 14.96 21.58
N SER D 26 2.56 16.07 22.08
CA SER D 26 1.84 16.06 23.36
C SER D 26 0.52 15.27 23.29
N GLY D 27 0.03 15.04 22.08
CA GLY D 27 -1.12 14.16 21.87
C GLY D 27 -0.93 13.34 20.62
N ASN D 28 -1.85 12.41 20.37
CA ASN D 28 -1.79 11.53 19.20
C ASN D 28 -1.99 12.31 17.91
N ILE D 29 -0.99 12.26 17.01
CA ILE D 29 -1.06 12.97 15.73
C ILE D 29 -1.18 12.03 14.50
N HIS D 30 -1.43 10.76 14.75
CA HIS D 30 -1.87 9.82 13.72
C HIS D 30 -1.06 9.89 12.43
N ASN D 31 0.27 9.86 12.57
CA ASN D 31 1.19 9.82 11.42
C ASN D 31 1.21 11.06 10.51
N TYR D 32 0.55 12.13 10.92
CA TYR D 32 0.61 13.39 10.17
C TYR D 32 1.83 14.20 10.58
N LEU D 33 3.01 13.69 10.21
CA LEU D 33 4.27 14.25 10.67
C LEU D 33 5.33 14.21 9.60
N SER D 34 5.94 15.37 9.34
CA SER D 34 7.04 15.47 8.38
C SER D 34 8.38 15.82 9.05
N TRP D 35 9.47 15.52 8.34
CA TRP D 35 10.81 15.80 8.82
C TRP D 35 11.52 16.71 7.83
N PHE D 36 12.19 17.75 8.32
CA PHE D 36 12.94 18.65 7.46
C PHE D 36 14.42 18.74 7.82
N GLN D 37 15.27 18.97 6.82
CA GLN D 37 16.67 19.32 7.05
C GLN D 37 16.88 20.75 6.60
N GLN D 38 17.60 21.54 7.41
CA GLN D 38 17.95 22.91 7.06
C GLN D 38 19.44 23.18 7.31
N LYS D 39 20.12 23.63 6.26
CA LYS D 39 21.51 24.04 6.33
C LYS D 39 21.55 25.56 6.44
N GLN D 40 22.59 26.08 7.08
CA GLN D 40 22.77 27.53 7.24
C GLN D 40 22.63 28.29 5.91
N GLY D 41 21.77 29.30 5.90
CA GLY D 41 21.54 30.12 4.72
C GLY D 41 20.66 29.51 3.65
N LYS D 42 20.07 28.34 3.94
CA LYS D 42 19.23 27.65 2.97
C LYS D 42 17.82 27.48 3.53
N SER D 43 16.86 27.30 2.62
CA SER D 43 15.50 26.93 2.99
C SER D 43 15.50 25.50 3.51
N PRO D 44 14.60 25.18 4.46
CA PRO D 44 14.43 23.79 4.87
C PRO D 44 14.02 22.88 3.69
N GLN D 45 14.42 21.61 3.76
CA GLN D 45 14.05 20.61 2.75
C GLN D 45 13.38 19.42 3.39
N LEU D 46 12.31 18.94 2.75
CA LEU D 46 11.57 17.80 3.26
C LEU D 46 12.36 16.51 3.06
N LEU D 47 12.42 15.68 4.10
CA LEU D 47 13.07 14.38 4.03
C LEU D 47 12.03 13.27 3.97
N VAL D 48 11.09 13.31 4.91
CA VAL D 48 10.08 12.29 5.10
C VAL D 48 8.76 12.96 5.42
N TYR D 49 7.67 12.42 4.88
CA TYR D 49 6.33 12.88 5.23
C TYR D 49 5.42 11.73 5.64
N SER D 50 4.36 12.06 6.37
CA SER D 50 3.42 11.07 6.84
C SER D 50 4.14 10.01 7.65
N ALA D 51 5.11 10.45 8.44
CA ALA D 51 5.91 9.60 9.31
C ALA D 51 6.96 8.71 8.64
N LYS D 52 6.56 7.85 7.72
CA LYS D 52 7.49 6.94 7.08
C LYS D 52 7.66 6.99 5.56
N THR D 53 7.13 8.01 4.89
CA THR D 53 7.18 8.07 3.43
C THR D 53 8.28 9.02 2.99
N LEU D 54 9.32 8.48 2.36
CA LEU D 54 10.44 9.28 1.85
C LEU D 54 9.98 10.30 0.83
N ALA D 55 10.48 11.52 0.94
CA ALA D 55 10.17 12.58 -0.01
C ALA D 55 10.96 12.41 -1.30
N ASP D 56 10.60 13.22 -2.30
CA ASP D 56 11.21 13.20 -3.62
C ASP D 56 12.70 13.55 -3.59
N GLY D 57 13.51 12.72 -4.23
CA GLY D 57 14.95 12.99 -4.36
C GLY D 57 15.74 12.90 -3.06
N VAL D 58 15.20 12.19 -2.07
CA VAL D 58 15.88 12.01 -0.79
C VAL D 58 16.49 10.62 -0.76
N PRO D 59 17.81 10.52 -0.50
CA PRO D 59 18.51 9.23 -0.50
C PRO D 59 17.88 8.23 0.47
N SER D 60 17.97 6.95 0.12
CA SER D 60 17.32 5.87 0.87
C SER D 60 17.91 5.60 2.24
N ARG D 61 19.10 6.14 2.51
CA ARG D 61 19.73 6.03 3.83
C ARG D 61 18.94 6.76 4.92
N PHE D 62 18.07 7.69 4.53
CA PHE D 62 17.09 8.27 5.44
C PHE D 62 15.90 7.33 5.57
N SER D 63 15.25 7.36 6.72
CA SER D 63 14.00 6.63 6.92
C SER D 63 13.31 7.07 8.21
N GLY D 64 11.99 7.18 8.15
CA GLY D 64 11.18 7.58 9.30
C GLY D 64 10.28 6.46 9.77
N SER D 65 9.92 6.49 11.05
CA SER D 65 9.05 5.49 11.64
C SER D 65 8.33 6.04 12.86
N GLY D 66 7.35 5.31 13.35
CA GLY D 66 6.62 5.68 14.57
C GLY D 66 5.12 5.72 14.39
N SER D 67 4.44 6.22 15.42
CA SER D 67 2.99 6.26 15.46
C SER D 67 2.57 7.01 16.72
N GLY D 68 1.28 7.26 16.86
CA GLY D 68 0.74 7.92 18.04
C GLY D 68 1.46 9.22 18.33
N THR D 69 2.14 9.26 19.46
CA THR D 69 2.90 10.43 19.92
C THR D 69 4.39 10.37 19.60
N GLN D 70 4.88 9.20 19.22
CA GLN D 70 6.32 8.92 19.24
C GLN D 70 6.88 8.55 17.86
N TYR D 71 7.64 9.46 17.27
CA TYR D 71 8.24 9.25 15.94
C TYR D 71 9.75 9.40 15.99
N SER D 72 10.43 8.97 14.93
CA SER D 72 11.88 9.09 14.86
C SER D 72 12.46 9.02 13.44
N LEU D 73 13.37 9.95 13.16
CA LEU D 73 14.12 9.96 11.90
C LEU D 73 15.44 9.26 12.11
N LYS D 74 15.77 8.35 11.20
CA LYS D 74 17.00 7.60 11.24
C LYS D 74 17.84 7.87 10.00
N ILE D 75 19.14 8.10 10.20
CA ILE D 75 20.08 8.33 9.10
C ILE D 75 21.16 7.27 9.14
N ASN D 76 21.06 6.26 8.27
CA ASN D 76 22.10 5.25 8.15
C ASN D 76 23.25 5.73 7.28
N SER D 77 24.46 5.28 7.58
CA SER D 77 25.63 5.65 6.77
C SER D 77 25.67 7.16 6.55
N LEU D 78 25.97 7.90 7.62
CA LEU D 78 25.98 9.36 7.60
C LEU D 78 26.93 9.88 6.54
N GLN D 79 26.66 11.09 6.04
CA GLN D 79 27.44 11.70 4.97
C GLN D 79 27.72 13.16 5.31
N PRO D 80 28.78 13.76 4.73
CA PRO D 80 29.14 15.14 5.10
C PRO D 80 28.01 16.14 4.89
N GLU D 81 27.27 16.01 3.78
CA GLU D 81 26.13 16.88 3.50
C GLU D 81 24.92 16.70 4.43
N ASP D 82 24.94 15.66 5.28
CA ASP D 82 23.89 15.47 6.29
C ASP D 82 24.05 16.39 7.50
N PHE D 83 24.97 17.33 7.44
CA PHE D 83 25.11 18.33 8.50
C PHE D 83 23.97 19.32 8.40
N GLY D 84 23.61 19.91 9.52
CA GLY D 84 22.59 20.95 9.56
C GLY D 84 21.63 20.72 10.70
N THR D 85 20.54 21.47 10.71
CA THR D 85 19.53 21.39 11.75
C THR D 85 18.28 20.67 11.22
N TYR D 86 17.79 19.71 11.99
CA TYR D 86 16.69 18.86 11.58
C TYR D 86 15.46 19.18 12.41
N TYR D 87 14.31 19.33 11.73
CA TYR D 87 13.05 19.71 12.40
C TYR D 87 11.94 18.72 12.09
N CYS D 88 11.01 18.56 13.03
CA CYS D 88 9.77 17.87 12.74
C CYS D 88 8.59 18.83 12.87
N GLN D 89 7.48 18.44 12.24
CA GLN D 89 6.27 19.26 12.17
C GLN D 89 5.05 18.37 11.99
N HIS D 90 3.98 18.69 12.72
CA HIS D 90 2.77 17.89 12.67
C HIS D 90 1.67 18.62 11.88
N PHE D 91 0.67 17.86 11.43
CA PHE D 91 -0.45 18.41 10.69
C PHE D 91 -1.78 17.82 11.14
N TRP D 92 -1.80 17.26 12.34
CA TRP D 92 -3.01 16.67 12.89
C TRP D 92 -4.10 17.72 13.17
N SER D 93 -3.74 18.80 13.85
CA SER D 93 -4.69 19.85 14.21
C SER D 93 -4.56 21.02 13.22
N SER D 94 -5.28 22.11 13.49
CA SER D 94 -5.22 23.31 12.65
C SER D 94 -3.92 24.11 12.79
N ILE D 95 -3.18 23.91 13.88
CA ILE D 95 -1.92 24.64 14.13
C ILE D 95 -0.75 23.71 13.87
N TYR D 96 -0.01 23.98 12.80
CA TYR D 96 1.05 23.08 12.35
C TYR D 96 2.38 23.39 13.06
N THR D 97 2.46 23.00 14.33
CA THR D 97 3.58 23.36 15.21
C THR D 97 4.89 22.64 14.87
N PHE D 98 5.96 23.42 14.67
CA PHE D 98 7.31 22.84 14.50
C PHE D 98 7.91 22.39 15.82
N GLY D 99 8.65 21.29 15.78
CA GLY D 99 9.53 20.92 16.87
C GLY D 99 10.69 21.89 16.97
N GLY D 100 11.37 21.87 18.12
CA GLY D 100 12.44 22.83 18.42
C GLY D 100 13.71 22.64 17.61
N GLY D 101 13.91 21.43 17.08
CA GLY D 101 15.02 21.15 16.18
C GLY D 101 16.19 20.39 16.82
N THR D 102 16.97 19.73 15.98
CA THR D 102 18.18 19.03 16.38
C THR D 102 19.34 19.50 15.52
N LYS D 103 20.41 19.96 16.18
CA LYS D 103 21.66 20.37 15.51
C LYS D 103 22.55 19.15 15.31
N LEU D 104 22.81 18.78 14.06
CA LEU D 104 23.68 17.64 13.76
C LEU D 104 25.02 18.14 13.24
N GLU D 105 26.08 17.76 13.95
CA GLU D 105 27.44 18.08 13.55
C GLU D 105 28.11 16.82 13.04
N ILE D 106 29.01 16.97 12.07
CA ILE D 106 29.76 15.84 11.54
C ILE D 106 31.14 15.81 12.19
N LYS D 107 31.47 14.69 12.82
CA LYS D 107 32.79 14.50 13.43
C LYS D 107 33.80 14.27 12.33
N ARG D 108 34.92 14.99 12.38
CA ARG D 108 35.93 14.97 11.33
C ARG D 108 37.28 14.68 11.95
N ALA D 109 38.27 14.36 11.13
CA ALA D 109 39.66 14.27 11.58
C ALA D 109 40.24 15.68 11.72
N ASP D 110 41.11 15.87 12.71
CA ASP D 110 41.71 17.18 12.96
C ASP D 110 42.49 17.70 11.74
N ALA D 111 42.22 18.94 11.37
CA ALA D 111 42.82 19.57 10.18
C ALA D 111 43.37 20.95 10.54
N ALA D 112 44.53 21.30 9.96
CA ALA D 112 45.22 22.53 10.31
C ALA D 112 44.75 23.71 9.44
N PRO D 113 44.64 24.92 10.04
CA PRO D 113 44.17 26.08 9.32
C PRO D 113 45.19 26.67 8.35
N THR D 114 44.76 26.88 7.11
CA THR D 114 45.53 27.66 6.15
C THR D 114 45.31 29.12 6.47
N VAL D 115 46.39 29.82 6.83
CA VAL D 115 46.30 31.18 7.33
C VAL D 115 46.76 32.19 6.28
N SER D 116 45.96 33.24 6.08
CA SER D 116 46.32 34.34 5.19
C SER D 116 46.07 35.66 5.89
N ILE D 117 46.99 36.61 5.73
CA ILE D 117 46.89 37.92 6.36
C ILE D 117 46.86 39.01 5.28
N PHE D 118 46.15 40.10 5.56
CA PHE D 118 45.93 41.16 4.57
C PHE D 118 45.92 42.54 5.22
N PRO D 119 46.88 43.41 4.82
CA PRO D 119 46.99 44.73 5.42
C PRO D 119 45.89 45.69 4.94
N PRO D 120 45.73 46.83 5.62
CA PRO D 120 44.74 47.82 5.22
C PRO D 120 44.89 48.26 3.76
N SER D 121 43.76 48.36 3.07
CA SER D 121 43.73 48.81 1.69
C SER D 121 43.97 50.31 1.62
N SER D 122 44.56 50.77 0.51
CA SER D 122 44.84 52.19 0.30
C SER D 122 43.59 53.06 0.38
N GLU D 123 42.45 52.53 -0.06
CA GLU D 123 41.18 53.24 -0.03
C GLU D 123 40.66 53.45 1.38
N GLN D 124 40.84 52.44 2.24
CA GLN D 124 40.41 52.54 3.63
C GLN D 124 41.32 53.45 4.43
N LEU D 125 42.63 53.36 4.19
CA LEU D 125 43.59 54.25 4.84
C LEU D 125 43.13 55.71 4.72
N THR D 126 42.72 56.10 3.51
CA THR D 126 42.24 57.46 3.24
C THR D 126 40.98 57.83 4.03
N SER D 127 40.11 56.85 4.27
CA SER D 127 38.83 57.09 4.96
C SER D 127 38.98 57.48 6.43
N GLY D 128 40.16 57.22 7.01
CA GLY D 128 40.45 57.56 8.40
C GLY D 128 40.78 56.35 9.24
N GLY D 129 40.14 55.22 8.92
CA GLY D 129 40.35 53.97 9.65
C GLY D 129 41.31 53.02 8.95
N ALA D 130 41.56 51.89 9.61
CA ALA D 130 42.38 50.82 9.05
C ALA D 130 41.86 49.46 9.52
N SER D 131 42.05 48.43 8.71
CA SER D 131 41.65 47.07 9.07
C SER D 131 42.70 46.07 8.63
N VAL D 132 43.09 45.20 9.57
CA VAL D 132 43.98 44.09 9.26
C VAL D 132 43.16 42.80 9.33
N VAL D 133 43.00 42.14 8.20
CA VAL D 133 42.18 40.93 8.12
C VAL D 133 43.05 39.68 8.12
N CYS D 134 42.67 38.71 8.94
CA CYS D 134 43.26 37.39 8.91
C CYS D 134 42.20 36.38 8.48
N PHE D 135 42.54 35.50 7.54
CA PHE D 135 41.70 34.37 7.19
C PHE D 135 42.36 33.07 7.68
N LEU D 136 41.61 32.27 8.43
CA LEU D 136 42.01 30.92 8.81
C LEU D 136 41.03 29.94 8.18
N ASN D 137 41.47 29.16 7.19
CA ASN D 137 40.56 28.26 6.49
C ASN D 137 40.71 26.75 6.60
N ASN D 138 39.59 26.05 6.48
CA ASN D 138 39.49 24.60 6.49
C ASN D 138 40.07 23.77 7.64
N PHE D 139 39.67 24.07 8.87
CA PHE D 139 40.19 23.33 10.02
C PHE D 139 39.13 22.73 10.93
N TYR D 140 39.48 21.66 11.63
CA TYR D 140 38.59 21.01 12.59
C TYR D 140 39.40 20.72 13.85
N PRO D 141 38.79 20.88 15.04
CA PRO D 141 37.40 21.24 15.35
C PRO D 141 37.14 22.74 15.39
N LYS D 142 35.92 23.10 15.75
CA LYS D 142 35.45 24.50 15.78
C LYS D 142 36.25 25.36 16.76
N ASP D 143 36.66 24.78 17.88
CA ASP D 143 37.42 25.52 18.90
C ASP D 143 38.80 25.92 18.38
N ILE D 144 39.12 27.19 18.54
CA ILE D 144 40.41 27.75 18.11
C ILE D 144 40.56 29.12 18.77
N ASN D 145 41.77 29.44 19.23
CA ASN D 145 42.01 30.67 19.97
C ASN D 145 43.05 31.55 19.28
N VAL D 146 42.59 32.59 18.59
CA VAL D 146 43.47 33.49 17.85
C VAL D 146 44.10 34.53 18.76
N LYS D 147 45.23 35.08 18.30
CA LYS D 147 45.91 36.18 18.98
C LYS D 147 46.44 37.19 17.97
N TRP D 148 46.40 38.47 18.35
CA TRP D 148 47.00 39.55 17.59
C TRP D 148 48.17 40.13 18.37
N LYS D 149 49.27 40.43 17.66
CA LYS D 149 50.46 41.05 18.26
C LYS D 149 50.91 42.26 17.45
N ILE D 150 51.43 43.26 18.16
CA ILE D 150 51.86 44.53 17.57
C ILE D 150 53.30 44.85 17.97
N ASP D 151 54.24 44.54 17.08
CA ASP D 151 55.67 44.64 17.37
C ASP D 151 56.02 43.88 18.65
N GLY D 152 55.57 42.63 18.72
CA GLY D 152 55.80 41.77 19.88
C GLY D 152 54.65 41.74 20.87
N SER D 153 54.27 42.92 21.35
CA SER D 153 53.25 43.04 22.40
C SER D 153 51.86 42.68 21.89
N GLU D 154 51.02 42.12 22.77
CA GLU D 154 49.68 41.65 22.41
C GLU D 154 48.66 42.79 22.38
N ARG D 155 47.71 42.70 21.45
CA ARG D 155 46.60 43.66 21.35
C ARG D 155 45.30 42.99 21.84
N GLN D 156 44.56 43.70 22.68
CA GLN D 156 43.36 43.13 23.32
C GLN D 156 42.09 43.42 22.53
N ASN D 157 41.56 44.64 22.64
CA ASN D 157 40.28 45.00 22.02
C ASN D 157 40.43 45.29 20.52
N GLY D 158 39.30 45.57 19.88
CA GLY D 158 39.28 45.87 18.44
C GLY D 158 39.46 44.62 17.61
N VAL D 159 39.02 43.47 18.15
CA VAL D 159 39.17 42.18 17.49
C VAL D 159 37.79 41.58 17.28
N LEU D 160 37.46 41.28 16.02
CA LEU D 160 36.17 40.68 15.67
C LEU D 160 36.36 39.34 14.95
N ASN D 161 35.75 38.31 15.49
CA ASN D 161 35.84 36.96 14.94
C ASN D 161 34.48 36.52 14.38
N SER D 162 34.52 35.72 13.32
CA SER D 162 33.31 35.28 12.65
C SER D 162 33.54 33.92 11.99
N TRP D 163 32.72 32.93 12.36
CA TRP D 163 32.89 31.56 11.88
C TRP D 163 31.87 31.20 10.82
N THR D 164 32.31 30.41 9.85
CA THR D 164 31.39 29.71 8.96
C THR D 164 30.99 28.42 9.66
N ASP D 165 29.90 27.80 9.21
CA ASP D 165 29.52 26.48 9.67
C ASP D 165 30.19 25.43 8.78
N GLN D 166 30.08 24.17 9.19
CA GLN D 166 30.73 23.07 8.52
C GLN D 166 30.60 23.16 7.02
N ASP D 167 31.73 23.09 6.33
CA ASP D 167 31.76 23.00 4.88
C ASP D 167 31.01 21.75 4.48
N SER D 168 30.15 21.88 3.48
CA SER D 168 29.33 20.76 3.01
C SER D 168 30.20 19.62 2.46
N LYS D 169 31.28 19.98 1.77
CA LYS D 169 32.15 19.00 1.14
C LYS D 169 33.05 18.28 2.16
N ASP D 170 33.92 19.05 2.84
CA ASP D 170 34.97 18.46 3.70
C ASP D 170 34.76 18.66 5.21
N SER D 171 33.58 19.11 5.61
CA SER D 171 33.19 19.20 7.03
C SER D 171 34.09 20.09 7.90
N THR D 172 34.90 20.95 7.29
CA THR D 172 35.81 21.82 8.05
C THR D 172 35.15 23.14 8.40
N TYR D 173 35.69 23.81 9.39
CA TYR D 173 35.27 25.16 9.74
C TYR D 173 36.31 26.16 9.22
N SER D 174 35.84 27.36 8.90
CA SER D 174 36.70 28.47 8.50
C SER D 174 36.38 29.66 9.42
N MET D 175 37.33 30.58 9.55
CA MET D 175 37.17 31.71 10.47
C MET D 175 37.95 32.93 9.99
N SER D 176 37.42 34.12 10.30
CA SER D 176 38.08 35.37 9.95
C SER D 176 38.14 36.31 11.15
N SER D 177 39.35 36.53 11.66
CA SER D 177 39.57 37.48 12.73
C SER D 177 39.99 38.82 12.14
N THR D 178 39.26 39.87 12.46
CA THR D 178 39.52 41.19 11.92
C THR D 178 39.93 42.16 13.04
N LEU D 179 41.17 42.65 12.96
CA LEU D 179 41.68 43.68 13.85
C LEU D 179 41.48 45.03 13.20
N THR D 180 40.72 45.91 13.86
CA THR D 180 40.45 47.25 13.35
C THR D 180 40.93 48.32 14.35
N LEU D 181 41.54 49.36 13.83
CA LEU D 181 42.00 50.49 14.63
C LEU D 181 42.17 51.73 13.73
N THR D 182 42.45 52.87 14.35
CA THR D 182 42.59 54.13 13.61
C THR D 182 43.87 54.14 12.79
N LYS D 183 43.80 54.81 11.63
CA LYS D 183 44.96 54.97 10.74
C LYS D 183 46.07 55.75 11.45
N ASP D 184 45.71 56.52 12.47
CA ASP D 184 46.67 57.16 13.36
C ASP D 184 47.50 56.10 14.09
N GLU D 185 46.84 55.17 14.76
CA GLU D 185 47.54 54.12 15.53
C GLU D 185 48.25 53.11 14.62
N TYR D 186 47.71 52.91 13.42
CA TYR D 186 48.33 52.02 12.43
C TYR D 186 49.74 52.48 12.08
N GLU D 187 49.95 53.80 11.99
CA GLU D 187 51.27 54.37 11.75
C GLU D 187 52.19 54.24 12.95
N ARG D 188 51.62 54.27 14.16
CA ARG D 188 52.41 54.21 15.40
C ARG D 188 53.07 52.85 15.66
N HIS D 189 52.81 51.87 14.80
CA HIS D 189 53.52 50.59 14.85
C HIS D 189 53.87 50.12 13.42
N ASN D 190 54.67 49.06 13.33
CA ASN D 190 55.19 48.59 12.05
C ASN D 190 54.76 47.15 11.72
N SER D 191 55.12 46.22 12.61
CA SER D 191 54.86 44.79 12.39
C SER D 191 53.48 44.39 12.91
N TYR D 192 52.85 43.45 12.22
CA TYR D 192 51.51 42.97 12.59
C TYR D 192 51.39 41.46 12.36
N THR D 193 50.94 40.74 13.38
CA THR D 193 51.04 39.29 13.42
C THR D 193 49.73 38.59 13.82
N CYS D 194 49.37 37.55 13.08
CA CYS D 194 48.16 36.76 13.32
C CYS D 194 48.55 35.37 13.87
N GLU D 195 48.37 35.17 15.18
CA GLU D 195 48.67 33.89 15.83
C GLU D 195 47.40 33.07 16.04
N ALA D 196 47.57 31.77 16.34
CA ALA D 196 46.42 30.87 16.47
C ALA D 196 46.74 29.57 17.23
N THR D 197 46.13 29.41 18.41
CA THR D 197 46.26 28.19 19.20
C THR D 197 45.21 27.16 18.78
N HIS D 198 45.67 26.06 18.19
CA HIS D 198 44.81 24.96 17.75
C HIS D 198 45.38 23.64 18.26
N LYS D 199 44.54 22.61 18.35
CA LYS D 199 44.98 21.28 18.79
C LYS D 199 46.03 20.67 17.86
N THR D 200 45.82 20.82 16.55
CA THR D 200 46.76 20.33 15.55
C THR D 200 48.13 21.00 15.68
N SER D 201 48.12 22.29 15.99
CA SER D 201 49.34 23.08 16.07
C SER D 201 50.17 22.74 17.31
N THR D 202 51.41 22.30 17.10
CA THR D 202 52.36 22.09 18.19
C THR D 202 52.71 23.43 18.86
N SER D 203 52.76 24.48 18.06
CA SER D 203 52.93 25.85 18.56
C SER D 203 52.31 26.82 17.54
N PRO D 204 51.68 27.92 18.02
CA PRO D 204 50.84 28.81 17.20
C PRO D 204 51.40 29.18 15.82
N ILE D 205 50.52 29.18 14.82
CA ILE D 205 50.91 29.47 13.43
C ILE D 205 50.99 30.99 13.21
N VAL D 206 52.13 31.44 12.69
CA VAL D 206 52.45 32.87 12.60
C VAL D 206 52.47 33.39 11.16
N LYS D 207 51.54 34.30 10.84
CA LYS D 207 51.55 35.02 9.58
C LYS D 207 51.75 36.51 9.87
N SER D 208 52.75 37.13 9.24
CA SER D 208 53.15 38.50 9.56
C SER D 208 53.42 39.34 8.31
N PHE D 209 53.55 40.66 8.52
CA PHE D 209 53.99 41.58 7.46
C PHE D 209 54.56 42.88 8.05
N ASN D 210 55.40 43.55 7.27
CA ASN D 210 55.96 44.85 7.63
C ASN D 210 55.65 45.91 6.57
N ARG D 211 55.91 47.17 6.89
CA ARG D 211 55.75 48.26 5.95
C ARG D 211 56.94 49.22 6.02
N GLU E 1 26.63 -41.26 7.83
CA GLU E 1 25.67 -40.37 8.55
C GLU E 1 25.43 -39.08 7.79
N VAL E 2 24.15 -38.71 7.63
CA VAL E 2 23.79 -37.43 7.05
C VAL E 2 23.86 -36.40 8.15
N GLN E 3 24.55 -35.29 7.90
CA GLN E 3 24.79 -34.30 8.94
C GLN E 3 25.14 -32.92 8.41
N LEU E 4 24.96 -31.92 9.28
CA LEU E 4 25.41 -30.55 9.04
C LEU E 4 26.58 -30.30 9.97
N GLN E 5 27.45 -29.35 9.59
CA GLN E 5 28.69 -29.12 10.33
C GLN E 5 29.03 -27.64 10.37
N GLN E 6 28.93 -27.03 11.55
CA GLN E 6 29.10 -25.59 11.71
C GLN E 6 30.51 -25.21 12.17
N SER E 7 30.86 -23.94 11.97
CA SER E 7 32.18 -23.43 12.35
C SER E 7 32.29 -23.28 13.88
N GLY E 8 33.53 -23.19 14.34
CA GLY E 8 33.82 -23.10 15.78
C GLY E 8 33.34 -21.81 16.43
N ALA E 9 33.41 -21.79 17.76
CA ALA E 9 33.00 -20.62 18.54
C ALA E 9 33.68 -19.35 18.05
N GLU E 10 32.99 -18.22 18.19
CA GLU E 10 33.49 -16.94 17.70
C GLU E 10 33.50 -15.87 18.79
N LEU E 11 34.69 -15.34 19.09
CA LEU E 11 34.84 -14.18 19.96
C LEU E 11 35.11 -12.98 19.08
N VAL E 12 34.16 -12.05 19.02
CA VAL E 12 34.19 -10.97 18.05
C VAL E 12 34.11 -9.61 18.73
N LYS E 13 34.77 -8.62 18.13
CA LYS E 13 34.75 -7.25 18.66
C LYS E 13 33.41 -6.58 18.42
N PRO E 14 32.92 -5.80 19.41
CA PRO E 14 31.68 -5.02 19.26
C PRO E 14 31.73 -4.04 18.09
N GLY E 15 30.66 -4.03 17.29
CA GLY E 15 30.58 -3.15 16.13
C GLY E 15 31.37 -3.66 14.93
N ALA E 16 31.69 -4.94 14.95
CA ALA E 16 32.36 -5.60 13.83
C ALA E 16 31.40 -6.62 13.21
N SER E 17 31.85 -7.27 12.14
CA SER E 17 31.07 -8.32 11.48
C SER E 17 31.69 -9.69 11.71
N VAL E 18 30.88 -10.74 11.61
CA VAL E 18 31.37 -12.11 11.70
C VAL E 18 30.55 -13.02 10.79
N LYS E 19 31.24 -13.89 10.06
CA LYS E 19 30.61 -14.78 9.08
C LYS E 19 30.75 -16.24 9.53
N LEU E 20 29.62 -16.84 9.90
CA LEU E 20 29.60 -18.25 10.29
C LEU E 20 29.43 -19.11 9.04
N SER E 21 29.64 -20.41 9.18
CA SER E 21 29.48 -21.33 8.06
C SER E 21 28.81 -22.63 8.51
N CYS E 22 28.21 -23.32 7.56
CA CYS E 22 27.43 -24.53 7.84
C CYS E 22 27.48 -25.46 6.62
N THR E 23 28.35 -26.46 6.68
CA THR E 23 28.57 -27.40 5.58
C THR E 23 27.75 -28.68 5.74
N SER E 24 27.14 -29.14 4.65
CA SER E 24 26.34 -30.37 4.67
C SER E 24 27.11 -31.55 4.09
N SER E 25 26.65 -32.76 4.42
CA SER E 25 27.26 -33.99 3.91
C SER E 25 26.22 -35.11 3.83
N GLY E 26 26.07 -35.70 2.65
CA GLY E 26 25.22 -36.88 2.46
C GLY E 26 23.76 -36.57 2.16
N PHE E 27 23.43 -35.31 1.91
CA PHE E 27 22.05 -34.93 1.65
C PHE E 27 21.55 -35.38 0.27
N ASN E 28 20.48 -36.15 0.28
CA ASN E 28 19.86 -36.65 -0.94
C ASN E 28 19.28 -35.53 -1.79
N ASN E 29 18.48 -34.66 -1.15
CA ASN E 29 17.83 -33.54 -1.84
C ASN E 29 18.74 -32.30 -1.85
N LYS E 30 19.11 -31.87 -3.05
CA LYS E 30 20.03 -30.74 -3.22
C LYS E 30 19.35 -29.38 -3.11
N ASP E 31 18.00 -29.38 -3.05
CA ASP E 31 17.22 -28.15 -3.10
C ASP E 31 16.77 -27.60 -1.73
N THR E 32 16.77 -28.45 -0.70
CA THR E 32 16.25 -28.09 0.63
C THR E 32 17.04 -26.95 1.30
N PHE E 33 16.33 -26.12 2.08
CA PHE E 33 16.85 -24.83 2.50
C PHE E 33 17.80 -24.91 3.69
N PHE E 34 18.97 -24.29 3.55
CA PHE E 34 19.87 -24.03 4.68
C PHE E 34 19.28 -22.93 5.56
N GLN E 35 18.60 -23.31 6.64
CA GLN E 35 17.96 -22.34 7.52
C GLN E 35 18.86 -22.03 8.70
N TRP E 36 18.66 -20.87 9.30
CA TRP E 36 19.40 -20.48 10.50
C TRP E 36 18.43 -20.13 11.63
N VAL E 37 18.88 -20.37 12.86
CA VAL E 37 18.05 -20.18 14.05
C VAL E 37 18.92 -19.61 15.18
N LYS E 38 18.34 -18.70 15.96
CA LYS E 38 19.04 -18.09 17.09
C LYS E 38 18.43 -18.57 18.40
N GLN E 39 19.27 -18.70 19.43
CA GLN E 39 18.79 -19.04 20.76
C GLN E 39 19.67 -18.38 21.83
N ARG E 40 19.03 -17.57 22.68
CA ARG E 40 19.69 -16.96 23.83
C ARG E 40 19.31 -17.79 25.06
N PRO E 41 20.20 -17.87 26.07
CA PRO E 41 19.93 -18.75 27.21
C PRO E 41 18.59 -18.49 27.88
N GLU E 42 17.92 -19.56 28.30
CA GLU E 42 16.58 -19.48 28.93
C GLU E 42 15.48 -18.92 28.02
N GLU E 43 15.73 -18.87 26.71
CA GLU E 43 14.75 -18.35 25.75
C GLU E 43 14.51 -19.36 24.63
N GLY E 44 13.46 -19.12 23.86
CA GLY E 44 13.01 -20.04 22.81
C GLY E 44 13.84 -19.96 21.54
N LEU E 45 13.45 -20.75 20.54
CA LEU E 45 14.13 -20.78 19.25
C LEU E 45 13.66 -19.61 18.39
N GLU E 46 14.58 -18.69 18.06
CA GLU E 46 14.27 -17.55 17.19
C GLU E 46 14.75 -17.81 15.76
N TRP E 47 13.82 -18.03 14.84
CA TRP E 47 14.15 -18.26 13.44
C TRP E 47 14.73 -17.00 12.80
N ILE E 48 15.95 -17.10 12.30
CA ILE E 48 16.63 -15.96 11.68
C ILE E 48 16.17 -15.79 10.24
N GLY E 49 16.41 -16.81 9.43
CA GLY E 49 16.18 -16.74 7.99
C GLY E 49 16.56 -18.03 7.31
N ARG E 50 16.51 -18.03 5.98
CA ARG E 50 16.91 -19.19 5.18
C ARG E 50 17.44 -18.78 3.81
N ILE E 51 18.05 -19.74 3.13
CA ILE E 51 18.46 -19.59 1.73
C ILE E 51 18.16 -20.88 0.95
N ASP E 52 17.52 -20.74 -0.21
CA ASP E 52 17.33 -21.85 -1.13
C ASP E 52 18.59 -21.97 -1.99
N PRO E 53 19.34 -23.07 -1.85
CA PRO E 53 20.60 -23.21 -2.60
C PRO E 53 20.38 -23.43 -4.09
N ALA E 54 19.21 -23.93 -4.45
CA ALA E 54 18.85 -24.13 -5.85
C ALA E 54 18.90 -22.81 -6.63
N ASN E 55 18.23 -21.78 -6.11
CA ASN E 55 18.08 -20.49 -6.82
C ASN E 55 18.63 -19.25 -6.10
N GLY E 56 19.16 -19.42 -4.90
CA GLY E 56 19.76 -18.32 -4.14
C GLY E 56 18.74 -17.41 -3.46
N PHE E 57 17.49 -17.85 -3.37
CA PHE E 57 16.42 -17.05 -2.78
C PHE E 57 16.55 -17.04 -1.27
N THR E 58 16.60 -15.86 -0.67
CA THR E 58 16.64 -15.74 0.78
C THR E 58 15.32 -15.19 1.31
N LYS E 59 15.01 -15.54 2.56
CA LYS E 59 13.90 -14.97 3.30
C LYS E 59 14.35 -14.76 4.73
N TYR E 60 14.16 -13.54 5.24
CA TYR E 60 14.57 -13.19 6.60
C TYR E 60 13.36 -12.82 7.43
N ASP E 61 13.41 -13.15 8.72
CA ASP E 61 12.45 -12.64 9.69
C ASP E 61 12.72 -11.15 9.80
N PRO E 62 11.66 -10.31 9.72
CA PRO E 62 11.81 -8.86 9.80
C PRO E 62 12.85 -8.40 10.82
N LYS E 63 12.86 -9.04 12.00
CA LYS E 63 13.75 -8.69 13.10
C LYS E 63 15.23 -8.69 12.72
N PHE E 64 15.63 -9.58 11.81
CA PHE E 64 17.04 -9.72 11.42
C PHE E 64 17.35 -9.18 10.02
N GLN E 65 16.45 -8.34 9.51
CA GLN E 65 16.62 -7.73 8.20
C GLN E 65 17.77 -6.72 8.26
N GLY E 66 18.87 -7.02 7.57
CA GLY E 66 20.04 -6.15 7.56
C GLY E 66 21.07 -6.51 8.62
N LYS E 67 20.60 -7.06 9.73
CA LYS E 67 21.47 -7.60 10.78
C LYS E 67 22.21 -8.82 10.22
N ALA E 68 21.45 -9.88 9.95
CA ALA E 68 22.00 -11.11 9.40
C ALA E 68 21.95 -11.11 7.88
N THR E 69 22.95 -11.75 7.26
CA THR E 69 22.99 -11.95 5.81
C THR E 69 23.38 -13.40 5.51
N ILE E 70 22.47 -14.13 4.87
CA ILE E 70 22.67 -15.53 4.52
C ILE E 70 23.12 -15.63 3.07
N THR E 71 24.25 -16.30 2.86
CA THR E 71 24.72 -16.63 1.51
C THR E 71 24.92 -18.14 1.44
N VAL E 72 25.12 -18.66 0.22
CA VAL E 72 25.34 -20.09 0.03
C VAL E 72 26.29 -20.35 -1.15
N ASP E 73 27.09 -21.41 -1.03
CA ASP E 73 27.90 -21.90 -2.14
C ASP E 73 27.59 -23.38 -2.34
N THR E 74 26.76 -23.67 -3.33
CA THR E 74 26.29 -25.04 -3.60
C THR E 74 27.43 -25.97 -4.00
N SER E 75 28.43 -25.43 -4.70
CA SER E 75 29.60 -26.21 -5.12
C SER E 75 30.25 -26.95 -3.95
N SER E 76 30.34 -26.28 -2.81
CA SER E 76 30.94 -26.86 -1.60
C SER E 76 29.89 -27.29 -0.57
N ASN E 77 28.62 -27.20 -0.93
CA ASN E 77 27.51 -27.48 -0.01
C ASN E 77 27.70 -26.79 1.33
N THR E 78 27.89 -25.47 1.27
CA THR E 78 28.12 -24.68 2.47
C THR E 78 27.27 -23.42 2.44
N ALA E 79 26.52 -23.19 3.52
CA ALA E 79 25.81 -21.94 3.73
C ALA E 79 26.50 -21.15 4.84
N TYR E 80 26.34 -19.83 4.79
CA TYR E 80 27.02 -18.93 5.69
C TYR E 80 26.02 -18.01 6.38
N LEU E 81 26.44 -17.46 7.52
CA LEU E 81 25.63 -16.48 8.25
C LEU E 81 26.51 -15.33 8.67
N GLN E 82 26.43 -14.22 7.93
CA GLN E 82 27.17 -13.01 8.25
C GLN E 82 26.33 -12.10 9.12
N LEU E 83 26.94 -11.55 10.18
CA LEU E 83 26.27 -10.64 11.10
C LEU E 83 26.99 -9.30 11.11
N ASN E 84 26.24 -8.21 11.28
CA ASN E 84 26.76 -6.85 11.14
C ASN E 84 26.56 -6.00 12.39
N SER E 85 27.52 -5.10 12.66
CA SER E 85 27.44 -4.14 13.77
C SER E 85 27.04 -4.83 15.07
N LEU E 86 27.93 -5.68 15.58
CA LEU E 86 27.57 -6.60 16.66
C LEU E 86 27.45 -5.91 18.03
N THR E 87 26.34 -6.21 18.71
CA THR E 87 26.06 -5.74 20.05
C THR E 87 25.97 -6.95 20.99
N SER E 88 25.75 -6.69 22.27
CA SER E 88 25.54 -7.77 23.24
C SER E 88 24.21 -8.51 23.00
N GLU E 89 23.26 -7.86 22.33
CA GLU E 89 22.01 -8.53 21.93
C GLU E 89 22.28 -9.70 20.98
N ASP E 90 23.38 -9.61 20.22
CA ASP E 90 23.77 -10.64 19.26
C ASP E 90 24.59 -11.77 19.90
N THR E 91 25.05 -11.58 21.14
CA THR E 91 25.74 -12.64 21.87
C THR E 91 24.74 -13.75 22.15
N ALA E 92 24.82 -14.83 21.38
CA ALA E 92 23.85 -15.93 21.46
C ALA E 92 24.39 -17.19 20.78
N LEU E 93 23.58 -18.26 20.79
CA LEU E 93 23.92 -19.52 20.11
C LEU E 93 23.18 -19.59 18.78
N TYR E 94 23.92 -19.89 17.72
CA TYR E 94 23.39 -19.84 16.36
C TYR E 94 23.41 -21.23 15.72
N TYR E 95 22.23 -21.81 15.54
CA TYR E 95 22.07 -23.11 14.88
C TYR E 95 21.85 -22.95 13.39
N CYS E 96 22.41 -23.84 12.60
CA CYS E 96 22.02 -24.00 11.21
C CYS E 96 21.25 -25.32 11.12
N THR E 97 20.10 -25.27 10.45
CA THR E 97 19.28 -26.46 10.25
C THR E 97 18.91 -26.59 8.78
N ARG E 98 18.64 -27.82 8.37
CA ARG E 98 18.28 -28.13 7.00
C ARG E 98 17.48 -29.43 7.04
N TRP E 99 16.46 -29.51 6.19
CA TRP E 99 15.69 -30.74 6.03
C TRP E 99 16.24 -31.52 4.85
N ASP E 100 15.83 -32.78 4.77
CA ASP E 100 16.11 -33.65 3.62
C ASP E 100 14.90 -34.57 3.43
N THR E 101 14.94 -35.40 2.38
CA THR E 101 13.85 -36.32 2.06
C THR E 101 14.41 -37.56 1.39
N TYR E 102 13.72 -38.68 1.57
CA TYR E 102 14.07 -39.94 0.92
C TYR E 102 12.87 -40.87 1.06
N GLY E 103 12.58 -41.64 0.03
CA GLY E 103 11.32 -42.36 -0.03
C GLY E 103 10.19 -41.35 0.11
N ALA E 104 9.14 -41.72 0.85
CA ALA E 104 8.08 -40.79 1.22
C ALA E 104 8.50 -39.89 2.39
N ALA E 105 9.33 -40.40 3.29
CA ALA E 105 9.60 -39.72 4.55
C ALA E 105 10.44 -38.45 4.40
N TRP E 106 10.34 -37.58 5.41
CA TRP E 106 11.15 -36.37 5.52
C TRP E 106 12.13 -36.55 6.68
N PHE E 107 13.18 -35.74 6.69
CA PHE E 107 14.21 -35.78 7.73
C PHE E 107 14.66 -34.38 8.12
N ALA E 108 14.97 -34.19 9.40
CA ALA E 108 15.45 -32.91 9.91
C ALA E 108 16.81 -33.09 10.55
N TYR E 109 17.75 -32.22 10.20
CA TYR E 109 19.10 -32.27 10.76
C TYR E 109 19.49 -30.90 11.28
N TRP E 110 20.17 -30.89 12.43
CA TRP E 110 20.68 -29.65 13.03
C TRP E 110 22.18 -29.76 13.23
N GLY E 111 22.88 -28.65 13.01
CA GLY E 111 24.30 -28.56 13.36
C GLY E 111 24.49 -28.53 14.87
N GLN E 112 25.74 -28.65 15.30
CA GLN E 112 26.06 -28.61 16.73
C GLN E 112 25.79 -27.23 17.35
N GLY E 113 25.94 -26.18 16.55
CA GLY E 113 25.72 -24.81 16.98
C GLY E 113 26.99 -24.00 16.89
N THR E 114 26.87 -22.69 17.01
CA THR E 114 28.02 -21.80 17.04
C THR E 114 27.80 -20.69 18.06
N LEU E 115 28.61 -20.68 19.10
CA LEU E 115 28.56 -19.63 20.10
C LEU E 115 29.20 -18.37 19.52
N VAL E 116 28.47 -17.27 19.57
CA VAL E 116 28.99 -15.96 19.21
C VAL E 116 29.05 -15.12 20.47
N THR E 117 30.25 -14.66 20.81
CA THR E 117 30.46 -13.84 21.99
C THR E 117 30.99 -12.48 21.52
N VAL E 118 30.21 -11.43 21.79
CA VAL E 118 30.55 -10.08 21.37
C VAL E 118 31.15 -9.30 22.53
N SER E 119 32.47 -9.13 22.53
CA SER E 119 33.18 -8.50 23.63
C SER E 119 34.59 -8.06 23.23
N ALA E 120 35.05 -6.97 23.84
CA ALA E 120 36.44 -6.56 23.70
C ALA E 120 37.34 -7.41 24.59
N ALA E 121 36.77 -8.01 25.64
CA ALA E 121 37.54 -8.74 26.65
C ALA E 121 38.49 -9.78 26.06
N LYS E 122 39.74 -9.75 26.53
CA LYS E 122 40.78 -10.65 26.07
C LYS E 122 40.56 -12.06 26.59
N THR E 123 41.00 -13.05 25.80
CA THR E 123 40.79 -14.45 26.13
C THR E 123 41.61 -14.84 27.37
N THR E 124 40.90 -15.28 28.41
CA THR E 124 41.50 -15.57 29.70
C THR E 124 41.54 -17.07 29.95
N PRO E 125 42.72 -17.62 30.29
CA PRO E 125 42.75 -19.02 30.71
C PRO E 125 42.16 -19.19 32.12
N PRO E 126 41.51 -20.33 32.38
CA PRO E 126 40.88 -20.57 33.68
C PRO E 126 41.87 -20.86 34.80
N SER E 127 41.36 -20.85 36.02
CA SER E 127 42.10 -21.29 37.19
C SER E 127 41.37 -22.49 37.77
N VAL E 128 41.96 -23.67 37.65
CA VAL E 128 41.33 -24.90 38.10
C VAL E 128 41.79 -25.22 39.52
N TYR E 129 40.83 -25.43 40.42
CA TYR E 129 41.10 -25.72 41.82
C TYR E 129 40.26 -26.91 42.29
N PRO E 130 40.92 -27.96 42.81
CA PRO E 130 40.18 -29.14 43.26
C PRO E 130 39.48 -28.89 44.60
N LEU E 131 38.39 -29.61 44.84
CA LEU E 131 37.60 -29.44 46.07
C LEU E 131 37.55 -30.71 46.89
N ALA E 132 38.07 -30.63 48.12
CA ALA E 132 38.10 -31.76 49.05
C ALA E 132 37.60 -31.33 50.43
N PRO E 133 37.02 -32.28 51.21
CA PRO E 133 36.48 -31.95 52.54
C PRO E 133 37.56 -31.72 53.61
N GLY E 134 37.14 -31.67 54.88
CA GLY E 134 38.05 -31.53 56.02
C GLY E 134 37.66 -32.43 57.17
N ASN E 140 29.38 -41.12 56.05
CA ASN E 140 28.36 -40.79 55.07
C ASN E 140 28.22 -41.82 53.94
N SER E 141 29.03 -42.88 53.99
CA SER E 141 28.94 -44.02 53.06
C SER E 141 29.18 -43.69 51.58
N MET E 142 29.35 -42.40 51.26
CA MET E 142 29.57 -41.94 49.89
C MET E 142 30.32 -40.61 49.97
N VAL E 143 31.29 -40.42 49.06
CA VAL E 143 32.10 -39.18 49.06
C VAL E 143 31.95 -38.41 47.75
N THR E 144 31.59 -37.14 47.87
CA THR E 144 31.46 -36.24 46.73
C THR E 144 32.74 -35.42 46.61
N LEU E 145 33.32 -35.40 45.41
CA LEU E 145 34.48 -34.57 45.11
C LEU E 145 34.07 -33.53 44.10
N GLY E 146 34.92 -32.54 43.86
CA GLY E 146 34.60 -31.46 42.93
C GLY E 146 35.80 -30.76 42.35
N CYS E 147 35.53 -29.89 41.38
CA CYS E 147 36.56 -29.13 40.68
C CYS E 147 36.01 -27.76 40.32
N LEU E 148 36.70 -26.70 40.75
CA LEU E 148 36.23 -25.32 40.55
C LEU E 148 37.02 -24.65 39.44
N VAL E 149 36.37 -24.47 38.29
CA VAL E 149 36.97 -23.78 37.15
C VAL E 149 36.57 -22.31 37.24
N LYS E 150 37.54 -21.42 37.37
CA LYS E 150 37.27 -20.02 37.69
C LYS E 150 38.04 -19.04 36.82
N GLY E 151 37.44 -17.86 36.59
CA GLY E 151 38.12 -16.72 35.98
C GLY E 151 38.55 -16.89 34.54
N TYR E 152 37.71 -17.54 33.74
CA TYR E 152 38.01 -17.75 32.32
C TYR E 152 37.03 -17.01 31.42
N PHE E 153 37.47 -16.77 30.19
CA PHE E 153 36.66 -16.11 29.17
C PHE E 153 37.32 -16.35 27.81
N PRO E 154 36.51 -16.59 26.75
CA PRO E 154 35.06 -16.70 26.68
C PRO E 154 34.57 -18.13 26.94
N GLU E 155 33.28 -18.35 26.72
CA GLU E 155 32.68 -19.69 26.73
C GLU E 155 33.13 -20.38 25.43
N PRO E 156 33.19 -21.74 25.41
CA PRO E 156 32.87 -22.74 26.42
C PRO E 156 34.06 -23.49 27.01
N VAL E 157 33.76 -24.39 27.94
CA VAL E 157 34.77 -25.21 28.62
C VAL E 157 34.31 -26.68 28.68
N THR E 158 35.28 -27.59 28.62
CA THR E 158 35.04 -29.02 28.81
C THR E 158 35.45 -29.42 30.23
N VAL E 159 34.65 -30.28 30.87
CA VAL E 159 35.01 -30.88 32.14
C VAL E 159 34.70 -32.39 32.10
N THR E 160 35.71 -33.21 32.40
CA THR E 160 35.52 -34.66 32.49
C THR E 160 36.17 -35.19 33.77
N TRP E 161 36.00 -36.49 34.02
CA TRP E 161 36.64 -37.16 35.15
C TRP E 161 37.27 -38.48 34.72
N ASN E 162 38.57 -38.61 34.94
CA ASN E 162 39.35 -39.78 34.51
C ASN E 162 39.25 -40.02 33.00
N SER E 163 39.49 -38.96 32.23
CA SER E 163 39.46 -39.02 30.76
C SER E 163 38.12 -39.53 30.23
N GLY E 164 37.03 -39.11 30.87
CA GLY E 164 35.67 -39.44 30.42
C GLY E 164 35.11 -40.73 30.95
N SER E 165 35.93 -41.53 31.62
CA SER E 165 35.53 -42.86 32.08
C SER E 165 34.61 -42.86 33.31
N LEU E 166 34.38 -41.67 33.89
CA LEU E 166 33.42 -41.52 34.99
C LEU E 166 32.18 -40.77 34.49
N SER E 167 31.21 -41.54 34.01
CA SER E 167 29.94 -40.98 33.51
C SER E 167 28.98 -40.73 34.66
N SER E 168 28.70 -41.79 35.42
CA SER E 168 27.67 -41.75 36.46
C SER E 168 28.13 -41.01 37.71
N GLY E 169 27.19 -40.31 38.36
CA GLY E 169 27.46 -39.56 39.58
C GLY E 169 28.00 -38.15 39.35
N VAL E 170 27.91 -37.68 38.10
CA VAL E 170 28.51 -36.40 37.70
C VAL E 170 27.46 -35.30 37.55
N HIS E 171 27.83 -34.09 37.97
CA HIS E 171 27.05 -32.88 37.71
C HIS E 171 27.98 -31.76 37.27
N THR E 172 27.93 -31.39 36.00
CA THR E 172 28.68 -30.25 35.47
C THR E 172 27.73 -29.06 35.33
N PHE E 173 27.92 -28.05 36.17
CA PHE E 173 26.99 -26.93 36.25
C PHE E 173 27.24 -25.90 35.14
N PRO E 174 26.17 -25.20 34.69
CA PRO E 174 26.35 -24.14 33.70
C PRO E 174 27.18 -22.97 34.21
N ALA E 175 27.89 -22.31 33.31
CA ALA E 175 28.72 -21.16 33.64
C ALA E 175 27.88 -19.96 34.05
N VAL E 176 28.44 -19.12 34.91
CA VAL E 176 27.78 -17.88 35.32
C VAL E 176 28.74 -16.70 35.15
N LEU E 177 28.30 -15.69 34.41
CA LEU E 177 29.14 -14.54 34.08
C LEU E 177 29.03 -13.46 35.15
N GLN E 178 30.17 -12.87 35.50
CA GLN E 178 30.20 -11.62 36.26
C GLN E 178 31.53 -10.91 36.04
N SER E 179 31.44 -9.62 35.70
CA SER E 179 32.63 -8.81 35.40
C SER E 179 33.42 -9.40 34.23
N ASP E 180 32.70 -9.91 33.23
CA ASP E 180 33.29 -10.54 32.03
C ASP E 180 34.25 -11.68 32.34
N LEU E 181 33.90 -12.51 33.33
CA LEU E 181 34.64 -13.73 33.64
C LEU E 181 33.69 -14.84 34.07
N TYR E 182 33.61 -15.88 33.25
CA TYR E 182 32.73 -17.02 33.53
C TYR E 182 33.31 -17.89 34.64
N THR E 183 32.42 -18.49 35.42
CA THR E 183 32.82 -19.34 36.55
C THR E 183 31.85 -20.53 36.67
N LEU E 184 32.39 -21.75 36.65
CA LEU E 184 31.56 -22.95 36.79
C LEU E 184 32.21 -24.00 37.68
N SER E 185 31.40 -24.98 38.06
CA SER E 185 31.84 -26.07 38.91
C SER E 185 31.36 -27.42 38.36
N SER E 186 32.03 -28.49 38.77
CA SER E 186 31.62 -29.83 38.42
C SER E 186 31.80 -30.74 39.63
N SER E 187 30.81 -31.59 39.92
CA SER E 187 30.89 -32.51 41.06
C SER E 187 30.87 -33.95 40.58
N VAL E 188 31.49 -34.83 41.38
CA VAL E 188 31.50 -36.25 41.10
C VAL E 188 31.31 -37.03 42.41
N THR E 189 30.46 -38.04 42.38
CA THR E 189 30.16 -38.85 43.56
C THR E 189 30.68 -40.26 43.36
N VAL E 190 31.58 -40.68 44.24
CA VAL E 190 32.15 -42.03 44.20
C VAL E 190 31.90 -42.72 45.55
N PRO E 191 31.99 -44.06 45.59
CA PRO E 191 31.88 -44.76 46.87
C PRO E 191 33.04 -44.45 47.81
N SER E 192 32.82 -44.57 49.12
CA SER E 192 33.84 -44.24 50.10
C SER E 192 35.06 -45.17 50.05
N SER E 193 34.88 -46.38 49.50
CA SER E 193 35.98 -47.33 49.33
C SER E 193 37.01 -46.89 48.29
N THR E 194 36.53 -46.39 47.16
CA THR E 194 37.38 -45.90 46.07
C THR E 194 38.46 -44.94 46.57
N TRP E 195 38.01 -43.86 47.20
CA TRP E 195 38.89 -42.75 47.58
C TRP E 195 39.46 -42.98 48.99
N PRO E 196 40.73 -42.57 49.23
CA PRO E 196 41.67 -41.91 48.33
C PRO E 196 42.60 -42.86 47.56
N SER E 197 42.64 -44.13 47.96
CA SER E 197 43.54 -45.12 47.35
C SER E 197 43.46 -45.10 45.82
N GLU E 198 42.26 -45.27 45.29
CA GLU E 198 42.04 -45.15 43.85
C GLU E 198 41.98 -43.67 43.50
N THR E 199 42.74 -43.28 42.48
CA THR E 199 42.94 -41.87 42.16
C THR E 199 41.78 -41.29 41.35
N VAL E 200 41.51 -40.00 41.57
CA VAL E 200 40.46 -39.27 40.86
C VAL E 200 41.05 -37.96 40.30
N THR E 201 40.95 -37.78 38.99
CA THR E 201 41.51 -36.62 38.30
C THR E 201 40.45 -35.92 37.45
N CYS E 202 40.17 -34.64 37.76
CA CYS E 202 39.23 -33.85 36.98
C CYS E 202 39.99 -33.24 35.79
N ASN E 203 39.48 -33.43 34.58
CA ASN E 203 40.15 -32.96 33.37
C ASN E 203 39.41 -31.78 32.76
N VAL E 204 40.11 -30.64 32.62
CA VAL E 204 39.51 -29.41 32.10
C VAL E 204 40.14 -29.01 30.77
N ALA E 205 39.31 -28.55 29.84
CA ALA E 205 39.78 -28.10 28.53
C ALA E 205 39.09 -26.81 28.11
N HIS E 206 39.88 -25.76 27.90
CA HIS E 206 39.39 -24.47 27.45
C HIS E 206 39.97 -24.21 26.05
N PRO E 207 39.15 -24.44 25.00
CA PRO E 207 39.64 -24.28 23.62
C PRO E 207 40.11 -22.87 23.25
N ALA E 208 39.38 -21.85 23.68
CA ALA E 208 39.68 -20.47 23.33
C ALA E 208 41.13 -20.06 23.64
N SER E 209 41.63 -20.47 24.80
CA SER E 209 43.00 -20.17 25.22
C SER E 209 44.00 -21.29 24.91
N SER E 210 43.49 -22.43 24.41
CA SER E 210 44.29 -23.63 24.18
C SER E 210 44.92 -24.12 25.49
N THR E 211 44.07 -24.59 26.40
CA THR E 211 44.49 -24.95 27.75
C THR E 211 43.84 -26.25 28.21
N LYS E 212 44.61 -27.35 28.18
CA LYS E 212 44.19 -28.65 28.70
C LYS E 212 44.84 -28.88 30.06
N VAL E 213 44.03 -28.90 31.12
CA VAL E 213 44.53 -29.02 32.49
C VAL E 213 43.86 -30.17 33.24
N ASP E 214 44.67 -31.02 33.86
CA ASP E 214 44.19 -32.16 34.64
C ASP E 214 44.57 -31.98 36.10
N LYS E 215 43.57 -31.80 36.96
CA LYS E 215 43.79 -31.54 38.38
C LYS E 215 43.44 -32.77 39.22
N LYS E 216 44.37 -33.19 40.07
CA LYS E 216 44.17 -34.35 40.95
C LYS E 216 43.51 -33.90 42.24
N ILE E 217 42.71 -34.79 42.84
CA ILE E 217 42.04 -34.49 44.10
C ILE E 217 42.78 -35.17 45.26
N VAL E 218 43.44 -34.37 46.08
CA VAL E 218 44.22 -34.87 47.22
C VAL E 218 43.87 -34.10 48.50
N PRO E 219 43.55 -34.83 49.59
CA PRO E 219 43.20 -34.17 50.86
C PRO E 219 44.41 -33.72 51.66
N ASP F 1 1.91 -12.03 8.61
CA ASP F 1 2.62 -13.19 9.22
C ASP F 1 1.70 -14.08 10.04
N ILE F 2 2.23 -15.22 10.45
CA ILE F 2 1.51 -16.19 11.28
C ILE F 2 2.13 -16.20 12.69
N GLN F 3 1.27 -16.30 13.70
CA GLN F 3 1.71 -16.34 15.10
C GLN F 3 1.51 -17.75 15.68
N MET F 4 2.53 -18.22 16.39
CA MET F 4 2.51 -19.56 16.99
C MET F 4 2.52 -19.44 18.51
N THR F 5 1.58 -20.12 19.16
CA THR F 5 1.40 -20.01 20.62
C THR F 5 1.11 -21.38 21.22
N GLN F 6 1.85 -21.74 22.26
CA GLN F 6 1.77 -23.06 22.87
C GLN F 6 1.14 -23.03 24.26
N SER F 7 0.20 -23.95 24.49
CA SER F 7 -0.37 -24.17 25.83
C SER F 7 -0.21 -25.64 26.23
N PRO F 8 0.26 -25.90 27.46
CA PRO F 8 0.72 -24.93 28.46
C PRO F 8 2.18 -24.54 28.25
N ALA F 9 2.59 -23.42 28.85
CA ALA F 9 3.99 -23.00 28.83
C ALA F 9 4.82 -23.91 29.73
N SER F 10 4.28 -24.23 30.90
CA SER F 10 4.95 -25.08 31.87
C SER F 10 4.05 -26.26 32.23
N LEU F 11 4.68 -27.39 32.57
CA LEU F 11 3.95 -28.60 32.92
C LEU F 11 4.84 -29.60 33.64
N SER F 12 4.32 -30.19 34.71
CA SER F 12 4.96 -31.31 35.40
C SER F 12 4.00 -32.50 35.41
N ALA F 13 4.52 -33.70 35.17
CA ALA F 13 3.70 -34.92 35.15
C ALA F 13 4.51 -36.17 35.50
N SER F 14 3.85 -37.14 36.12
CA SER F 14 4.51 -38.35 36.61
C SER F 14 4.92 -39.28 35.48
N VAL F 15 5.87 -40.16 35.78
CA VAL F 15 6.29 -41.21 34.86
C VAL F 15 5.14 -42.20 34.74
N GLY F 16 4.70 -42.46 33.51
CA GLY F 16 3.58 -43.36 33.25
C GLY F 16 2.28 -42.64 32.94
N GLU F 17 2.23 -41.35 33.26
CA GLU F 17 1.06 -40.51 33.01
C GLU F 17 0.99 -40.13 31.53
N THR F 18 -0.18 -39.66 31.10
CA THR F 18 -0.37 -39.16 29.74
C THR F 18 -0.48 -37.64 29.78
N VAL F 19 0.06 -36.97 28.77
CA VAL F 19 -0.02 -35.50 28.67
C VAL F 19 -0.30 -35.06 27.24
N THR F 20 -0.70 -33.80 27.11
CA THR F 20 -1.09 -33.24 25.81
C THR F 20 -0.67 -31.77 25.70
N ILE F 21 0.21 -31.48 24.76
CA ILE F 21 0.61 -30.10 24.45
C ILE F 21 -0.20 -29.64 23.25
N THR F 22 -0.43 -28.33 23.13
CA THR F 22 -1.18 -27.78 21.99
C THR F 22 -0.42 -26.64 21.30
N CYS F 23 -0.60 -26.52 19.99
CA CYS F 23 -0.14 -25.37 19.22
C CYS F 23 -1.27 -24.73 18.46
N ARG F 24 -1.50 -23.45 18.75
CA ARG F 24 -2.52 -22.67 18.07
C ARG F 24 -1.84 -21.73 17.10
N ALA F 25 -2.17 -21.85 15.82
CA ALA F 25 -1.73 -20.91 14.81
C ALA F 25 -2.78 -19.82 14.66
N SER F 26 -2.33 -18.60 14.35
CA SER F 26 -3.24 -17.48 14.12
C SER F 26 -4.08 -17.71 12.86
N GLY F 27 -3.48 -18.32 11.85
CA GLY F 27 -4.18 -18.68 10.61
C GLY F 27 -4.05 -20.15 10.28
N ASN F 28 -4.67 -20.55 9.17
CA ASN F 28 -4.62 -21.95 8.73
C ASN F 28 -3.28 -22.24 8.05
N ILE F 29 -2.61 -23.30 8.52
CA ILE F 29 -1.29 -23.68 8.00
C ILE F 29 -1.28 -25.07 7.36
N HIS F 30 -2.44 -25.71 7.27
CA HIS F 30 -2.64 -26.92 6.47
C HIS F 30 -1.60 -28.00 6.76
N ASN F 31 -1.44 -28.32 8.04
CA ASN F 31 -0.58 -29.42 8.50
C ASN F 31 0.92 -29.24 8.24
N TYR F 32 1.33 -28.08 7.71
CA TYR F 32 2.76 -27.77 7.58
C TYR F 32 3.30 -27.37 8.95
N LEU F 33 3.35 -28.35 9.86
CA LEU F 33 3.71 -28.10 11.25
C LEU F 33 4.45 -29.31 11.86
N SER F 34 5.60 -29.04 12.48
CA SER F 34 6.43 -30.08 13.09
C SER F 34 6.67 -29.80 14.57
N TRP F 35 6.94 -30.87 15.31
CA TRP F 35 7.27 -30.78 16.75
C TRP F 35 8.72 -31.14 16.99
N PHE F 36 9.36 -30.43 17.92
CA PHE F 36 10.76 -30.70 18.28
C PHE F 36 10.93 -30.85 19.79
N GLN F 37 11.91 -31.67 20.18
CA GLN F 37 12.30 -31.82 21.58
C GLN F 37 13.67 -31.21 21.77
N GLN F 38 13.83 -30.40 22.81
CA GLN F 38 15.14 -29.83 23.11
C GLN F 38 15.49 -29.97 24.59
N LYS F 39 16.49 -30.80 24.87
CA LYS F 39 17.06 -30.92 26.19
C LYS F 39 18.16 -29.87 26.30
N GLN F 40 18.18 -29.15 27.41
CA GLN F 40 19.17 -28.08 27.63
C GLN F 40 20.57 -28.48 27.18
N GLY F 41 21.24 -27.59 26.45
CA GLY F 41 22.61 -27.85 26.00
C GLY F 41 22.75 -28.82 24.85
N LYS F 42 21.63 -29.19 24.22
CA LYS F 42 21.64 -30.04 23.04
C LYS F 42 20.92 -29.35 21.88
N SER F 43 21.16 -29.86 20.67
CA SER F 43 20.46 -29.40 19.48
C SER F 43 19.03 -29.97 19.48
N PRO F 44 18.06 -29.27 18.85
CA PRO F 44 16.70 -29.82 18.80
C PRO F 44 16.59 -31.12 18.01
N GLN F 45 15.73 -32.02 18.46
CA GLN F 45 15.44 -33.27 17.75
C GLN F 45 14.01 -33.27 17.23
N LEU F 46 13.82 -33.74 15.99
CA LEU F 46 12.51 -33.79 15.37
C LEU F 46 11.74 -35.03 15.84
N LEU F 47 10.48 -34.81 16.25
CA LEU F 47 9.63 -35.89 16.75
C LEU F 47 8.53 -36.22 15.76
N VAL F 48 7.73 -35.21 15.41
CA VAL F 48 6.61 -35.36 14.52
C VAL F 48 6.66 -34.31 13.42
N TYR F 49 6.30 -34.69 12.20
CA TYR F 49 6.18 -33.75 11.09
C TYR F 49 4.90 -34.00 10.28
N SER F 50 4.52 -32.98 9.51
CA SER F 50 3.24 -32.94 8.79
C SER F 50 2.06 -33.25 9.70
N ALA F 51 2.06 -32.64 10.87
CA ALA F 51 0.99 -32.78 11.88
C ALA F 51 0.97 -34.14 12.57
N LYS F 52 0.94 -35.23 11.81
CA LYS F 52 0.68 -36.57 12.37
C LYS F 52 1.69 -37.67 12.01
N THR F 53 2.77 -37.36 11.29
CA THR F 53 3.75 -38.39 10.89
C THR F 53 4.94 -38.44 11.85
N LEU F 54 5.13 -39.58 12.51
CA LEU F 54 6.27 -39.80 13.40
C LEU F 54 7.59 -39.78 12.62
N ALA F 55 8.56 -39.01 13.14
CA ALA F 55 9.86 -38.91 12.49
C ALA F 55 10.68 -40.18 12.67
N ASP F 56 11.79 -40.25 11.94
CA ASP F 56 12.67 -41.41 11.94
C ASP F 56 13.24 -41.68 13.33
N GLY F 57 13.11 -42.91 13.79
CA GLY F 57 13.69 -43.34 15.07
C GLY F 57 13.03 -42.77 16.33
N VAL F 58 11.80 -42.31 16.21
CA VAL F 58 11.07 -41.74 17.35
C VAL F 58 10.16 -42.83 17.94
N PRO F 59 10.12 -42.96 19.28
CA PRO F 59 9.27 -43.98 19.90
C PRO F 59 7.78 -43.78 19.63
N SER F 60 7.03 -44.88 19.63
CA SER F 60 5.62 -44.88 19.21
C SER F 60 4.67 -44.19 20.20
N ARG F 61 5.13 -43.93 21.41
CA ARG F 61 4.33 -43.20 22.40
C ARG F 61 4.04 -41.76 21.94
N PHE F 62 4.98 -41.17 21.22
CA PHE F 62 4.80 -39.83 20.68
C PHE F 62 3.85 -39.86 19.49
N SER F 63 2.72 -39.16 19.62
CA SER F 63 1.73 -39.09 18.56
C SER F 63 1.17 -37.67 18.40
N GLY F 64 1.16 -37.17 17.16
CA GLY F 64 0.64 -35.84 16.86
C GLY F 64 -0.80 -35.89 16.37
N SER F 65 -1.46 -34.74 16.39
CA SER F 65 -2.88 -34.65 16.05
C SER F 65 -3.31 -33.21 15.74
N GLY F 66 -4.44 -33.09 15.06
CA GLY F 66 -5.05 -31.78 14.77
C GLY F 66 -5.24 -31.49 13.29
N SER F 67 -5.61 -30.24 12.99
CA SER F 67 -5.78 -29.78 11.61
C SER F 67 -5.92 -28.26 11.53
N GLY F 68 -5.63 -27.70 10.35
CA GLY F 68 -5.83 -26.29 10.07
C GLY F 68 -5.16 -25.32 11.03
N THR F 69 -5.88 -24.99 12.11
CA THR F 69 -5.41 -24.01 13.09
C THR F 69 -5.08 -24.63 14.47
N GLN F 70 -5.66 -25.79 14.76
CA GLN F 70 -5.47 -26.49 16.03
C GLN F 70 -4.55 -27.70 15.84
N TYR F 71 -3.50 -27.79 16.67
CA TYR F 71 -2.60 -28.95 16.66
C TYR F 71 -2.22 -29.33 18.08
N SER F 72 -1.86 -30.59 18.27
CA SER F 72 -1.48 -31.06 19.60
C SER F 72 -0.58 -32.29 19.54
N LEU F 73 0.40 -32.31 20.45
CA LEU F 73 1.29 -33.44 20.63
C LEU F 73 0.77 -34.25 21.81
N LYS F 74 0.87 -35.57 21.70
CA LYS F 74 0.39 -36.47 22.75
C LYS F 74 1.51 -37.42 23.14
N ILE F 75 1.63 -37.70 24.44
CA ILE F 75 2.63 -38.63 24.96
C ILE F 75 1.98 -39.63 25.91
N ASN F 76 1.62 -40.80 25.38
CA ASN F 76 1.11 -41.90 26.19
C ASN F 76 2.24 -42.62 26.89
N SER F 77 2.07 -42.95 28.16
CA SER F 77 3.09 -43.64 28.94
C SER F 77 4.40 -42.84 28.98
N LEU F 78 4.39 -41.77 29.76
CA LEU F 78 5.52 -40.85 29.83
C LEU F 78 6.73 -41.52 30.49
N GLN F 79 7.93 -41.15 30.05
CA GLN F 79 9.17 -41.75 30.53
C GLN F 79 10.19 -40.69 30.98
N PRO F 80 11.24 -41.11 31.72
CA PRO F 80 12.25 -40.17 32.22
C PRO F 80 12.98 -39.36 31.14
N GLU F 81 13.31 -39.99 30.02
CA GLU F 81 14.01 -39.30 28.94
C GLU F 81 13.11 -38.32 28.14
N ASP F 82 11.86 -38.14 28.56
CA ASP F 82 10.93 -37.24 27.87
C ASP F 82 10.93 -35.81 28.41
N PHE F 83 11.84 -35.49 29.33
CA PHE F 83 11.96 -34.13 29.83
C PHE F 83 12.59 -33.23 28.76
N GLY F 84 12.26 -31.94 28.83
CA GLY F 84 12.86 -30.94 27.94
C GLY F 84 11.85 -29.87 27.54
N THR F 85 12.24 -29.04 26.58
CA THR F 85 11.33 -28.04 26.01
C THR F 85 10.87 -28.49 24.63
N TYR F 86 9.55 -28.53 24.44
CA TYR F 86 8.95 -28.96 23.19
C TYR F 86 8.48 -27.76 22.38
N TYR F 87 9.06 -27.57 21.20
CA TYR F 87 8.66 -26.48 20.31
C TYR F 87 7.91 -27.04 19.11
N CYS F 88 6.92 -26.29 18.61
CA CYS F 88 6.33 -26.56 17.30
C CYS F 88 6.72 -25.46 16.32
N GLN F 89 6.59 -25.75 15.02
CA GLN F 89 7.03 -24.83 13.97
C GLN F 89 6.16 -24.99 12.74
N HIS F 90 5.80 -23.86 12.11
CA HIS F 90 5.03 -23.89 10.87
C HIS F 90 5.95 -23.68 9.67
N PHE F 91 5.55 -24.22 8.52
CA PHE F 91 6.27 -24.00 7.26
C PHE F 91 5.34 -23.53 6.14
N TRP F 92 4.14 -23.09 6.50
CA TRP F 92 3.15 -22.56 5.55
C TRP F 92 3.62 -21.27 4.86
N SER F 93 3.72 -20.17 5.60
CA SER F 93 4.16 -18.90 5.01
C SER F 93 5.68 -18.85 4.89
N SER F 94 6.16 -17.84 4.17
CA SER F 94 7.60 -17.63 3.93
C SER F 94 8.45 -17.66 5.19
N ILE F 95 7.95 -17.11 6.30
CA ILE F 95 8.72 -16.98 7.53
C ILE F 95 8.37 -18.09 8.52
N TYR F 96 9.27 -19.06 8.65
CA TYR F 96 9.02 -20.28 9.43
C TYR F 96 9.18 -20.03 10.93
N THR F 97 8.14 -19.44 11.53
CA THR F 97 8.18 -19.02 12.93
C THR F 97 8.04 -20.20 13.88
N PHE F 98 8.61 -20.06 15.07
CA PHE F 98 8.53 -21.08 16.11
C PHE F 98 7.53 -20.70 17.19
N GLY F 99 7.14 -21.70 17.98
CA GLY F 99 6.33 -21.46 19.18
C GLY F 99 7.25 -21.02 20.31
N GLY F 100 6.64 -20.47 21.36
CA GLY F 100 7.38 -20.07 22.55
C GLY F 100 7.91 -21.24 23.35
N GLY F 101 7.31 -22.41 23.14
CA GLY F 101 7.78 -23.65 23.74
C GLY F 101 6.93 -24.11 24.90
N THR F 102 7.01 -25.40 25.19
CA THR F 102 6.39 -25.98 26.37
C THR F 102 7.49 -26.72 27.12
N LYS F 103 7.83 -26.23 28.32
CA LYS F 103 8.88 -26.85 29.13
C LYS F 103 8.28 -27.95 30.01
N LEU F 104 8.69 -29.19 29.74
CA LEU F 104 8.15 -30.36 30.45
C LEU F 104 9.17 -30.90 31.47
N GLU F 105 8.75 -31.00 32.73
CA GLU F 105 9.54 -31.71 33.76
C GLU F 105 8.81 -32.96 34.22
N ILE F 106 9.58 -33.94 34.67
CA ILE F 106 9.03 -35.18 35.20
C ILE F 106 8.77 -35.01 36.69
N LYS F 107 7.56 -35.30 37.13
CA LYS F 107 7.23 -35.22 38.54
C LYS F 107 7.63 -36.53 39.21
N ARG F 108 8.21 -36.40 40.40
CA ARG F 108 8.65 -37.55 41.17
C ARG F 108 8.50 -37.28 42.68
N ALA F 109 8.81 -38.29 43.49
CA ALA F 109 8.72 -38.16 44.94
C ALA F 109 9.74 -37.15 45.49
N ASP F 110 9.30 -36.35 46.44
CA ASP F 110 10.13 -35.30 47.02
C ASP F 110 11.39 -35.90 47.64
N ALA F 111 12.54 -35.52 47.11
CA ALA F 111 13.83 -35.98 47.64
C ALA F 111 14.65 -34.80 48.13
N ALA F 112 15.26 -34.96 49.30
CA ALA F 112 16.09 -33.92 49.90
C ALA F 112 17.47 -33.87 49.24
N PRO F 113 18.12 -32.70 49.27
CA PRO F 113 19.43 -32.54 48.62
C PRO F 113 20.59 -33.11 49.43
N THR F 114 21.49 -33.81 48.75
CA THR F 114 22.75 -34.22 49.34
C THR F 114 23.66 -32.99 49.38
N VAL F 115 23.83 -32.42 50.57
CA VAL F 115 24.60 -31.19 50.74
C VAL F 115 26.05 -31.52 51.07
N SER F 116 26.98 -30.76 50.50
CA SER F 116 28.41 -30.97 50.73
C SER F 116 29.20 -29.67 50.59
N ILE F 117 29.64 -29.12 51.72
CA ILE F 117 30.42 -27.88 51.73
C ILE F 117 31.91 -28.15 51.52
N PHE F 118 32.55 -27.28 50.75
CA PHE F 118 33.98 -27.40 50.46
C PHE F 118 34.67 -26.06 50.66
N PRO F 119 35.69 -26.01 51.55
CA PRO F 119 36.43 -24.77 51.73
C PRO F 119 37.37 -24.49 50.55
N PRO F 120 37.85 -23.24 50.42
CA PRO F 120 38.74 -22.90 49.31
C PRO F 120 40.03 -23.72 49.33
N SER F 121 40.48 -24.14 48.15
CA SER F 121 41.70 -24.93 48.02
C SER F 121 42.93 -24.10 48.39
N SER F 122 44.05 -24.78 48.64
CA SER F 122 45.32 -24.12 48.91
C SER F 122 45.81 -23.33 47.70
N GLU F 123 45.48 -23.83 46.50
CA GLU F 123 45.88 -23.21 45.24
C GLU F 123 45.22 -21.84 45.06
N GLN F 124 43.98 -21.72 45.53
CA GLN F 124 43.22 -20.47 45.43
C GLN F 124 43.69 -19.44 46.46
N LEU F 125 44.07 -19.90 47.64
CA LEU F 125 44.60 -19.02 48.70
C LEU F 125 45.91 -18.37 48.27
N THR F 126 46.75 -19.13 47.58
CA THR F 126 48.01 -18.61 47.04
C THR F 126 47.76 -17.58 45.94
N SER F 127 46.69 -17.77 45.17
CA SER F 127 46.35 -16.84 44.08
C SER F 127 45.95 -15.47 44.62
N GLY F 128 45.15 -15.45 45.70
CA GLY F 128 44.71 -14.20 46.33
C GLY F 128 43.28 -14.22 46.81
N GLY F 129 42.41 -14.93 46.09
CA GLY F 129 40.99 -15.01 46.41
C GLY F 129 40.64 -16.20 47.29
N ALA F 130 39.35 -16.32 47.62
CA ALA F 130 38.86 -17.41 48.45
C ALA F 130 37.36 -17.62 48.26
N SER F 131 37.00 -18.74 47.64
CA SER F 131 35.61 -19.07 47.35
C SER F 131 35.19 -20.35 48.08
N VAL F 132 34.10 -20.27 48.83
CA VAL F 132 33.49 -21.44 49.45
C VAL F 132 32.43 -21.98 48.50
N VAL F 133 32.54 -23.26 48.16
CA VAL F 133 31.58 -23.90 47.26
C VAL F 133 30.71 -24.88 48.04
N CYS F 134 29.48 -25.08 47.56
CA CYS F 134 28.50 -25.91 48.23
C CYS F 134 27.63 -26.59 47.17
N PHE F 135 27.71 -27.91 47.09
CA PHE F 135 26.85 -28.68 46.19
C PHE F 135 25.59 -29.11 46.94
N LEU F 136 24.45 -29.01 46.26
CA LEU F 136 23.18 -29.48 46.79
C LEU F 136 22.60 -30.42 45.74
N ASN F 137 23.04 -31.68 45.79
CA ASN F 137 22.83 -32.62 44.69
C ASN F 137 21.62 -33.52 44.88
N ASN F 138 20.92 -33.78 43.77
CA ASN F 138 19.84 -34.76 43.68
C ASN F 138 18.66 -34.50 44.61
N PHE F 139 18.03 -33.34 44.41
CA PHE F 139 16.82 -32.96 45.14
C PHE F 139 15.66 -32.73 44.18
N TYR F 140 14.44 -32.83 44.71
CA TYR F 140 13.22 -32.50 43.99
C TYR F 140 12.20 -31.97 44.98
N PRO F 141 11.51 -30.87 44.63
CA PRO F 141 11.48 -30.14 43.36
C PRO F 141 12.59 -29.10 43.18
N LYS F 142 12.63 -28.50 41.99
CA LYS F 142 13.63 -27.51 41.58
C LYS F 142 13.80 -26.34 42.55
N ASP F 143 12.69 -25.90 43.12
CA ASP F 143 12.66 -24.68 43.94
C ASP F 143 13.37 -24.90 45.28
N ILE F 144 14.58 -24.35 45.38
CA ILE F 144 15.37 -24.46 46.60
C ILE F 144 16.11 -23.15 46.88
N ASN F 145 16.11 -22.74 48.16
CA ASN F 145 16.76 -21.49 48.57
C ASN F 145 17.99 -21.78 49.41
N VAL F 146 19.05 -21.00 49.20
CA VAL F 146 20.32 -21.19 49.88
C VAL F 146 20.72 -19.95 50.69
N LYS F 147 21.04 -20.16 51.95
CA LYS F 147 21.51 -19.10 52.83
C LYS F 147 22.98 -19.33 53.16
N TRP F 148 23.77 -18.25 53.16
CA TRP F 148 25.18 -18.31 53.54
C TRP F 148 25.41 -17.52 54.82
N LYS F 149 26.06 -18.13 55.80
CA LYS F 149 26.37 -17.46 57.07
C LYS F 149 27.86 -17.46 57.38
N ILE F 150 28.31 -16.41 58.05
CA ILE F 150 29.70 -16.26 58.45
C ILE F 150 29.77 -15.84 59.92
N ASP F 151 30.08 -16.80 60.80
CA ASP F 151 29.99 -16.63 62.25
C ASP F 151 28.55 -16.32 62.68
N GLY F 152 27.59 -17.01 62.08
CA GLY F 152 26.17 -16.84 62.42
C GLY F 152 25.49 -15.64 61.77
N SER F 153 26.28 -14.78 61.11
CA SER F 153 25.76 -13.59 60.46
C SER F 153 25.64 -13.83 58.94
N GLU F 154 24.49 -13.45 58.38
CA GLU F 154 24.16 -13.77 56.99
C GLU F 154 24.87 -12.86 55.98
N ARG F 155 25.21 -13.44 54.83
CA ARG F 155 25.88 -12.72 53.73
C ARG F 155 25.10 -12.90 52.42
N GLN F 156 24.84 -11.79 51.73
CA GLN F 156 24.10 -11.80 50.48
C GLN F 156 25.03 -11.69 49.27
N ASN F 157 25.97 -10.74 49.34
CA ASN F 157 26.90 -10.49 48.22
C ASN F 157 27.88 -11.63 47.97
N GLY F 158 28.38 -11.69 46.73
CA GLY F 158 29.42 -12.65 46.35
C GLY F 158 28.92 -14.05 46.00
N VAL F 159 27.61 -14.27 46.08
CA VAL F 159 27.04 -15.61 45.88
C VAL F 159 26.67 -15.82 44.40
N LEU F 160 26.89 -17.04 43.92
CA LEU F 160 26.64 -17.40 42.52
C LEU F 160 25.94 -18.75 42.42
N ASN F 161 24.64 -18.72 42.17
CA ASN F 161 23.84 -19.94 42.02
C ASN F 161 23.86 -20.46 40.59
N SER F 162 23.71 -21.78 40.44
CA SER F 162 23.71 -22.42 39.13
C SER F 162 23.04 -23.78 39.25
N TRP F 163 22.06 -24.03 38.36
CA TRP F 163 21.28 -25.27 38.38
C TRP F 163 21.59 -26.12 37.16
N THR F 164 21.62 -27.44 37.36
CA THR F 164 21.67 -28.38 36.24
C THR F 164 20.26 -28.63 35.76
N ASP F 165 20.15 -29.21 34.57
CA ASP F 165 18.85 -29.62 34.04
C ASP F 165 18.41 -30.87 34.78
N GLN F 166 17.13 -31.23 34.63
CA GLN F 166 16.61 -32.44 35.23
C GLN F 166 17.41 -33.64 34.70
N ASP F 167 17.77 -34.56 35.60
CA ASP F 167 18.59 -35.71 35.24
C ASP F 167 17.81 -36.70 34.39
N SER F 168 18.48 -37.27 33.40
CA SER F 168 17.84 -38.22 32.48
C SER F 168 17.46 -39.54 33.17
N LYS F 169 18.31 -40.00 34.09
CA LYS F 169 18.09 -41.27 34.80
C LYS F 169 16.99 -41.18 35.87
N ASP F 170 17.25 -40.40 36.92
CA ASP F 170 16.37 -40.36 38.10
C ASP F 170 15.45 -39.13 38.20
N SER F 171 15.64 -38.15 37.31
CA SER F 171 14.78 -36.96 37.22
C SER F 171 14.93 -36.01 38.42
N THR F 172 16.16 -35.87 38.92
CA THR F 172 16.44 -34.94 40.01
C THR F 172 17.25 -33.74 39.51
N TYR F 173 17.15 -32.63 40.24
CA TYR F 173 17.97 -31.45 39.96
C TYR F 173 19.15 -31.41 40.93
N SER F 174 20.17 -30.64 40.56
CA SER F 174 21.30 -30.36 41.45
C SER F 174 21.64 -28.88 41.39
N MET F 175 22.18 -28.34 42.48
CA MET F 175 22.51 -26.92 42.58
C MET F 175 23.92 -26.73 43.14
N SER F 176 24.59 -25.68 42.68
CA SER F 176 25.88 -25.26 43.21
C SER F 176 25.83 -23.79 43.58
N SER F 177 26.34 -23.46 44.77
CA SER F 177 26.43 -22.07 45.23
C SER F 177 27.86 -21.74 45.59
N THR F 178 28.36 -20.62 45.05
CA THR F 178 29.77 -20.24 45.23
C THR F 178 29.88 -18.87 45.89
N LEU F 179 30.06 -18.87 47.21
CA LEU F 179 30.33 -17.66 47.97
C LEU F 179 31.73 -17.18 47.64
N THR F 180 31.90 -15.87 47.45
CA THR F 180 33.17 -15.30 47.01
C THR F 180 33.65 -14.19 47.97
N LEU F 181 34.81 -14.42 48.58
CA LEU F 181 35.44 -13.45 49.46
C LEU F 181 36.85 -13.17 48.98
N THR F 182 37.51 -12.21 49.64
CA THR F 182 38.95 -12.06 49.51
C THR F 182 39.57 -12.95 50.58
N LYS F 183 40.83 -13.34 50.39
CA LYS F 183 41.53 -14.19 51.35
C LYS F 183 41.61 -13.51 52.73
N ASP F 184 41.77 -12.19 52.72
CA ASP F 184 41.83 -11.42 53.95
C ASP F 184 40.52 -11.52 54.69
N GLU F 185 39.41 -11.26 54.00
CA GLU F 185 38.08 -11.44 54.58
C GLU F 185 37.81 -12.89 54.98
N TYR F 186 38.36 -13.83 54.21
CA TYR F 186 38.18 -15.26 54.50
C TYR F 186 38.89 -15.68 55.78
N GLU F 187 40.02 -15.05 56.08
CA GLU F 187 40.79 -15.40 57.26
C GLU F 187 40.29 -14.71 58.54
N ARG F 188 39.56 -13.61 58.38
CA ARG F 188 39.02 -12.87 59.53
C ARG F 188 37.96 -13.65 60.31
N HIS F 189 37.19 -14.49 59.62
CA HIS F 189 36.07 -15.21 60.24
C HIS F 189 36.34 -16.73 60.30
N ASN F 190 35.54 -17.42 61.10
CA ASN F 190 35.80 -18.83 61.47
C ASN F 190 34.77 -19.82 60.91
N SER F 191 33.50 -19.59 61.23
CA SER F 191 32.41 -20.47 60.83
C SER F 191 31.86 -20.06 59.46
N TYR F 192 31.76 -21.03 58.55
CA TYR F 192 31.20 -20.80 57.21
C TYR F 192 30.10 -21.81 56.92
N THR F 193 28.86 -21.32 56.93
CA THR F 193 27.67 -22.17 56.92
C THR F 193 26.92 -22.09 55.59
N CYS F 194 26.55 -23.26 55.07
CA CYS F 194 25.73 -23.38 53.87
C CYS F 194 24.39 -24.02 54.28
N GLU F 195 23.34 -23.20 54.32
CA GLU F 195 22.00 -23.67 54.70
C GLU F 195 21.09 -23.80 53.49
N ALA F 196 20.36 -24.92 53.41
CA ALA F 196 19.48 -25.19 52.29
C ALA F 196 18.05 -25.45 52.78
N THR F 197 17.16 -24.47 52.55
CA THR F 197 15.74 -24.64 52.88
C THR F 197 15.03 -25.30 51.70
N HIS F 198 14.33 -26.39 51.99
CA HIS F 198 13.65 -27.19 50.97
C HIS F 198 12.25 -27.59 51.46
N LYS F 199 11.38 -27.97 50.52
CA LYS F 199 10.02 -28.40 50.87
C LYS F 199 9.99 -29.60 51.81
N THR F 200 10.96 -30.50 51.69
CA THR F 200 11.05 -31.67 52.56
C THR F 200 11.32 -31.25 54.00
N SER F 201 12.52 -30.74 54.26
CA SER F 201 12.92 -30.33 55.60
C SER F 201 12.30 -28.98 55.94
N THR F 202 11.39 -28.99 56.91
CA THR F 202 10.79 -27.76 57.43
C THR F 202 11.85 -26.81 58.00
N SER F 203 12.88 -27.39 58.64
CA SER F 203 14.02 -26.62 59.13
C SER F 203 15.14 -26.70 58.09
N PRO F 204 16.16 -25.82 58.20
CA PRO F 204 17.20 -25.77 57.18
C PRO F 204 18.24 -26.88 57.31
N ILE F 205 18.60 -27.49 56.18
CA ILE F 205 19.66 -28.49 56.14
C ILE F 205 21.00 -27.78 56.21
N VAL F 206 21.69 -27.90 57.34
CA VAL F 206 22.89 -27.12 57.62
C VAL F 206 24.15 -27.92 57.33
N LYS F 207 25.15 -27.26 56.73
CA LYS F 207 26.48 -27.82 56.55
C LYS F 207 27.50 -26.72 56.78
N SER F 208 28.49 -27.00 57.64
CA SER F 208 29.45 -26.00 58.08
C SER F 208 30.86 -26.57 58.17
N PHE F 209 31.81 -25.71 58.52
CA PHE F 209 33.17 -26.15 58.85
C PHE F 209 33.91 -25.11 59.69
N ASN F 210 34.63 -25.60 60.69
CA ASN F 210 35.63 -24.81 61.40
C ASN F 210 36.79 -24.56 60.43
N ARG F 211 37.29 -23.33 60.39
CA ARG F 211 38.40 -22.99 59.50
C ARG F 211 39.73 -23.55 60.01
N ASN F 212 39.87 -23.63 61.33
CA ASN F 212 41.12 -24.05 61.97
C ASN F 212 41.26 -25.57 62.10
N GLU F 213 42.18 -26.16 61.35
CA GLU F 213 42.62 -27.54 61.56
C GLU F 213 43.95 -27.84 60.86
N GLU G 1 -4.43 10.77 -7.83
CA GLU G 1 -4.02 9.38 -8.21
C GLU G 1 -4.08 9.21 -9.74
N VAL G 2 -2.95 9.46 -10.40
CA VAL G 2 -2.91 9.53 -11.87
C VAL G 2 -3.13 8.16 -12.50
N GLN G 3 -3.96 8.15 -13.55
CA GLN G 3 -4.65 6.93 -13.96
C GLN G 3 -5.05 6.94 -15.44
N LEU G 4 -4.90 5.79 -16.10
CA LEU G 4 -5.55 5.54 -17.39
C LEU G 4 -6.53 4.40 -17.24
N GLN G 5 -7.78 4.66 -17.62
CA GLN G 5 -8.88 3.70 -17.46
C GLN G 5 -9.41 3.30 -18.83
N GLN G 6 -9.21 2.03 -19.19
CA GLN G 6 -9.62 1.50 -20.49
C GLN G 6 -10.97 0.80 -20.43
N SER G 7 -11.66 0.77 -21.57
CA SER G 7 -12.98 0.14 -21.66
C SER G 7 -12.89 -1.39 -21.63
N GLY G 8 -14.04 -2.02 -21.37
CA GLY G 8 -14.11 -3.46 -21.11
C GLY G 8 -13.87 -4.36 -22.32
N ALA G 9 -13.67 -5.64 -22.01
CA ALA G 9 -13.39 -6.70 -22.98
C ALA G 9 -14.43 -6.77 -24.10
N GLU G 10 -13.99 -7.26 -25.26
CA GLU G 10 -14.82 -7.29 -26.47
C GLU G 10 -14.73 -8.63 -27.18
N LEU G 11 -15.87 -9.30 -27.35
CA LEU G 11 -16.01 -10.40 -28.31
C LEU G 11 -16.69 -9.84 -29.55
N VAL G 12 -16.17 -10.19 -30.72
CA VAL G 12 -16.62 -9.57 -31.96
C VAL G 12 -16.29 -10.46 -33.16
N LYS G 13 -17.21 -10.48 -34.13
CA LYS G 13 -17.12 -11.40 -35.25
C LYS G 13 -16.22 -10.85 -36.35
N PRO G 14 -15.61 -11.74 -37.16
CA PRO G 14 -14.80 -11.30 -38.30
C PRO G 14 -15.56 -10.39 -39.27
N GLY G 15 -14.85 -9.45 -39.89
CA GLY G 15 -15.47 -8.44 -40.74
C GLY G 15 -15.99 -7.22 -40.00
N ALA G 16 -16.28 -7.39 -38.71
CA ALA G 16 -16.86 -6.32 -37.90
C ALA G 16 -15.82 -5.30 -37.44
N SER G 17 -16.31 -4.22 -36.83
CA SER G 17 -15.48 -3.17 -36.26
C SER G 17 -15.68 -3.10 -34.75
N VAL G 18 -14.73 -2.45 -34.06
CA VAL G 18 -14.88 -2.18 -32.63
C VAL G 18 -14.13 -0.91 -32.22
N LYS G 19 -14.72 -0.17 -31.28
CA LYS G 19 -14.19 1.11 -30.84
C LYS G 19 -13.87 1.07 -29.34
N LEU G 20 -12.57 1.02 -29.03
CA LEU G 20 -12.08 0.96 -27.65
C LEU G 20 -11.80 2.37 -27.14
N SER G 21 -12.01 2.58 -25.84
CA SER G 21 -11.74 3.88 -25.22
C SER G 21 -10.69 3.81 -24.11
N CYS G 22 -10.09 4.97 -23.83
CA CYS G 22 -9.04 5.08 -22.80
C CYS G 22 -9.13 6.47 -22.16
N THR G 23 -9.58 6.52 -20.91
CA THR G 23 -9.86 7.78 -20.22
C THR G 23 -8.81 8.06 -19.12
N SER G 24 -8.25 9.26 -19.14
CA SER G 24 -7.18 9.63 -18.23
C SER G 24 -7.72 10.48 -17.08
N SER G 25 -7.02 10.43 -15.95
CA SER G 25 -7.35 11.21 -14.76
C SER G 25 -6.09 11.70 -14.06
N GLY G 26 -6.12 12.94 -13.59
CA GLY G 26 -5.06 13.47 -12.75
C GLY G 26 -3.79 13.85 -13.48
N PHE G 27 -3.83 13.85 -14.82
CA PHE G 27 -2.64 14.19 -15.57
C PHE G 27 -2.33 15.68 -15.41
N ASN G 28 -1.08 15.98 -15.06
CA ASN G 28 -0.65 17.37 -14.89
C ASN G 28 -0.44 18.06 -16.23
N ASN G 29 0.15 17.33 -17.18
CA ASN G 29 0.41 17.88 -18.50
C ASN G 29 -0.72 17.55 -19.45
N LYS G 30 -1.29 18.59 -20.05
CA LYS G 30 -2.44 18.43 -20.93
C LYS G 30 -2.05 18.07 -22.37
N ASP G 31 -0.78 18.28 -22.72
CA ASP G 31 -0.30 18.15 -24.10
C ASP G 31 0.39 16.80 -24.45
N THR G 32 0.31 15.81 -23.55
CA THR G 32 0.97 14.53 -23.79
C THR G 32 0.07 13.59 -24.57
N PHE G 33 0.69 12.75 -25.39
CA PHE G 33 -0.03 11.95 -26.37
C PHE G 33 -0.70 10.73 -25.77
N PHE G 34 -1.93 10.46 -26.19
CA PHE G 34 -2.49 9.13 -25.95
C PHE G 34 -1.83 8.23 -26.96
N GLN G 35 -1.41 7.05 -26.53
CA GLN G 35 -0.76 6.11 -27.42
C GLN G 35 -1.47 4.79 -27.26
N TRP G 36 -1.51 4.02 -28.35
CA TRP G 36 -2.12 2.69 -28.35
C TRP G 36 -1.09 1.63 -28.74
N VAL G 37 -1.18 0.48 -28.09
CA VAL G 37 -0.18 -0.58 -28.26
C VAL G 37 -0.85 -1.96 -28.29
N LYS G 38 -0.41 -2.82 -29.20
CA LYS G 38 -0.95 -4.18 -29.34
C LYS G 38 -0.01 -5.23 -28.78
N GLN G 39 -0.55 -6.20 -28.05
CA GLN G 39 0.23 -7.32 -27.53
C GLN G 39 -0.51 -8.64 -27.69
N ARG G 40 0.03 -9.52 -28.54
CA ARG G 40 -0.50 -10.88 -28.69
C ARG G 40 0.17 -11.76 -27.64
N PRO G 41 -0.58 -12.68 -27.02
CA PRO G 41 -0.04 -13.39 -25.85
C PRO G 41 1.35 -13.97 -26.09
N GLU G 42 2.25 -13.76 -25.13
CA GLU G 42 3.62 -14.26 -25.19
C GLU G 42 4.43 -13.67 -26.35
N GLU G 43 4.09 -12.44 -26.75
CA GLU G 43 4.83 -11.74 -27.80
C GLU G 43 5.18 -10.31 -27.39
N GLY G 44 5.93 -9.62 -28.26
CA GLY G 44 6.35 -8.26 -28.00
C GLY G 44 5.25 -7.23 -28.12
N LEU G 45 5.49 -6.07 -27.51
CA LEU G 45 4.59 -4.93 -27.62
C LEU G 45 4.76 -4.34 -29.01
N GLU G 46 3.64 -4.00 -29.64
CA GLU G 46 3.66 -3.35 -30.94
C GLU G 46 3.03 -1.97 -30.80
N TRP G 47 3.76 -0.94 -31.20
CA TRP G 47 3.21 0.41 -31.22
C TRP G 47 2.26 0.58 -32.42
N ILE G 48 1.01 0.96 -32.13
CA ILE G 48 0.01 1.17 -33.17
C ILE G 48 0.08 2.59 -33.67
N GLY G 49 -0.06 3.54 -32.75
CA GLY G 49 0.02 4.95 -33.10
C GLY G 49 -0.31 5.82 -31.90
N ARG G 50 -0.36 7.12 -32.13
CA ARG G 50 -0.68 8.07 -31.08
C ARG G 50 -1.55 9.19 -31.58
N ILE G 51 -2.11 9.93 -30.63
CA ILE G 51 -2.81 11.15 -30.92
C ILE G 51 -2.41 12.23 -29.91
N ASP G 52 -2.22 13.44 -30.42
CA ASP G 52 -1.96 14.61 -29.61
C ASP G 52 -3.31 15.22 -29.25
N PRO G 53 -3.66 15.21 -27.95
CA PRO G 53 -4.98 15.72 -27.55
C PRO G 53 -5.16 17.24 -27.72
N ALA G 54 -4.08 17.99 -27.79
CA ALA G 54 -4.20 19.43 -28.00
C ALA G 54 -4.78 19.80 -29.37
N ASN G 55 -4.43 19.04 -30.40
CA ASN G 55 -4.79 19.40 -31.77
C ASN G 55 -5.30 18.27 -32.68
N GLY G 56 -5.36 17.05 -32.16
CA GLY G 56 -5.88 15.91 -32.92
C GLY G 56 -4.91 15.28 -33.89
N PHE G 57 -3.65 15.71 -33.88
CA PHE G 57 -2.64 15.18 -34.81
C PHE G 57 -2.28 13.74 -34.44
N THR G 58 -2.38 12.84 -35.42
CA THR G 58 -2.06 11.44 -35.21
C THR G 58 -0.84 10.99 -36.01
N LYS G 59 -0.28 9.87 -35.59
CA LYS G 59 0.80 9.19 -36.30
C LYS G 59 0.59 7.71 -36.09
N TYR G 60 0.78 6.93 -37.15
CA TYR G 60 0.62 5.48 -37.07
C TYR G 60 1.86 4.76 -37.55
N ASP G 61 2.07 3.55 -37.03
CA ASP G 61 2.98 2.61 -37.65
C ASP G 61 2.33 2.19 -38.96
N PRO G 62 3.09 2.21 -40.08
CA PRO G 62 2.52 1.87 -41.38
C PRO G 62 1.79 0.52 -41.45
N LYS G 63 2.16 -0.42 -40.57
CA LYS G 63 1.47 -1.71 -40.47
C LYS G 63 -0.01 -1.52 -40.14
N PHE G 64 -0.31 -0.60 -39.24
CA PHE G 64 -1.67 -0.38 -38.77
C PHE G 64 -2.40 0.72 -39.54
N GLN G 65 -1.73 1.32 -40.52
CA GLN G 65 -2.36 2.32 -41.37
C GLN G 65 -3.53 1.70 -42.12
N GLY G 66 -4.74 2.21 -41.87
CA GLY G 66 -5.96 1.66 -42.44
C GLY G 66 -6.70 0.75 -41.48
N LYS G 67 -5.95 -0.06 -40.73
CA LYS G 67 -6.55 -0.96 -39.74
C LYS G 67 -7.08 -0.17 -38.55
N ALA G 68 -6.22 0.68 -37.98
CA ALA G 68 -6.55 1.46 -36.79
C ALA G 68 -6.83 2.92 -37.12
N THR G 69 -7.84 3.48 -36.47
CA THR G 69 -8.13 4.92 -36.54
C THR G 69 -8.23 5.45 -35.12
N ILE G 70 -7.30 6.34 -34.76
CA ILE G 70 -7.24 6.87 -33.40
C ILE G 70 -7.91 8.23 -33.42
N THR G 71 -8.80 8.45 -32.46
CA THR G 71 -9.48 9.73 -32.31
C THR G 71 -9.46 10.12 -30.83
N VAL G 72 -9.76 11.40 -30.56
CA VAL G 72 -9.68 11.93 -29.21
C VAL G 72 -10.78 12.94 -28.92
N ASP G 73 -11.31 12.89 -27.72
CA ASP G 73 -12.21 13.90 -27.18
C ASP G 73 -11.51 14.54 -25.98
N THR G 74 -10.76 15.62 -26.25
CA THR G 74 -9.91 16.28 -25.25
C THR G 74 -10.65 16.64 -23.98
N SER G 75 -11.81 17.27 -24.14
CA SER G 75 -12.62 17.74 -23.03
C SER G 75 -12.89 16.73 -21.93
N SER G 76 -12.89 15.43 -22.27
CA SER G 76 -13.01 14.36 -21.26
C SER G 76 -11.71 13.57 -21.08
N ASN G 77 -10.62 14.03 -21.70
CA ASN G 77 -9.33 13.34 -21.65
C ASN G 77 -9.48 11.87 -22.02
N THR G 78 -10.17 11.61 -23.13
CA THR G 78 -10.42 10.26 -23.60
C THR G 78 -10.00 10.12 -25.05
N ALA G 79 -9.15 9.14 -25.31
CA ALA G 79 -8.79 8.79 -26.69
C ALA G 79 -9.52 7.51 -27.04
N TYR G 80 -9.71 7.30 -28.33
CA TYR G 80 -10.39 6.11 -28.82
C TYR G 80 -9.57 5.42 -29.90
N LEU G 81 -9.62 4.10 -29.87
CA LEU G 81 -9.00 3.26 -30.88
C LEU G 81 -10.10 2.52 -31.66
N GLN G 82 -10.19 2.77 -32.97
CA GLN G 82 -11.08 1.99 -33.79
C GLN G 82 -10.30 1.02 -34.66
N LEU G 83 -10.62 -0.26 -34.55
CA LEU G 83 -10.06 -1.29 -35.40
C LEU G 83 -11.13 -1.68 -36.41
N ASN G 84 -10.74 -1.72 -37.69
CA ASN G 84 -11.70 -1.90 -38.80
C ASN G 84 -11.52 -3.25 -39.50
N SER G 85 -12.64 -3.86 -39.88
CA SER G 85 -12.66 -5.09 -40.69
C SER G 85 -11.74 -6.19 -40.12
N LEU G 86 -12.22 -6.86 -39.08
CA LEU G 86 -11.35 -7.67 -38.22
C LEU G 86 -11.09 -9.10 -38.71
N THR G 87 -9.91 -9.61 -38.37
CA THR G 87 -9.52 -11.00 -38.64
C THR G 87 -9.01 -11.63 -37.35
N SER G 88 -8.72 -12.92 -37.38
CA SER G 88 -8.17 -13.61 -36.21
C SER G 88 -6.79 -13.07 -35.81
N GLU G 89 -6.11 -12.47 -36.78
CA GLU G 89 -4.81 -11.82 -36.55
C GLU G 89 -4.93 -10.51 -35.76
N ASP G 90 -6.15 -10.06 -35.47
CA ASP G 90 -6.39 -8.89 -34.62
C ASP G 90 -6.73 -9.26 -33.17
N THR G 91 -6.90 -10.55 -32.89
CA THR G 91 -7.14 -10.99 -31.52
C THR G 91 -5.93 -10.69 -30.66
N ALA G 92 -6.08 -9.79 -29.69
CA ALA G 92 -4.95 -9.36 -28.89
C ALA G 92 -5.40 -8.54 -27.68
N LEU G 93 -4.43 -8.29 -26.80
CA LEU G 93 -4.60 -7.32 -25.73
C LEU G 93 -4.23 -5.95 -26.31
N TYR G 94 -5.10 -4.96 -26.13
CA TYR G 94 -4.85 -3.60 -26.61
C TYR G 94 -4.66 -2.62 -25.45
N TYR G 95 -3.45 -2.05 -25.35
CA TYR G 95 -3.10 -1.12 -24.28
C TYR G 95 -3.16 0.32 -24.78
N CYS G 96 -3.55 1.24 -23.91
CA CYS G 96 -3.23 2.65 -24.11
C CYS G 96 -2.19 3.04 -23.06
N THR G 97 -1.22 3.84 -23.48
CA THR G 97 -0.27 4.41 -22.55
C THR G 97 -0.11 5.89 -22.80
N ARG G 98 0.22 6.61 -21.74
CA ARG G 98 0.41 8.05 -21.80
C ARG G 98 1.47 8.51 -20.80
N TRP G 99 2.28 9.47 -21.23
CA TRP G 99 3.30 10.04 -20.39
C TRP G 99 2.77 11.28 -19.70
N ASP G 100 3.52 11.78 -18.73
CA ASP G 100 3.16 12.98 -18.01
C ASP G 100 4.44 13.55 -17.42
N THR G 101 4.43 14.84 -17.10
CA THR G 101 5.53 15.46 -16.36
C THR G 101 4.99 16.08 -15.08
N TYR G 102 5.80 16.04 -14.03
CA TYR G 102 5.58 16.85 -12.86
C TYR G 102 6.94 17.30 -12.36
N GLY G 103 7.08 18.58 -12.05
CA GLY G 103 8.39 19.14 -11.74
C GLY G 103 9.33 18.89 -12.90
N ALA G 104 10.49 18.32 -12.61
CA ALA G 104 11.51 18.04 -13.62
C ALA G 104 11.47 16.60 -14.10
N ALA G 105 10.50 15.82 -13.61
CA ALA G 105 10.47 14.39 -13.89
C ALA G 105 9.43 14.00 -14.94
N TRP G 106 9.63 12.82 -15.52
CA TRP G 106 8.71 12.23 -16.46
C TRP G 106 8.09 11.01 -15.82
N PHE G 107 6.82 10.78 -16.13
CA PHE G 107 6.09 9.63 -15.62
C PHE G 107 5.45 8.93 -16.80
N ALA G 108 5.14 7.65 -16.65
CA ALA G 108 4.51 6.89 -17.73
C ALA G 108 3.43 6.00 -17.17
N TYR G 109 2.23 6.07 -17.75
CA TYR G 109 1.09 5.33 -17.25
C TYR G 109 0.48 4.44 -18.33
N TRP G 110 0.08 3.25 -17.92
CA TRP G 110 -0.49 2.25 -18.78
C TRP G 110 -1.84 1.87 -18.23
N GLY G 111 -2.81 1.70 -19.11
CA GLY G 111 -4.11 1.17 -18.72
C GLY G 111 -3.99 -0.31 -18.44
N GLN G 112 -5.06 -0.88 -17.90
CA GLN G 112 -5.12 -2.32 -17.62
C GLN G 112 -5.19 -3.16 -18.90
N GLY G 113 -5.46 -2.51 -20.03
CA GLY G 113 -5.55 -3.18 -21.32
C GLY G 113 -6.98 -3.59 -21.63
N THR G 114 -7.26 -3.74 -22.92
CA THR G 114 -8.54 -4.25 -23.38
C THR G 114 -8.29 -5.47 -24.27
N LEU G 115 -8.71 -6.64 -23.79
CA LEU G 115 -8.63 -7.87 -24.58
C LEU G 115 -9.74 -7.89 -25.63
N VAL G 116 -9.35 -7.92 -26.91
CA VAL G 116 -10.29 -8.02 -28.02
C VAL G 116 -10.15 -9.38 -28.67
N THR G 117 -11.28 -10.06 -28.82
CA THR G 117 -11.31 -11.43 -29.35
C THR G 117 -12.12 -11.47 -30.64
N VAL G 118 -11.49 -11.92 -31.73
CA VAL G 118 -12.13 -11.94 -33.05
C VAL G 118 -12.55 -13.36 -33.42
N SER G 119 -13.85 -13.66 -33.32
CA SER G 119 -14.35 -15.01 -33.62
C SER G 119 -15.86 -15.08 -33.78
N ALA G 120 -16.30 -15.99 -34.65
CA ALA G 120 -17.73 -16.25 -34.88
C ALA G 120 -18.34 -17.09 -33.75
N ALA G 121 -17.47 -17.80 -33.02
CA ALA G 121 -17.91 -18.64 -31.90
C ALA G 121 -18.64 -17.81 -30.83
N LYS G 122 -19.69 -18.40 -30.27
CA LYS G 122 -20.54 -17.74 -29.29
C LYS G 122 -20.17 -18.19 -27.87
N THR G 123 -20.61 -17.41 -26.89
CA THR G 123 -20.23 -17.65 -25.49
C THR G 123 -20.83 -18.96 -24.95
N THR G 124 -19.96 -19.79 -24.37
CA THR G 124 -20.33 -21.10 -23.83
C THR G 124 -19.71 -21.27 -22.43
N PRO G 125 -20.52 -21.74 -21.44
CA PRO G 125 -19.99 -21.94 -20.09
C PRO G 125 -19.06 -23.16 -19.98
N PRO G 126 -18.28 -23.25 -18.88
CA PRO G 126 -17.34 -24.36 -18.70
C PRO G 126 -17.92 -25.56 -17.98
N SER G 127 -17.41 -26.74 -18.31
CA SER G 127 -17.64 -27.94 -17.51
C SER G 127 -16.43 -28.15 -16.61
N VAL G 128 -16.67 -28.49 -15.34
CA VAL G 128 -15.60 -28.69 -14.38
C VAL G 128 -15.55 -30.16 -13.95
N TYR G 129 -14.40 -30.80 -14.18
CA TYR G 129 -14.20 -32.20 -13.86
C TYR G 129 -13.03 -32.38 -12.88
N PRO G 130 -13.25 -33.13 -11.80
CA PRO G 130 -12.20 -33.34 -10.81
C PRO G 130 -11.19 -34.38 -11.26
N LEU G 131 -9.97 -34.31 -10.73
CA LEU G 131 -8.91 -35.26 -11.05
C LEU G 131 -8.37 -35.86 -9.76
N ALA G 132 -8.50 -37.18 -9.62
CA ALA G 132 -8.07 -37.88 -8.40
C ALA G 132 -7.34 -39.18 -8.75
N PRO G 133 -6.35 -39.58 -7.91
CA PRO G 133 -5.61 -40.82 -8.12
C PRO G 133 -6.27 -42.03 -7.44
N SER G 141 4.18 -38.46 1.02
CA SER G 141 4.08 -37.31 1.92
C SER G 141 3.27 -36.15 1.32
N MET G 142 3.36 -35.98 0.00
CA MET G 142 2.57 -34.98 -0.73
C MET G 142 1.59 -35.65 -1.69
N VAL G 143 0.44 -35.00 -1.91
CA VAL G 143 -0.59 -35.51 -2.83
C VAL G 143 -1.01 -34.42 -3.81
N THR G 144 -0.83 -34.67 -5.10
CA THR G 144 -1.22 -33.73 -6.14
C THR G 144 -2.64 -34.04 -6.61
N LEU G 145 -3.50 -33.03 -6.57
CA LEU G 145 -4.88 -33.14 -7.05
C LEU G 145 -5.06 -32.15 -8.19
N GLY G 146 -6.16 -32.28 -8.92
CA GLY G 146 -6.40 -31.45 -10.12
C GLY G 146 -7.84 -31.09 -10.37
N CYS G 147 -8.02 -30.11 -11.27
CA CYS G 147 -9.34 -29.68 -11.69
C CYS G 147 -9.29 -29.32 -13.18
N LEU G 148 -10.19 -29.95 -13.96
CA LEU G 148 -10.21 -29.78 -15.42
C LEU G 148 -11.37 -28.89 -15.86
N VAL G 149 -11.03 -27.74 -16.45
CA VAL G 149 -12.01 -26.77 -16.97
C VAL G 149 -12.02 -26.83 -18.50
N LYS G 150 -13.08 -27.43 -19.06
CA LYS G 150 -13.12 -27.79 -20.48
C LYS G 150 -14.35 -27.28 -21.22
N GLY G 151 -14.17 -26.96 -22.49
CA GLY G 151 -15.28 -26.68 -23.42
C GLY G 151 -15.99 -25.36 -23.21
N TYR G 152 -15.22 -24.31 -22.90
CA TYR G 152 -15.79 -22.98 -22.63
C TYR G 152 -15.34 -21.93 -23.63
N PHE G 153 -16.09 -20.83 -23.66
CA PHE G 153 -15.77 -19.70 -24.52
C PHE G 153 -16.54 -18.49 -24.03
N PRO G 154 -15.90 -17.30 -24.00
CA PRO G 154 -14.54 -16.97 -24.38
C PRO G 154 -13.60 -16.95 -23.18
N GLU G 155 -12.35 -16.54 -23.40
CA GLU G 155 -11.45 -16.22 -22.30
C GLU G 155 -11.91 -14.91 -21.65
N PRO G 156 -11.54 -14.67 -20.38
CA PRO G 156 -10.76 -15.52 -19.49
C PRO G 156 -11.62 -16.22 -18.43
N VAL G 157 -10.97 -16.97 -17.54
CA VAL G 157 -11.64 -17.70 -16.45
C VAL G 157 -10.76 -17.73 -15.20
N THR G 158 -11.39 -17.76 -14.03
CA THR G 158 -10.69 -17.73 -12.74
C THR G 158 -10.77 -19.08 -12.03
N VAL G 159 -9.66 -19.53 -11.46
CA VAL G 159 -9.61 -20.78 -10.69
C VAL G 159 -8.97 -20.54 -9.32
N THR G 160 -9.59 -21.05 -8.27
CA THR G 160 -9.05 -20.99 -6.91
C THR G 160 -9.29 -22.30 -6.17
N TRP G 161 -8.58 -22.49 -5.06
CA TRP G 161 -8.66 -23.72 -4.27
C TRP G 161 -9.09 -23.42 -2.84
N ASN G 162 -10.23 -24.00 -2.43
CA ASN G 162 -10.90 -23.67 -1.17
C ASN G 162 -11.03 -22.16 -0.97
N SER G 163 -11.66 -21.49 -1.94
CA SER G 163 -11.90 -20.05 -1.90
C SER G 163 -10.63 -19.20 -1.76
N GLY G 164 -9.51 -19.70 -2.25
CA GLY G 164 -8.25 -18.93 -2.25
C GLY G 164 -7.29 -19.26 -1.12
N SER G 165 -7.75 -20.07 -0.15
CA SER G 165 -6.93 -20.39 1.02
C SER G 165 -5.71 -21.24 0.66
N LEU G 166 -5.88 -22.17 -0.29
CA LEU G 166 -4.75 -22.89 -0.86
C LEU G 166 -4.03 -21.96 -1.83
N SER G 167 -3.21 -21.07 -1.28
CA SER G 167 -2.43 -20.14 -2.07
C SER G 167 -1.08 -20.74 -2.45
N SER G 168 -0.77 -21.90 -1.89
CA SER G 168 0.52 -22.55 -2.09
C SER G 168 0.37 -23.80 -2.94
N GLY G 169 1.40 -24.08 -3.73
CA GLY G 169 1.46 -25.31 -4.54
C GLY G 169 0.41 -25.40 -5.64
N VAL G 170 -0.07 -24.26 -6.12
CA VAL G 170 -1.06 -24.21 -7.20
C VAL G 170 -0.39 -23.91 -8.54
N HIS G 171 -0.74 -24.70 -9.55
CA HIS G 171 -0.32 -24.44 -10.94
C HIS G 171 -1.54 -24.41 -11.83
N THR G 172 -2.10 -23.22 -12.05
CA THR G 172 -3.19 -23.05 -13.01
C THR G 172 -2.58 -22.77 -14.38
N PHE G 173 -2.93 -23.61 -15.35
CA PHE G 173 -2.27 -23.62 -16.65
C PHE G 173 -2.99 -22.73 -17.67
N PRO G 174 -2.22 -22.05 -18.54
CA PRO G 174 -2.79 -21.23 -19.60
C PRO G 174 -3.78 -21.99 -20.47
N ALA G 175 -4.90 -21.35 -20.80
CA ALA G 175 -5.91 -21.97 -21.65
C ALA G 175 -5.36 -22.25 -23.04
N VAL G 176 -5.89 -23.28 -23.69
CA VAL G 176 -5.51 -23.61 -25.06
C VAL G 176 -6.75 -23.93 -25.91
N LEU G 177 -6.75 -23.42 -27.13
CA LEU G 177 -7.94 -23.43 -27.98
C LEU G 177 -7.94 -24.63 -28.92
N GLN G 178 -9.12 -25.22 -29.09
CA GLN G 178 -9.36 -26.22 -30.12
C GLN G 178 -10.86 -26.35 -30.39
N SER G 179 -11.23 -26.46 -31.67
CA SER G 179 -12.62 -26.55 -32.11
C SER G 179 -13.49 -25.44 -31.49
N ASP G 180 -12.95 -24.22 -31.50
CA ASP G 180 -13.65 -23.02 -31.00
C ASP G 180 -14.10 -23.11 -29.53
N LEU G 181 -13.35 -23.85 -28.72
CA LEU G 181 -13.63 -23.96 -27.30
C LEU G 181 -12.33 -24.05 -26.50
N TYR G 182 -12.17 -23.15 -25.54
CA TYR G 182 -10.97 -23.09 -24.71
C TYR G 182 -10.96 -24.20 -23.66
N THR G 183 -9.75 -24.55 -23.20
CA THR G 183 -9.55 -25.61 -22.22
C THR G 183 -8.33 -25.31 -21.36
N LEU G 184 -8.47 -25.47 -20.04
CA LEU G 184 -7.34 -25.36 -19.12
C LEU G 184 -7.45 -26.32 -17.95
N SER G 185 -6.33 -26.50 -17.27
CA SER G 185 -6.24 -27.39 -16.11
C SER G 185 -5.55 -26.66 -14.96
N SER G 186 -5.91 -27.02 -13.73
CA SER G 186 -5.26 -26.50 -12.55
C SER G 186 -4.95 -27.63 -11.57
N SER G 187 -3.71 -27.64 -11.06
CA SER G 187 -3.27 -28.67 -10.14
C SER G 187 -2.91 -28.07 -8.78
N VAL G 188 -3.19 -28.81 -7.72
CA VAL G 188 -2.86 -28.39 -6.36
C VAL G 188 -2.13 -29.52 -5.64
N THR G 189 -1.02 -29.18 -4.98
CA THR G 189 -0.25 -30.14 -4.19
C THR G 189 -0.38 -29.81 -2.70
N VAL G 190 -0.76 -30.81 -1.91
CA VAL G 190 -0.94 -30.68 -0.47
C VAL G 190 -0.28 -31.85 0.24
N PRO G 191 -0.19 -31.77 1.58
CA PRO G 191 0.23 -32.95 2.34
C PRO G 191 -0.79 -34.08 2.29
N SER G 192 -0.32 -35.31 2.47
CA SER G 192 -1.18 -36.48 2.59
C SER G 192 -1.98 -36.44 3.89
N SER G 193 -1.46 -35.70 4.87
CA SER G 193 -2.15 -35.48 6.14
C SER G 193 -3.40 -34.63 5.96
N THR G 194 -3.38 -33.76 4.95
CA THR G 194 -4.51 -32.90 4.62
C THR G 194 -5.60 -33.68 3.90
N TRP G 195 -5.22 -34.39 2.84
CA TRP G 195 -6.17 -35.11 1.99
C TRP G 195 -5.83 -36.59 1.96
N PRO G 196 -6.85 -37.48 1.96
CA PRO G 196 -8.29 -37.24 1.82
C PRO G 196 -9.06 -36.93 3.10
N SER G 197 -8.37 -36.74 4.22
CA SER G 197 -9.03 -36.42 5.49
C SER G 197 -9.86 -35.13 5.38
N GLU G 198 -9.20 -34.00 5.16
CA GLU G 198 -9.90 -32.74 4.92
C GLU G 198 -10.35 -32.68 3.47
N THR G 199 -11.32 -31.81 3.18
CA THR G 199 -11.88 -31.69 1.84
C THR G 199 -11.13 -30.65 1.02
N VAL G 200 -11.10 -30.86 -0.29
CA VAL G 200 -10.44 -29.93 -1.21
C VAL G 200 -11.38 -29.61 -2.38
N THR G 201 -11.72 -28.33 -2.50
CA THR G 201 -12.63 -27.85 -3.53
C THR G 201 -11.86 -26.92 -4.47
N CYS G 202 -12.16 -26.99 -5.77
CA CYS G 202 -11.65 -26.00 -6.71
C CYS G 202 -12.82 -25.10 -7.14
N ASN G 203 -12.54 -23.81 -7.31
CA ASN G 203 -13.60 -22.82 -7.55
C ASN G 203 -13.40 -22.15 -8.91
N VAL G 204 -14.37 -22.38 -9.80
CA VAL G 204 -14.30 -21.87 -11.17
C VAL G 204 -15.27 -20.69 -11.32
N ALA G 205 -14.89 -19.70 -12.13
CA ALA G 205 -15.67 -18.48 -12.31
C ALA G 205 -15.52 -17.89 -13.71
N HIS G 206 -16.61 -17.88 -14.48
CA HIS G 206 -16.62 -17.34 -15.83
C HIS G 206 -17.40 -16.02 -15.87
N PRO G 207 -16.77 -14.94 -16.36
CA PRO G 207 -17.38 -13.61 -16.36
C PRO G 207 -18.36 -13.36 -17.51
N ALA G 208 -18.13 -14.01 -18.65
CA ALA G 208 -19.01 -13.87 -19.82
C ALA G 208 -20.41 -14.38 -19.53
N SER G 209 -20.50 -15.59 -18.98
CA SER G 209 -21.79 -16.22 -18.64
C SER G 209 -22.12 -16.15 -17.15
N SER G 210 -21.42 -15.28 -16.41
CA SER G 210 -21.73 -15.01 -15.00
C SER G 210 -21.80 -16.27 -14.14
N THR G 211 -21.06 -17.30 -14.50
CA THR G 211 -21.17 -18.62 -13.88
C THR G 211 -20.11 -18.83 -12.81
N LYS G 212 -20.46 -19.59 -11.77
CA LYS G 212 -19.54 -19.96 -10.70
C LYS G 212 -19.81 -21.38 -10.22
N VAL G 213 -18.76 -22.22 -10.23
CA VAL G 213 -18.89 -23.65 -9.89
C VAL G 213 -17.82 -24.07 -8.88
N ASP G 214 -18.21 -24.96 -7.96
CA ASP G 214 -17.31 -25.48 -6.93
C ASP G 214 -17.33 -27.01 -6.92
N LYS G 215 -16.19 -27.62 -7.27
CA LYS G 215 -16.09 -29.08 -7.38
C LYS G 215 -15.18 -29.66 -6.31
N LYS G 216 -15.73 -30.55 -5.48
CA LYS G 216 -14.95 -31.21 -4.44
C LYS G 216 -14.23 -32.43 -4.98
N ILE G 217 -12.96 -32.58 -4.59
CA ILE G 217 -12.14 -33.72 -5.01
C ILE G 217 -12.35 -34.89 -4.03
N VAL G 218 -13.07 -35.91 -4.46
CA VAL G 218 -13.28 -37.13 -3.67
C VAL G 218 -12.35 -38.23 -4.17
N PRO G 219 -11.75 -39.01 -3.24
CA PRO G 219 -10.83 -40.08 -3.63
C PRO G 219 -11.52 -41.27 -4.30
N ARG G 220 -10.85 -41.87 -5.28
CA ARG G 220 -11.37 -43.08 -5.92
C ARG G 220 -10.77 -44.31 -5.25
N ASP H 1 12.05 6.55 -39.95
CA ASP H 1 11.57 5.28 -39.33
C ASP H 1 12.74 4.49 -38.74
N ILE H 2 12.88 4.57 -37.41
CA ILE H 2 13.96 3.88 -36.70
C ILE H 2 13.53 2.48 -36.28
N GLN H 3 14.42 1.52 -36.47
CA GLN H 3 14.19 0.13 -36.06
C GLN H 3 14.94 -0.14 -34.76
N MET H 4 14.35 -0.99 -33.91
CA MET H 4 14.93 -1.30 -32.61
C MET H 4 15.31 -2.78 -32.50
N THR H 5 16.61 -3.06 -32.52
CA THR H 5 17.12 -4.41 -32.31
C THR H 5 17.47 -4.57 -30.82
N GLN H 6 16.84 -5.54 -30.16
CA GLN H 6 17.05 -5.73 -28.73
C GLN H 6 17.81 -7.02 -28.44
N SER H 7 18.90 -6.90 -27.69
CA SER H 7 19.79 -8.04 -27.39
C SER H 7 20.15 -8.12 -25.90
N PRO H 8 20.14 -9.35 -25.34
CA PRO H 8 19.76 -10.61 -25.97
C PRO H 8 18.25 -10.79 -25.99
N ALA H 9 17.77 -11.78 -26.75
CA ALA H 9 16.35 -12.10 -26.80
C ALA H 9 15.87 -12.74 -25.49
N SER H 10 16.65 -13.71 -25.01
CA SER H 10 16.37 -14.39 -23.74
C SER H 10 17.62 -14.38 -22.86
N LEU H 11 17.46 -14.59 -21.56
CA LEU H 11 18.59 -14.53 -20.62
C LEU H 11 18.29 -15.17 -19.27
N SER H 12 19.14 -16.11 -18.85
CA SER H 12 19.03 -16.73 -17.53
C SER H 12 20.18 -16.24 -16.66
N ALA H 13 19.87 -15.72 -15.47
CA ALA H 13 20.90 -15.18 -14.58
C ALA H 13 20.65 -15.55 -13.12
N SER H 14 21.74 -15.80 -12.39
CA SER H 14 21.65 -16.11 -10.98
C SER H 14 21.43 -14.84 -10.16
N VAL H 15 20.76 -15.01 -9.02
CA VAL H 15 20.55 -13.92 -8.08
C VAL H 15 21.90 -13.41 -7.60
N GLY H 16 22.04 -12.09 -7.50
CA GLY H 16 23.31 -11.47 -7.12
C GLY H 16 24.19 -11.09 -8.29
N GLU H 17 23.87 -11.56 -9.48
CA GLU H 17 24.64 -11.24 -10.68
C GLU H 17 24.26 -9.88 -11.27
N THR H 18 25.04 -9.43 -12.23
CA THR H 18 24.81 -8.18 -12.94
C THR H 18 24.52 -8.53 -14.40
N VAL H 19 23.29 -8.26 -14.84
CA VAL H 19 22.91 -8.52 -16.24
C VAL H 19 22.95 -7.22 -17.03
N THR H 20 23.21 -7.34 -18.33
CA THR H 20 23.18 -6.21 -19.23
C THR H 20 22.28 -6.51 -20.43
N ILE H 21 21.20 -5.75 -20.56
CA ILE H 21 20.29 -5.84 -21.70
C ILE H 21 20.55 -4.63 -22.59
N THR H 22 20.58 -4.85 -23.90
CA THR H 22 20.96 -3.80 -24.85
C THR H 22 19.91 -3.61 -25.96
N CYS H 23 19.78 -2.36 -26.41
CA CYS H 23 19.00 -2.02 -27.58
C CYS H 23 19.86 -1.18 -28.52
N ARG H 24 19.90 -1.57 -29.79
CA ARG H 24 20.59 -0.81 -30.81
C ARG H 24 19.55 -0.15 -31.70
N ALA H 25 19.86 1.05 -32.16
CA ALA H 25 18.98 1.80 -33.06
C ALA H 25 19.59 1.90 -34.45
N SER H 26 18.74 1.88 -35.48
CA SER H 26 19.19 2.03 -36.87
C SER H 26 19.58 3.47 -37.21
N GLY H 27 19.28 4.41 -36.31
CA GLY H 27 19.73 5.79 -36.44
C GLY H 27 19.94 6.43 -35.08
N ASN H 28 20.39 7.69 -35.08
CA ASN H 28 20.63 8.41 -33.84
C ASN H 28 19.30 8.87 -33.22
N ILE H 29 19.01 8.37 -32.02
CA ILE H 29 17.78 8.76 -31.29
C ILE H 29 18.03 9.74 -30.13
N HIS H 30 19.28 10.17 -29.94
CA HIS H 30 19.59 11.28 -29.02
C HIS H 30 19.01 11.09 -27.62
N ASN H 31 19.25 9.94 -27.01
CA ASN H 31 18.78 9.64 -25.64
C ASN H 31 17.25 9.56 -25.45
N TYR H 32 16.46 9.77 -26.50
CA TYR H 32 15.00 9.59 -26.40
C TYR H 32 14.69 8.10 -26.37
N LEU H 33 14.96 7.48 -25.22
CA LEU H 33 14.81 6.04 -25.06
C LEU H 33 14.41 5.69 -23.63
N SER H 34 13.47 4.76 -23.51
CA SER H 34 12.98 4.30 -22.22
C SER H 34 13.02 2.78 -22.11
N TRP H 35 13.04 2.30 -20.87
CA TRP H 35 13.07 0.88 -20.58
C TRP H 35 11.90 0.51 -19.71
N PHE H 36 11.16 -0.54 -20.10
CA PHE H 36 10.01 -1.02 -19.35
C PHE H 36 10.23 -2.44 -18.87
N GLN H 37 9.60 -2.80 -17.75
CA GLN H 37 9.51 -4.18 -17.29
C GLN H 37 8.06 -4.61 -17.35
N GLN H 38 7.80 -5.80 -17.88
CA GLN H 38 6.47 -6.38 -17.89
C GLN H 38 6.50 -7.73 -17.20
N LYS H 39 5.77 -7.86 -16.09
CA LYS H 39 5.67 -9.12 -15.34
C LYS H 39 4.50 -9.96 -15.85
N GLN H 40 4.40 -11.18 -15.33
CA GLN H 40 3.33 -12.12 -15.70
C GLN H 40 1.93 -11.52 -15.44
N GLY H 41 1.18 -11.30 -16.52
CA GLY H 41 -0.20 -10.81 -16.42
C GLY H 41 -0.35 -9.37 -15.96
N LYS H 42 0.69 -8.57 -16.13
CA LYS H 42 0.69 -7.17 -15.70
C LYS H 42 0.94 -6.24 -16.88
N SER H 43 0.49 -5.00 -16.74
CA SER H 43 0.83 -3.94 -17.69
C SER H 43 2.33 -3.63 -17.54
N PRO H 44 2.97 -3.11 -18.60
CA PRO H 44 4.36 -2.69 -18.46
C PRO H 44 4.56 -1.61 -17.39
N GLN H 45 5.77 -1.54 -16.85
CA GLN H 45 6.15 -0.53 -15.85
C GLN H 45 7.46 0.12 -16.25
N LEU H 46 7.49 1.45 -16.23
CA LEU H 46 8.69 2.19 -16.61
C LEU H 46 9.80 2.00 -15.58
N LEU H 47 11.03 1.77 -16.06
CA LEU H 47 12.23 1.67 -15.20
C LEU H 47 13.12 2.88 -15.41
N VAL H 48 13.46 3.16 -16.66
CA VAL H 48 14.37 4.23 -17.00
C VAL H 48 13.89 4.98 -18.23
N TYR H 49 14.04 6.30 -18.21
CA TYR H 49 13.76 7.13 -19.38
C TYR H 49 14.92 8.08 -19.66
N SER H 50 14.90 8.70 -20.83
CA SER H 50 15.92 9.63 -21.23
C SER H 50 17.26 8.91 -21.22
N ALA H 51 17.23 7.63 -21.52
CA ALA H 51 18.43 6.82 -21.56
C ALA H 51 19.03 6.48 -20.20
N LYS H 52 19.34 7.50 -19.41
CA LYS H 52 19.98 7.27 -18.12
C LYS H 52 19.24 7.67 -16.84
N THR H 53 18.10 8.33 -16.95
CA THR H 53 17.39 8.77 -15.77
C THR H 53 16.49 7.67 -15.20
N LEU H 54 16.52 7.54 -13.88
CA LEU H 54 15.82 6.49 -13.17
C LEU H 54 14.42 6.97 -12.82
N ALA H 55 13.41 6.14 -13.08
CA ALA H 55 12.02 6.56 -12.89
C ALA H 55 11.58 6.42 -11.43
N ASP H 56 10.45 7.02 -11.12
CA ASP H 56 9.90 7.09 -9.77
C ASP H 56 9.74 5.72 -9.13
N GLY H 57 10.25 5.57 -7.91
CA GLY H 57 10.09 4.35 -7.12
C GLY H 57 10.80 3.12 -7.67
N VAL H 58 11.75 3.32 -8.57
CA VAL H 58 12.51 2.22 -9.15
C VAL H 58 13.77 2.02 -8.30
N PRO H 59 14.03 0.77 -7.87
CA PRO H 59 15.25 0.51 -7.09
C PRO H 59 16.51 1.01 -7.79
N SER H 60 17.47 1.52 -7.02
CA SER H 60 18.68 2.13 -7.59
C SER H 60 19.67 1.11 -8.20
N ARG H 61 19.44 -0.18 -7.98
CA ARG H 61 20.26 -1.22 -8.63
C ARG H 61 20.13 -1.22 -10.15
N PHE H 62 18.99 -0.74 -10.64
CA PHE H 62 18.79 -0.48 -12.06
C PHE H 62 19.52 0.78 -12.48
N SER H 63 20.26 0.73 -13.58
CA SER H 63 20.79 1.94 -14.19
C SER H 63 20.88 1.74 -15.69
N GLY H 64 20.70 2.83 -16.44
CA GLY H 64 20.73 2.78 -17.88
C GLY H 64 21.80 3.70 -18.43
N SER H 65 22.38 3.31 -19.57
CA SER H 65 23.43 4.10 -20.20
C SER H 65 23.34 4.01 -21.73
N GLY H 66 24.15 4.80 -22.41
CA GLY H 66 24.22 4.79 -23.86
C GLY H 66 24.21 6.17 -24.45
N SER H 67 24.36 6.23 -25.78
CA SER H 67 24.32 7.48 -26.54
C SER H 67 24.17 7.15 -28.01
N GLY H 68 23.71 8.13 -28.79
CA GLY H 68 23.52 7.95 -30.22
C GLY H 68 22.63 6.76 -30.52
N THR H 69 23.25 5.67 -31.00
CA THR H 69 22.50 4.50 -31.45
C THR H 69 22.47 3.34 -30.44
N GLN H 70 23.47 3.25 -29.57
CA GLN H 70 23.60 2.11 -28.64
C GLN H 70 23.19 2.48 -27.22
N TYR H 71 22.38 1.62 -26.60
CA TYR H 71 21.91 1.83 -25.23
C TYR H 71 21.85 0.52 -24.45
N SER H 72 22.04 0.62 -23.13
CA SER H 72 22.12 -0.56 -22.26
C SER H 72 21.42 -0.37 -20.92
N LEU H 73 20.80 -1.44 -20.44
CA LEU H 73 20.17 -1.45 -19.13
C LEU H 73 20.90 -2.43 -18.22
N LYS H 74 21.37 -1.94 -17.09
CA LYS H 74 22.09 -2.77 -16.12
C LYS H 74 21.24 -3.04 -14.89
N ILE H 75 21.30 -4.28 -14.40
CA ILE H 75 20.67 -4.64 -13.12
C ILE H 75 21.76 -5.17 -12.20
N ASN H 76 22.54 -4.30 -11.58
CA ASN H 76 23.58 -4.79 -10.70
C ASN H 76 22.94 -5.55 -9.55
N SER H 77 23.49 -6.69 -9.17
CA SER H 77 22.92 -7.45 -8.08
C SER H 77 21.44 -7.82 -8.28
N LEU H 78 21.15 -8.62 -9.30
CA LEU H 78 19.79 -9.02 -9.60
C LEU H 78 19.08 -9.72 -8.44
N GLN H 79 17.81 -9.38 -8.26
CA GLN H 79 16.96 -9.91 -7.19
C GLN H 79 15.82 -10.72 -7.79
N PRO H 80 15.12 -11.52 -6.96
CA PRO H 80 14.03 -12.39 -7.41
C PRO H 80 12.87 -11.71 -8.13
N GLU H 81 12.53 -10.48 -7.73
CA GLU H 81 11.41 -9.74 -8.32
C GLU H 81 11.74 -9.04 -9.65
N ASP H 82 12.94 -9.29 -10.18
CA ASP H 82 13.39 -8.67 -11.43
C ASP H 82 13.12 -9.54 -12.66
N PHE H 83 12.44 -10.67 -12.48
CA PHE H 83 12.11 -11.54 -13.60
C PHE H 83 11.07 -10.84 -14.46
N GLY H 84 10.89 -11.33 -15.67
CA GLY H 84 9.89 -10.80 -16.61
C GLY H 84 10.52 -10.44 -17.93
N THR H 85 9.74 -9.78 -18.78
CA THR H 85 10.22 -9.36 -20.11
C THR H 85 10.50 -7.87 -20.11
N TYR H 86 11.68 -7.49 -20.58
CA TYR H 86 12.09 -6.11 -20.64
C TYR H 86 12.01 -5.60 -22.07
N TYR H 87 11.41 -4.43 -22.26
CA TYR H 87 11.37 -3.78 -23.57
C TYR H 87 12.02 -2.41 -23.50
N CYS H 88 12.63 -2.00 -24.61
CA CYS H 88 13.00 -0.62 -24.80
C CYS H 88 12.07 0.01 -25.83
N GLN H 89 11.93 1.34 -25.75
CA GLN H 89 11.15 2.08 -26.72
C GLN H 89 11.82 3.42 -26.98
N HIS H 90 11.94 3.80 -28.25
CA HIS H 90 12.47 5.11 -28.63
C HIS H 90 11.33 6.09 -28.87
N PHE H 91 11.64 7.39 -28.78
CA PHE H 91 10.68 8.44 -29.04
C PHE H 91 11.28 9.52 -29.93
N TRP H 92 12.16 9.11 -30.83
CA TRP H 92 12.84 10.06 -31.68
C TRP H 92 12.03 10.46 -32.92
N SER H 93 11.73 9.50 -33.79
CA SER H 93 11.04 9.80 -35.05
C SER H 93 9.55 10.00 -34.81
N SER H 94 8.74 9.91 -35.85
CA SER H 94 7.29 10.01 -35.70
C SER H 94 6.67 8.75 -35.09
N ILE H 95 7.24 7.58 -35.39
CA ILE H 95 6.75 6.32 -34.83
C ILE H 95 7.64 5.88 -33.67
N TYR H 96 7.01 5.53 -32.56
CA TYR H 96 7.72 5.17 -31.33
C TYR H 96 7.80 3.66 -31.15
N THR H 97 8.65 3.04 -31.97
CA THR H 97 8.80 1.59 -32.04
C THR H 97 9.36 0.98 -30.74
N PHE H 98 8.91 -0.24 -30.43
CA PHE H 98 9.47 -1.03 -29.33
C PHE H 98 10.55 -1.98 -29.84
N GLY H 99 11.49 -2.34 -28.96
CA GLY H 99 12.39 -3.46 -29.24
C GLY H 99 11.60 -4.75 -29.13
N GLY H 100 12.16 -5.85 -29.63
CA GLY H 100 11.50 -7.16 -29.60
C GLY H 100 11.32 -7.73 -28.21
N GLY H 101 12.12 -7.26 -27.26
CA GLY H 101 12.02 -7.69 -25.87
C GLY H 101 13.17 -8.56 -25.42
N THR H 102 13.36 -8.65 -24.11
CA THR H 102 14.35 -9.53 -23.51
C THR H 102 13.70 -10.27 -22.35
N LYS H 103 13.28 -11.50 -22.60
CA LYS H 103 12.68 -12.33 -21.55
C LYS H 103 13.75 -12.74 -20.53
N LEU H 104 13.74 -12.08 -19.36
CA LEU H 104 14.70 -12.37 -18.30
C LEU H 104 14.17 -13.42 -17.37
N GLU H 105 14.90 -14.52 -17.24
CA GLU H 105 14.50 -15.63 -16.37
C GLU H 105 15.59 -16.00 -15.37
N ILE H 106 15.17 -16.63 -14.28
CA ILE H 106 16.02 -16.89 -13.13
C ILE H 106 16.80 -18.19 -13.32
N LYS H 107 18.10 -18.12 -13.10
CA LYS H 107 18.94 -19.31 -13.14
C LYS H 107 18.79 -20.10 -11.85
N ARG H 108 18.78 -21.44 -11.96
CA ARG H 108 18.82 -22.31 -10.78
C ARG H 108 19.41 -23.67 -11.10
N ALA H 109 19.53 -24.51 -10.06
CA ALA H 109 19.97 -25.88 -10.24
C ALA H 109 18.89 -26.68 -10.96
N ASP H 110 19.31 -27.72 -11.67
CA ASP H 110 18.38 -28.54 -12.46
C ASP H 110 17.37 -29.25 -11.55
N ALA H 111 16.16 -29.42 -12.06
CA ALA H 111 15.08 -30.05 -11.30
C ALA H 111 14.32 -31.05 -12.15
N ALA H 112 14.23 -32.28 -11.66
CA ALA H 112 13.43 -33.32 -12.31
C ALA H 112 11.94 -33.01 -12.13
N PRO H 113 11.13 -33.37 -13.14
CA PRO H 113 9.70 -33.07 -13.09
C PRO H 113 8.90 -34.05 -12.24
N THR H 114 7.94 -33.52 -11.47
CA THR H 114 7.03 -34.35 -10.68
C THR H 114 5.82 -34.74 -11.53
N VAL H 115 5.80 -35.99 -11.97
CA VAL H 115 4.78 -36.48 -12.90
C VAL H 115 3.58 -37.06 -12.14
N SER H 116 2.40 -36.51 -12.43
CA SER H 116 1.15 -37.01 -11.86
C SER H 116 0.21 -37.35 -13.02
N ILE H 117 -0.30 -38.57 -13.04
CA ILE H 117 -1.26 -38.99 -14.07
C ILE H 117 -2.65 -39.11 -13.46
N PHE H 118 -3.66 -38.72 -14.23
CA PHE H 118 -5.04 -38.74 -13.77
C PHE H 118 -5.97 -39.30 -14.84
N PRO H 119 -6.85 -40.22 -14.44
CA PRO H 119 -7.81 -40.77 -15.38
C PRO H 119 -8.99 -39.82 -15.59
N PRO H 120 -9.85 -40.12 -16.58
CA PRO H 120 -11.05 -39.32 -16.81
C PRO H 120 -12.07 -39.52 -15.69
N SER H 121 -12.77 -38.46 -15.32
CA SER H 121 -13.75 -38.52 -14.24
C SER H 121 -15.05 -39.17 -14.70
N SER H 122 -15.76 -39.79 -13.75
CA SER H 122 -17.07 -40.39 -14.02
C SER H 122 -18.05 -39.36 -14.54
N GLU H 123 -17.92 -38.13 -14.04
CA GLU H 123 -18.73 -37.02 -14.51
C GLU H 123 -18.47 -36.75 -15.99
N GLN H 124 -17.21 -36.90 -16.42
CA GLN H 124 -16.87 -36.71 -17.83
C GLN H 124 -17.37 -37.87 -18.70
N LEU H 125 -17.25 -39.10 -18.20
CA LEU H 125 -17.71 -40.26 -18.95
C LEU H 125 -19.23 -40.28 -19.15
N THR H 126 -19.96 -39.75 -18.16
CA THR H 126 -21.42 -39.66 -18.24
C THR H 126 -21.87 -38.62 -19.27
N SER H 127 -21.08 -37.54 -19.42
CA SER H 127 -21.39 -36.51 -20.40
C SER H 127 -20.76 -36.80 -21.77
N GLY H 128 -20.23 -38.02 -21.95
CA GLY H 128 -19.54 -38.39 -23.17
C GLY H 128 -18.14 -37.81 -23.21
N GLY H 129 -17.23 -38.50 -23.90
CA GLY H 129 -15.84 -38.07 -23.97
C GLY H 129 -15.05 -38.43 -22.72
N ALA H 130 -13.72 -38.50 -22.89
CA ALA H 130 -12.83 -38.92 -21.81
C ALA H 130 -11.41 -38.41 -22.05
N SER H 131 -10.86 -37.66 -21.09
CA SER H 131 -9.52 -37.10 -21.23
C SER H 131 -8.61 -37.54 -20.10
N VAL H 132 -7.38 -37.91 -20.46
CA VAL H 132 -6.36 -38.29 -19.50
C VAL H 132 -5.38 -37.13 -19.37
N VAL H 133 -5.38 -36.47 -18.21
CA VAL H 133 -4.52 -35.34 -17.96
C VAL H 133 -3.25 -35.81 -17.26
N CYS H 134 -2.14 -35.13 -17.53
CA CYS H 134 -0.86 -35.45 -16.93
C CYS H 134 -0.08 -34.18 -16.58
N PHE H 135 0.07 -33.92 -15.28
CA PHE H 135 0.83 -32.76 -14.80
C PHE H 135 2.29 -33.13 -14.55
N LEU H 136 3.17 -32.47 -15.29
CA LEU H 136 4.61 -32.53 -15.05
C LEU H 136 4.98 -31.20 -14.39
N ASN H 137 5.22 -31.22 -13.08
CA ASN H 137 5.34 -29.98 -12.31
C ASN H 137 6.72 -29.74 -11.71
N ASN H 138 7.09 -28.46 -11.65
CA ASN H 138 8.30 -28.00 -10.96
C ASN H 138 9.62 -28.63 -11.45
N PHE H 139 10.06 -28.22 -12.64
CA PHE H 139 11.30 -28.70 -13.24
C PHE H 139 12.12 -27.57 -13.88
N TYR H 140 13.40 -27.82 -14.05
CA TYR H 140 14.32 -26.84 -14.63
C TYR H 140 15.44 -27.60 -15.35
N PRO H 141 15.83 -27.14 -16.56
CA PRO H 141 15.32 -26.00 -17.32
C PRO H 141 13.96 -26.27 -17.97
N LYS H 142 13.44 -25.26 -18.65
CA LYS H 142 12.09 -25.30 -19.22
C LYS H 142 11.83 -26.37 -20.28
N ASP H 143 12.87 -26.77 -21.01
CA ASP H 143 12.74 -27.75 -22.11
C ASP H 143 12.26 -29.11 -21.60
N ILE H 144 11.18 -29.62 -22.17
CA ILE H 144 10.61 -30.91 -21.75
C ILE H 144 9.72 -31.56 -22.80
N ASN H 145 9.73 -32.90 -22.84
CA ASN H 145 9.02 -33.68 -23.83
C ASN H 145 7.93 -34.57 -23.22
N VAL H 146 6.68 -34.37 -23.64
CA VAL H 146 5.61 -35.31 -23.33
C VAL H 146 5.45 -36.32 -24.45
N LYS H 147 4.89 -37.47 -24.12
CA LYS H 147 4.76 -38.58 -25.07
C LYS H 147 3.74 -39.58 -24.53
N TRP H 148 2.63 -39.73 -25.26
CA TRP H 148 1.54 -40.62 -24.83
C TRP H 148 1.65 -42.00 -25.46
N LYS H 149 1.50 -43.04 -24.63
CA LYS H 149 1.53 -44.44 -25.07
C LYS H 149 0.28 -45.18 -24.59
N ILE H 150 -0.60 -45.50 -25.53
CA ILE H 150 -1.82 -46.26 -25.23
C ILE H 150 -1.62 -47.73 -25.62
N ASP H 151 -1.44 -48.58 -24.61
CA ASP H 151 -1.11 -49.99 -24.79
C ASP H 151 0.19 -50.17 -25.60
N GLY H 152 1.23 -49.46 -25.17
CA GLY H 152 2.55 -49.54 -25.80
C GLY H 152 2.69 -48.85 -27.13
N SER H 153 1.59 -48.28 -27.64
CA SER H 153 1.56 -47.66 -28.96
C SER H 153 1.42 -46.14 -28.79
N GLU H 154 2.27 -45.38 -29.49
CA GLU H 154 2.30 -43.93 -29.36
C GLU H 154 1.09 -43.26 -30.02
N ARG H 155 0.54 -42.23 -29.37
CA ARG H 155 -0.63 -41.50 -29.87
C ARG H 155 -0.33 -40.00 -30.01
N GLN H 156 -0.61 -39.46 -31.20
CA GLN H 156 -0.36 -38.05 -31.51
C GLN H 156 -1.62 -37.20 -31.47
N ASN H 157 -2.75 -37.77 -31.93
CA ASN H 157 -4.02 -37.05 -32.01
C ASN H 157 -4.65 -36.81 -30.64
N GLY H 158 -5.22 -35.62 -30.46
CA GLY H 158 -5.94 -35.26 -29.22
C GLY H 158 -5.07 -34.80 -28.07
N VAL H 159 -3.83 -34.43 -28.36
CA VAL H 159 -2.87 -33.98 -27.34
C VAL H 159 -2.86 -32.46 -27.23
N LEU H 160 -3.06 -31.94 -26.02
CA LEU H 160 -2.97 -30.51 -25.76
C LEU H 160 -1.91 -30.24 -24.69
N ASN H 161 -1.05 -29.25 -24.94
CA ASN H 161 0.03 -28.90 -24.01
C ASN H 161 0.04 -27.41 -23.64
N SER H 162 0.11 -27.14 -22.34
CA SER H 162 0.20 -25.77 -21.83
C SER H 162 1.33 -25.70 -20.79
N TRP H 163 2.07 -24.61 -20.80
CA TRP H 163 3.23 -24.44 -19.92
C TRP H 163 3.08 -23.21 -19.05
N THR H 164 3.24 -23.37 -17.74
CA THR H 164 3.29 -22.21 -16.84
C THR H 164 4.59 -21.46 -17.05
N ASP H 165 4.60 -20.20 -16.63
CA ASP H 165 5.81 -19.39 -16.67
C ASP H 165 6.59 -19.66 -15.41
N GLN H 166 7.86 -19.27 -15.39
CA GLN H 166 8.72 -19.50 -14.24
C GLN H 166 8.00 -19.17 -12.92
N ASP H 167 7.99 -20.14 -12.01
CA ASP H 167 7.37 -19.99 -10.70
C ASP H 167 8.07 -18.90 -9.89
N SER H 168 7.29 -18.14 -9.11
CA SER H 168 7.83 -17.02 -8.35
C SER H 168 8.58 -17.46 -7.10
N LYS H 169 8.16 -18.59 -6.52
CA LYS H 169 8.76 -19.09 -5.30
C LYS H 169 10.10 -19.79 -5.54
N ASP H 170 10.07 -20.89 -6.30
CA ASP H 170 11.23 -21.77 -6.46
C ASP H 170 11.95 -21.67 -7.81
N SER H 171 11.43 -20.82 -8.70
CA SER H 171 12.00 -20.59 -10.04
C SER H 171 11.92 -21.79 -10.99
N THR H 172 10.99 -22.72 -10.71
CA THR H 172 10.79 -23.88 -11.56
C THR H 172 9.65 -23.64 -12.55
N TYR H 173 9.55 -24.51 -13.55
CA TYR H 173 8.47 -24.49 -14.53
C TYR H 173 7.59 -25.73 -14.37
N SER H 174 6.35 -25.64 -14.86
CA SER H 174 5.45 -26.78 -14.84
C SER H 174 4.76 -26.93 -16.19
N MET H 175 4.16 -28.09 -16.42
CA MET H 175 3.56 -28.42 -17.70
C MET H 175 2.33 -29.31 -17.55
N SER H 176 1.28 -28.98 -18.28
CA SER H 176 0.07 -29.80 -18.33
C SER H 176 -0.03 -30.44 -19.71
N SER H 177 -0.21 -31.75 -19.73
CA SER H 177 -0.47 -32.48 -20.98
C SER H 177 -1.81 -33.19 -20.87
N THR H 178 -2.60 -33.15 -21.94
CA THR H 178 -3.95 -33.70 -21.93
C THR H 178 -4.24 -34.50 -23.19
N LEU H 179 -4.55 -35.78 -23.00
CA LEU H 179 -4.96 -36.68 -24.08
C LEU H 179 -6.46 -36.88 -24.01
N THR H 180 -7.20 -36.20 -24.89
CA THR H 180 -8.66 -36.27 -24.92
C THR H 180 -9.16 -37.23 -26.00
N LEU H 181 -9.95 -38.22 -25.58
CA LEU H 181 -10.52 -39.22 -26.48
C LEU H 181 -12.05 -39.24 -26.36
N THR H 182 -12.70 -40.08 -27.15
CA THR H 182 -14.12 -40.38 -26.97
C THR H 182 -14.24 -41.46 -25.89
N LYS H 183 -15.41 -41.51 -25.25
CA LYS H 183 -15.68 -42.52 -24.21
C LYS H 183 -15.52 -43.93 -24.77
N ASP H 184 -15.98 -44.12 -26.01
CA ASP H 184 -15.93 -45.41 -26.67
C ASP H 184 -14.48 -45.90 -26.75
N GLU H 185 -13.61 -45.07 -27.29
CA GLU H 185 -12.21 -45.42 -27.52
C GLU H 185 -11.38 -45.53 -26.23
N TYR H 186 -11.82 -44.85 -25.17
CA TYR H 186 -11.16 -44.96 -23.86
C TYR H 186 -11.35 -46.36 -23.25
N GLU H 187 -12.55 -46.91 -23.40
CA GLU H 187 -12.88 -48.22 -22.83
C GLU H 187 -12.29 -49.38 -23.64
N ARG H 188 -11.84 -49.11 -24.86
CA ARG H 188 -11.24 -50.14 -25.71
C ARG H 188 -9.76 -50.41 -25.42
N HIS H 189 -9.14 -49.56 -24.59
CA HIS H 189 -7.74 -49.73 -24.20
C HIS H 189 -7.61 -49.74 -22.68
N ASN H 190 -6.48 -50.23 -22.18
CA ASN H 190 -6.26 -50.39 -20.73
C ASN H 190 -5.05 -49.61 -20.18
N SER H 191 -3.92 -49.67 -20.87
CA SER H 191 -2.67 -49.09 -20.37
C SER H 191 -2.42 -47.68 -20.93
N TYR H 192 -2.78 -46.66 -20.15
CA TYR H 192 -2.50 -45.27 -20.52
C TYR H 192 -1.25 -44.80 -19.79
N THR H 193 -0.26 -44.34 -20.56
CA THR H 193 1.08 -44.04 -20.04
C THR H 193 1.53 -42.61 -20.37
N CYS H 194 2.24 -42.00 -19.42
CA CYS H 194 2.76 -40.65 -19.55
C CYS H 194 4.29 -40.68 -19.49
N GLU H 195 4.93 -40.20 -20.55
CA GLU H 195 6.40 -40.27 -20.67
C GLU H 195 7.00 -38.88 -20.70
N ALA H 196 7.82 -38.59 -19.70
CA ALA H 196 8.46 -37.27 -19.58
C ALA H 196 9.97 -37.37 -19.76
N THR H 197 10.46 -36.82 -20.87
CA THR H 197 11.90 -36.76 -21.14
C THR H 197 12.43 -35.40 -20.71
N HIS H 198 13.47 -35.42 -19.88
CA HIS H 198 14.10 -34.20 -19.39
C HIS H 198 15.61 -34.35 -19.52
N LYS H 199 16.35 -33.24 -19.54
CA LYS H 199 17.81 -33.31 -19.64
C LYS H 199 18.43 -33.98 -18.40
N THR H 200 17.76 -33.87 -17.26
CA THR H 200 18.15 -34.57 -16.03
C THR H 200 17.75 -36.04 -16.15
N SER H 201 16.49 -36.26 -16.46
CA SER H 201 15.93 -37.60 -16.65
C SER H 201 16.44 -38.20 -17.96
N THR H 202 17.68 -38.69 -17.93
CA THR H 202 18.29 -39.35 -19.09
C THR H 202 17.44 -40.51 -19.63
N SER H 203 16.82 -41.26 -18.71
CA SER H 203 15.83 -42.29 -19.07
C SER H 203 14.43 -41.75 -18.75
N PRO H 204 13.48 -41.89 -19.69
CA PRO H 204 12.18 -41.21 -19.57
C PRO H 204 11.39 -41.64 -18.35
N ILE H 205 10.79 -40.65 -17.66
CA ILE H 205 9.97 -40.91 -16.48
C ILE H 205 8.59 -41.42 -16.90
N VAL H 206 8.26 -42.63 -16.46
CA VAL H 206 7.02 -43.31 -16.86
C VAL H 206 5.96 -43.15 -15.77
N LYS H 207 4.72 -42.94 -16.19
CA LYS H 207 3.59 -42.87 -15.26
C LYS H 207 2.33 -43.39 -15.95
N SER H 208 1.66 -44.35 -15.31
CA SER H 208 0.50 -45.03 -15.91
C SER H 208 -0.53 -45.46 -14.88
N PHE H 209 -1.61 -46.09 -15.36
CA PHE H 209 -2.66 -46.61 -14.47
C PHE H 209 -3.49 -47.68 -15.18
N ASN H 210 -4.19 -48.49 -14.37
CA ASN H 210 -5.11 -49.51 -14.88
C ASN H 210 -6.48 -48.91 -15.25
N1 41M I . -24.18 19.05 -3.32
C2 41M I . -24.03 18.62 -2.02
N3 41M I . -23.30 19.56 -1.32
C4 41M I . -23.55 20.36 -3.53
C5 41M I . -22.91 20.68 -2.18
C6 41M I . -21.38 20.71 -2.32
S7 41M I . -20.93 19.92 -3.88
C8 41M I . -22.51 20.37 -4.65
C9 41M I . -22.91 19.45 -5.81
C10 41M I . -21.82 19.44 -6.88
C11 41M I . -22.09 20.55 -7.90
C12 41M I . -21.18 20.36 -9.11
C13 41M I . -20.65 21.70 -9.55
N14 41M I . -19.31 21.94 -9.44
C15 41M I . -18.74 23.23 -9.86
C16 41M I . -18.62 24.15 -8.65
C17 41M I . -17.37 25.02 -8.77
C18 41M I . -16.89 25.44 -7.37
C19 41M I . -16.09 26.75 -7.43
C20 41M I . -17.00 27.92 -7.31
N21 41M I . -16.93 28.89 -8.28
O22 41M I . -24.47 17.54 -1.54
O23 41M I . -21.38 22.58 -9.99
N24 41M I . -15.06 26.76 -6.33
O25 41M I . -17.80 28.04 -6.37
N1 41M J . 2.27 16.39 5.40
C2 41M J . 2.51 15.18 6.02
N3 41M J . 1.74 14.19 5.45
C4 41M J . 1.27 16.23 4.31
C5 41M J . 0.91 14.73 4.37
C6 41M J . -0.53 14.55 4.84
S7 41M J . -0.99 16.10 5.66
C8 41M J . 0.01 17.06 4.53
C9 41M J . 0.27 18.47 5.05
C10 41M J . -0.55 19.42 4.18
C11 41M J . -0.72 20.79 4.83
C12 41M J . -2.16 21.30 4.70
C13 41M J . -2.58 21.50 3.27
N14 41M J . -3.82 21.00 2.92
C15 41M J . -4.34 21.13 1.54
C16 41M J . -5.67 20.39 1.37
C17 41M J . -5.45 18.89 1.46
C18 41M J . -5.45 18.25 0.07
C19 41M J . -6.73 17.43 -0.17
C20 41M J . -7.58 18.11 -1.20
N21 41M J . -8.62 18.89 -0.73
O22 41M J . 3.30 14.98 6.96
O23 41M J . -1.88 22.07 2.42
N24 41M J . -6.39 16.02 -0.58
O25 41M J . -7.37 18.01 -2.42
N1 41M K . 8.06 -30.53 7.58
C2 41M K . 6.74 -30.64 7.97
N3 41M K . 5.97 -31.10 6.91
C4 41M K . 8.22 -30.95 6.17
C5 41M K . 6.81 -31.29 5.71
C6 41M K . 6.33 -30.30 4.66
S7 41M K . 7.41 -28.84 4.75
C8 41M K . 8.81 -29.83 5.30
C9 41M K . 9.83 -28.98 6.05
C10 41M K . 9.86 -27.57 5.44
C11 41M K . 10.49 -27.59 4.05
C12 41M K . 11.53 -26.48 3.95
C13 41M K . 12.47 -26.75 2.80
N14 41M K . 11.90 -26.99 1.57
C15 41M K . 12.74 -27.26 0.40
C16 41M K . 11.87 -27.55 -0.84
C17 41M K . 11.87 -29.04 -1.18
C18 41M K . 10.44 -29.55 -1.41
C19 41M K . 10.28 -30.09 -2.83
C20 41M K . 11.61 -30.24 -3.51
N21 41M K . 12.32 -29.08 -3.76
O22 41M K . 6.29 -30.38 9.11
O23 41M K . 13.70 -26.76 2.92
N24 41M K . 9.54 -31.41 -2.81
O25 41M K . 12.07 -31.32 -3.86
S SO4 L . -8.39 15.53 -14.71
O1 SO4 L . -7.90 16.61 -15.60
O2 SO4 L . -7.51 15.36 -13.54
O3 SO4 L . -9.73 15.88 -14.19
O4 SO4 L . -8.39 14.27 -15.46
N1 41M M . 10.58 9.38 -22.48
C2 41M M . 11.95 9.25 -22.62
N3 41M M . 12.55 10.47 -22.44
C4 41M M . 10.20 10.77 -22.19
C5 41M M . 11.54 11.51 -22.18
C6 41M M . 11.57 12.55 -23.31
S7 41M M . 10.37 11.98 -24.54
C8 41M M . 9.28 11.37 -23.25
C9 41M M . 8.23 10.43 -23.85
C10 41M M . 7.36 11.24 -24.84
C11 41M M . 6.07 10.48 -25.18
C12 41M M . 5.34 11.11 -26.38
C13 41M M . 4.56 12.31 -25.94
N14 41M M . 4.85 13.50 -26.55
C15 41M M . 4.13 14.71 -26.16
C16 41M M . 5.11 15.88 -26.11
C17 41M M . 4.97 16.62 -24.77
C18 41M M . 4.32 17.99 -24.99
C19 41M M . 4.54 18.85 -23.74
C20 41M M . 5.93 19.40 -23.77
N21 41M M . 6.28 20.11 -24.90
O22 41M M . 12.54 8.19 -22.86
O23 41M M . 3.67 12.29 -25.08
N24 41M M . 3.54 19.97 -23.64
O25 41M M . 6.74 19.24 -22.85
#